data_3EGC
#
_entry.id   3EGC
#
_cell.length_a   50.712
_cell.length_b   288.651
_cell.length_c   63.355
_cell.angle_alpha   90.000
_cell.angle_beta   113.590
_cell.angle_gamma   90.000
#
_symmetry.space_group_name_H-M   'P 1 21 1'
#
loop_
_entity.id
_entity.type
_entity.pdbx_description
1 polymer 'putative ribose operon repressor'
2 water water
#
_entity_poly.entity_id   1
_entity_poly.type   'polypeptide(L)'
_entity_poly.pdbx_seq_one_letter_code
;MSLRSKRSNVVGLIVSDIENVFFAEVASGVESEARHKGYSVLLANTAEDIVREREAVGQFFERRVDGLILAPSEGEHDYL
RTELPKTFPIVAVNRELRIPGCGAVLSENVRGARTAVEYLIARGHTRIGAIVGSAGLMTSRERLKGFRAAMSAAGLPVRQ
EWIAAGGVRADNGRDGAIKVLTGADRPTALLTSSHRITEGAMQALNVLGLRYGPDVEIVSFDNLPWMAFLDPPLPVVEQP
TRRIGQEAMRMLIHMIEGTGNATEMRLQTRFVTHVGQDLSVEAEGHHHHHH
;
_entity_poly.pdbx_strand_id   A,B,C,D,E,F
#
# COMPACT_ATOMS: atom_id res chain seq x y z
N ARG A 7 22.06 -5.18 -13.58
CA ARG A 7 22.70 -5.14 -14.91
C ARG A 7 21.74 -5.57 -16.02
N SER A 8 20.76 -6.42 -15.71
CA SER A 8 19.69 -6.66 -16.69
C SER A 8 18.56 -5.59 -16.69
N ASN A 9 18.39 -4.87 -15.60
CA ASN A 9 17.28 -3.89 -15.49
C ASN A 9 15.88 -4.49 -15.53
N VAL A 10 15.76 -5.71 -14.99
CA VAL A 10 14.49 -6.41 -14.90
C VAL A 10 14.37 -6.84 -13.46
N VAL A 11 13.21 -6.61 -12.89
CA VAL A 11 13.02 -7.03 -11.52
C VAL A 11 11.79 -7.94 -11.54
N GLY A 12 11.72 -8.88 -10.62
CA GLY A 12 10.60 -9.83 -10.56
C GLY A 12 9.61 -9.36 -9.51
N LEU A 13 8.32 -9.23 -9.86
CA LEU A 13 7.30 -8.91 -8.87
C LEU A 13 6.38 -10.12 -8.73
N ILE A 14 6.35 -10.65 -7.55
CA ILE A 14 5.58 -11.86 -7.30
C ILE A 14 4.58 -11.50 -6.26
N VAL A 15 3.32 -11.66 -6.57
CA VAL A 15 2.27 -11.19 -5.73
C VAL A 15 1.34 -12.35 -5.36
N SER A 16 0.90 -12.40 -4.09
CA SER A 16 0.04 -13.46 -3.65
C SER A 16 -1.42 -13.40 -4.20
N ASP A 17 -1.91 -12.19 -4.54
CA ASP A 17 -3.21 -12.11 -5.16
C ASP A 17 -3.50 -10.82 -5.94
N ILE A 18 -3.09 -10.79 -7.21
CA ILE A 18 -3.22 -9.55 -8.00
C ILE A 18 -4.72 -9.04 -8.13
N GLU A 19 -5.69 -9.96 -7.99
CA GLU A 19 -7.13 -9.62 -8.14
C GLU A 19 -7.64 -8.84 -6.92
N ASN A 20 -6.88 -8.89 -5.82
CA ASN A 20 -7.17 -8.15 -4.61
C ASN A 20 -6.53 -6.76 -4.84
N VAL A 21 -7.37 -5.78 -4.65
CA VAL A 21 -7.10 -4.43 -4.97
C VAL A 21 -5.89 -3.92 -4.17
N PHE A 22 -5.67 -4.48 -2.99
CA PHE A 22 -4.52 -4.14 -2.22
C PHE A 22 -3.22 -4.31 -3.03
N PHE A 23 -3.03 -5.53 -3.53
CA PHE A 23 -1.87 -5.95 -4.31
C PHE A 23 -1.74 -5.28 -5.70
N ALA A 24 -2.85 -5.03 -6.36
CA ALA A 24 -2.89 -4.24 -7.57
C ALA A 24 -2.35 -2.80 -7.38
N GLU A 25 -2.75 -2.18 -6.28
CA GLU A 25 -2.24 -0.83 -5.97
C GLU A 25 -0.73 -0.87 -5.53
N VAL A 26 -0.29 -1.93 -4.84
CA VAL A 26 1.15 -2.08 -4.53
C VAL A 26 1.98 -2.28 -5.83
N ALA A 27 1.42 -3.10 -6.75
CA ALA A 27 2.05 -3.37 -8.02
C ALA A 27 2.21 -2.07 -8.84
N SER A 28 1.15 -1.26 -8.82
CA SER A 28 1.13 0.09 -9.45
C SER A 28 2.32 0.96 -8.91
N GLY A 29 2.47 1.03 -7.60
CA GLY A 29 3.60 1.77 -6.98
C GLY A 29 4.98 1.22 -7.38
N VAL A 30 5.09 -0.12 -7.38
CA VAL A 30 6.31 -0.79 -7.82
C VAL A 30 6.66 -0.44 -9.33
N GLU A 31 5.66 -0.56 -10.20
CA GLU A 31 5.85 -0.33 -11.62
C GLU A 31 6.20 1.12 -11.94
N SER A 32 5.61 2.04 -11.21
CA SER A 32 5.85 3.45 -11.41
C SER A 32 7.28 3.82 -10.95
N GLU A 33 7.72 3.27 -9.84
CA GLU A 33 9.05 3.52 -9.39
C GLU A 33 10.10 2.84 -10.32
N ALA A 34 9.83 1.61 -10.79
CA ALA A 34 10.73 0.89 -11.69
C ALA A 34 10.93 1.64 -13.03
N ARG A 35 9.83 2.05 -13.61
CA ARG A 35 9.81 2.86 -14.82
C ARG A 35 10.65 4.17 -14.68
N HIS A 36 10.40 4.94 -13.62
CA HIS A 36 11.13 6.17 -13.30
C HIS A 36 12.62 5.93 -13.21
N LYS A 37 13.00 4.71 -12.86
CA LYS A 37 14.41 4.37 -12.83
C LYS A 37 14.89 3.53 -13.98
N GLY A 38 14.05 3.29 -15.00
CA GLY A 38 14.47 2.50 -16.17
C GLY A 38 14.58 1.01 -15.93
N TYR A 39 13.87 0.48 -14.92
CA TYR A 39 13.66 -0.96 -14.81
C TYR A 39 12.34 -1.45 -15.38
N SER A 40 12.36 -2.68 -15.89
CA SER A 40 11.19 -3.39 -16.29
C SER A 40 10.70 -4.35 -15.19
N VAL A 41 9.41 -4.69 -15.24
CA VAL A 41 8.79 -5.55 -14.26
C VAL A 41 8.11 -6.79 -14.80
N LEU A 42 8.66 -7.94 -14.44
CA LEU A 42 8.03 -9.20 -14.80
C LEU A 42 7.01 -9.55 -13.69
N LEU A 43 5.83 -10.00 -14.08
CA LEU A 43 4.78 -10.21 -13.09
C LEU A 43 4.42 -11.67 -12.93
N ALA A 44 4.32 -12.12 -11.68
CA ALA A 44 3.73 -13.41 -11.43
C ALA A 44 2.65 -13.27 -10.37
N ASN A 45 1.61 -14.05 -10.56
CA ASN A 45 0.49 -14.08 -9.61
C ASN A 45 0.33 -15.48 -9.07
N THR A 46 0.39 -15.67 -7.77
CA THR A 46 0.43 -17.01 -7.16
C THR A 46 -0.90 -17.49 -6.67
N ALA A 47 -1.86 -16.59 -6.51
CA ALA A 47 -3.17 -16.92 -5.92
C ALA A 47 -3.03 -17.67 -4.61
N GLU A 48 -2.05 -17.26 -3.81
CA GLU A 48 -1.88 -17.72 -2.41
C GLU A 48 -1.46 -19.18 -2.34
N ASP A 49 -0.83 -19.65 -3.43
CA ASP A 49 -0.29 -21.01 -3.48
C ASP A 49 1.26 -20.94 -3.37
N ILE A 50 1.79 -21.44 -2.27
CA ILE A 50 3.23 -21.43 -2.05
C ILE A 50 4.03 -22.22 -3.14
N VAL A 51 3.42 -23.22 -3.75
CA VAL A 51 4.09 -24.04 -4.75
C VAL A 51 4.24 -23.23 -6.05
N ARG A 52 3.22 -22.48 -6.42
CA ARG A 52 3.37 -21.48 -7.43
C ARG A 52 4.36 -20.34 -7.09
N GLU A 53 4.42 -19.90 -5.83
CA GLU A 53 5.40 -18.90 -5.44
C GLU A 53 6.86 -19.37 -5.73
N ARG A 54 7.15 -20.59 -5.28
CA ARG A 54 8.47 -21.17 -5.43
C ARG A 54 8.77 -21.36 -6.91
N GLU A 55 7.78 -21.72 -7.71
CA GLU A 55 8.02 -21.85 -9.14
C GLU A 55 8.28 -20.53 -9.82
N ALA A 56 7.56 -19.49 -9.38
CA ALA A 56 7.83 -18.17 -9.93
C ALA A 56 9.25 -17.73 -9.57
N VAL A 57 9.66 -17.95 -8.31
CA VAL A 57 10.94 -17.44 -7.83
C VAL A 57 12.05 -18.06 -8.70
N GLY A 58 12.00 -19.38 -8.87
CA GLY A 58 12.95 -20.13 -9.71
C GLY A 58 12.89 -19.70 -11.18
N GLN A 59 11.70 -19.49 -11.68
CA GLN A 59 11.51 -19.01 -13.02
C GLN A 59 12.16 -17.64 -13.23
N PHE A 60 11.94 -16.75 -12.26
CA PHE A 60 12.47 -15.38 -12.32
C PHE A 60 14.01 -15.35 -12.12
N PHE A 61 14.46 -16.18 -11.21
CA PHE A 61 15.89 -16.33 -11.04
C PHE A 61 16.62 -16.84 -12.29
N GLU A 62 16.12 -17.90 -12.92
CA GLU A 62 16.77 -18.38 -14.12
C GLU A 62 16.77 -17.34 -15.24
N ARG A 63 15.74 -16.51 -15.30
CA ARG A 63 15.73 -15.42 -16.27
C ARG A 63 16.71 -14.31 -15.88
N ARG A 64 17.38 -14.49 -14.75
CA ARG A 64 18.25 -13.49 -14.18
C ARG A 64 17.67 -12.09 -14.08
N VAL A 65 16.58 -11.98 -13.35
CA VAL A 65 16.12 -10.67 -12.89
C VAL A 65 17.14 -10.15 -11.87
N ASP A 66 17.21 -8.85 -11.71
CA ASP A 66 18.21 -8.27 -10.82
C ASP A 66 17.85 -8.48 -9.35
N GLY A 67 16.57 -8.76 -9.09
CA GLY A 67 16.09 -8.86 -7.73
C GLY A 67 14.61 -9.17 -7.75
N LEU A 68 14.03 -9.36 -6.57
CA LEU A 68 12.60 -9.69 -6.40
C LEU A 68 11.92 -8.84 -5.36
N ILE A 69 10.74 -8.37 -5.71
CA ILE A 69 9.78 -7.93 -4.76
C ILE A 69 8.74 -9.03 -4.57
N LEU A 70 8.52 -9.43 -3.32
CA LEU A 70 7.71 -10.60 -3.07
C LEU A 70 6.60 -10.31 -2.05
N ALA A 71 5.37 -10.41 -2.47
CA ALA A 71 4.26 -10.47 -1.51
C ALA A 71 4.02 -11.95 -1.15
N PRO A 72 4.52 -12.37 -0.02
CA PRO A 72 4.56 -13.76 0.30
C PRO A 72 3.20 -14.44 0.49
N SER A 73 3.12 -15.66 0.02
CA SER A 73 1.96 -16.47 0.21
C SER A 73 2.22 -17.18 1.52
N GLU A 74 1.17 -17.62 2.19
CA GLU A 74 1.30 -18.26 3.48
C GLU A 74 1.95 -19.60 3.25
N GLY A 75 3.03 -19.85 3.98
CA GLY A 75 3.77 -21.08 3.90
C GLY A 75 5.23 -20.82 4.34
N GLU A 76 6.08 -21.85 4.20
CA GLU A 76 7.49 -21.76 4.60
C GLU A 76 8.33 -21.03 3.56
N HIS A 77 9.26 -20.20 3.99
CA HIS A 77 10.08 -19.47 3.02
C HIS A 77 11.58 -19.76 3.10
N ASP A 78 11.97 -20.79 3.85
CA ASP A 78 13.36 -21.16 3.99
C ASP A 78 14.04 -21.51 2.67
N TYR A 79 13.29 -22.05 1.72
CA TYR A 79 13.80 -22.35 0.41
C TYR A 79 14.41 -21.12 -0.22
N LEU A 80 13.97 -19.94 0.18
CA LEU A 80 14.60 -18.73 -0.35
C LEU A 80 16.03 -18.67 0.08
N ARG A 81 16.24 -19.06 1.30
CA ARG A 81 17.55 -18.84 1.88
C ARG A 81 18.49 -19.94 1.46
N THR A 82 17.97 -21.08 0.99
CA THR A 82 18.85 -22.18 0.60
C THR A 82 18.99 -22.36 -0.90
N GLU A 83 18.05 -21.84 -1.69
CA GLU A 83 18.02 -22.08 -3.14
C GLU A 83 18.42 -20.86 -3.92
N LEU A 84 18.92 -19.85 -3.23
CA LEU A 84 19.30 -18.64 -3.91
C LEU A 84 20.61 -18.10 -3.37
N PRO A 85 21.35 -17.40 -4.23
CA PRO A 85 22.61 -16.84 -3.80
C PRO A 85 22.32 -15.79 -2.81
N LYS A 86 23.21 -15.66 -1.83
CA LYS A 86 23.05 -14.67 -0.77
C LYS A 86 23.03 -13.27 -1.35
N THR A 87 23.52 -13.13 -2.56
CA THR A 87 23.69 -11.81 -3.10
C THR A 87 22.45 -11.42 -3.88
N PHE A 88 21.55 -12.38 -4.10
CA PHE A 88 20.31 -12.06 -4.79
C PHE A 88 19.36 -11.27 -3.85
N PRO A 89 19.12 -9.99 -4.16
CA PRO A 89 18.30 -9.07 -3.35
C PRO A 89 16.81 -9.39 -3.41
N ILE A 90 16.20 -9.41 -2.24
CA ILE A 90 14.77 -9.66 -2.11
C ILE A 90 14.13 -8.68 -1.15
N VAL A 91 13.12 -7.96 -1.57
CA VAL A 91 12.34 -7.29 -0.56
C VAL A 91 10.93 -7.74 -0.53
N ALA A 92 10.44 -8.06 0.67
CA ALA A 92 9.08 -8.49 0.91
C ALA A 92 8.17 -7.28 1.12
N VAL A 93 6.91 -7.42 0.72
CA VAL A 93 5.93 -6.37 1.09
C VAL A 93 4.81 -7.07 1.83
N ASN A 94 4.15 -6.29 2.69
CA ASN A 94 2.91 -6.66 3.35
C ASN A 94 3.16 -7.62 4.52
N ARG A 95 3.88 -8.71 4.21
CA ARG A 95 4.25 -9.72 5.21
C ARG A 95 5.77 -9.88 5.15
N GLU A 96 6.42 -9.97 6.30
CA GLU A 96 7.87 -10.09 6.35
C GLU A 96 8.29 -11.53 6.05
N LEU A 97 9.56 -11.71 5.68
CA LEU A 97 10.11 -13.02 5.39
C LEU A 97 10.82 -13.62 6.59
N ARG A 98 11.58 -12.80 7.31
CA ARG A 98 12.39 -13.31 8.43
C ARG A 98 13.48 -14.17 7.86
N ILE A 99 14.15 -13.65 6.84
CA ILE A 99 15.32 -14.27 6.31
C ILE A 99 16.33 -13.19 6.30
N PRO A 100 17.50 -13.45 6.90
CA PRO A 100 18.61 -12.51 6.93
C PRO A 100 18.92 -11.96 5.56
N GLY A 101 19.10 -10.65 5.47
CA GLY A 101 19.39 -9.97 4.22
C GLY A 101 18.19 -9.57 3.39
N CYS A 102 17.01 -10.09 3.69
CA CYS A 102 15.79 -9.65 2.98
C CYS A 102 15.15 -8.41 3.57
N GLY A 103 15.02 -7.35 2.77
CA GLY A 103 14.23 -6.19 3.18
C GLY A 103 12.75 -6.48 3.29
N ALA A 104 12.07 -5.60 4.01
CA ALA A 104 10.65 -5.65 4.15
C ALA A 104 10.08 -4.22 4.19
N VAL A 105 8.94 -4.03 3.51
CA VAL A 105 8.12 -2.86 3.57
C VAL A 105 6.72 -3.28 4.05
N LEU A 106 6.39 -2.89 5.28
CA LEU A 106 5.20 -3.29 5.96
C LEU A 106 4.36 -2.05 6.41
N SER A 107 3.12 -2.26 6.80
CA SER A 107 2.32 -1.19 7.43
C SER A 107 2.47 -1.19 8.93
N GLU A 108 2.08 -0.07 9.56
CA GLU A 108 1.98 -0.05 11.03
C GLU A 108 0.69 -0.72 11.57
N ASN A 109 0.63 -2.03 11.43
CA ASN A 109 -0.62 -2.77 11.76
C ASN A 109 -1.12 -2.67 13.21
N VAL A 110 -0.27 -2.95 14.19
CA VAL A 110 -0.64 -2.75 15.60
C VAL A 110 -1.26 -1.34 15.81
N ARG A 111 -0.49 -0.29 15.55
CA ARG A 111 -0.99 1.08 15.74
C ARG A 111 -2.39 1.40 15.10
N GLY A 112 -2.53 1.03 13.83
CA GLY A 112 -3.76 1.33 13.09
C GLY A 112 -4.90 0.55 13.72
N ALA A 113 -4.70 -0.70 14.15
CA ALA A 113 -5.81 -1.48 14.71
C ALA A 113 -6.26 -0.91 16.08
N ARG A 114 -5.29 -0.58 16.93
CA ARG A 114 -5.54 -0.01 18.21
C ARG A 114 -6.37 1.31 18.05
N THR A 115 -5.99 2.11 17.04
CA THR A 115 -6.67 3.36 16.79
C THR A 115 -8.12 3.09 16.37
N ALA A 116 -8.34 2.10 15.48
CA ALA A 116 -9.70 1.82 15.04
C ALA A 116 -10.57 1.27 16.15
N VAL A 117 -10.00 0.38 16.96
CA VAL A 117 -10.77 -0.15 18.09
C VAL A 117 -11.04 0.90 19.18
N GLU A 118 -10.12 1.83 19.38
CA GLU A 118 -10.29 2.89 20.38
C GLU A 118 -11.39 3.83 20.00
N TYR A 119 -11.53 4.01 18.68
CA TYR A 119 -12.64 4.70 18.15
C TYR A 119 -13.98 4.02 18.46
N LEU A 120 -14.04 2.70 18.35
CA LEU A 120 -15.24 1.96 18.68
C LEU A 120 -15.59 2.06 20.17
N ILE A 121 -14.55 2.10 20.99
CA ILE A 121 -14.70 2.13 22.43
C ILE A 121 -15.18 3.52 22.82
N ALA A 122 -14.61 4.54 22.18
CA ALA A 122 -15.05 5.92 22.42
C ALA A 122 -16.52 6.14 22.01
N ARG A 123 -17.04 5.28 21.13
CA ARG A 123 -18.45 5.33 20.77
C ARG A 123 -19.37 4.69 21.78
N GLY A 124 -18.80 3.95 22.73
CA GLY A 124 -19.63 3.22 23.67
C GLY A 124 -19.73 1.72 23.49
N HIS A 125 -18.87 1.13 22.65
CA HIS A 125 -18.89 -0.34 22.51
C HIS A 125 -18.06 -1.01 23.60
N THR A 126 -18.58 -2.08 24.19
CA THR A 126 -17.83 -2.81 25.18
C THR A 126 -17.67 -4.29 24.79
N ARG A 127 -18.66 -4.81 24.07
CA ARG A 127 -18.57 -6.15 23.49
C ARG A 127 -17.98 -6.02 22.09
N ILE A 128 -16.65 -6.08 22.02
CA ILE A 128 -16.01 -5.88 20.75
C ILE A 128 -15.23 -7.10 20.29
N GLY A 129 -15.45 -7.52 19.04
CA GLY A 129 -14.73 -8.65 18.51
C GLY A 129 -13.83 -8.29 17.31
N ALA A 130 -13.13 -9.30 16.82
CA ALA A 130 -12.22 -9.13 15.73
C ALA A 130 -12.28 -10.36 14.79
N ILE A 131 -12.44 -10.12 13.51
CA ILE A 131 -12.37 -11.17 12.51
C ILE A 131 -11.14 -10.85 11.68
N VAL A 132 -10.16 -11.73 11.76
CA VAL A 132 -8.95 -11.61 11.00
C VAL A 132 -8.86 -12.73 9.99
N GLY A 133 -7.85 -12.62 9.13
CA GLY A 133 -7.60 -13.63 8.11
C GLY A 133 -6.82 -14.78 8.70
N SER A 134 -6.21 -15.58 7.85
CA SER A 134 -5.48 -16.73 8.32
C SER A 134 -4.63 -16.43 9.58
N ALA A 135 -4.90 -17.19 10.64
CA ALA A 135 -4.31 -17.00 11.96
C ALA A 135 -2.79 -16.92 12.02
N GLY A 136 -2.12 -17.61 11.14
CA GLY A 136 -0.67 -17.56 11.16
C GLY A 136 0.03 -16.24 10.78
N LEU A 137 -0.62 -15.48 9.91
CA LEU A 137 0.04 -14.38 9.19
C LEU A 137 0.48 -13.27 10.07
N MET A 138 1.53 -12.58 9.68
CA MET A 138 2.04 -11.43 10.38
C MET A 138 0.93 -10.34 10.48
N THR A 139 0.21 -10.15 9.41
CA THR A 139 -0.79 -9.13 9.39
C THR A 139 -1.93 -9.43 10.37
N SER A 140 -2.51 -10.62 10.30
CA SER A 140 -3.50 -11.07 11.27
C SER A 140 -3.00 -10.97 12.68
N ARG A 141 -1.75 -11.41 12.91
CA ARG A 141 -1.19 -11.43 14.25
C ARG A 141 -1.11 -9.97 14.78
N GLU A 142 -0.59 -9.07 13.98
CA GLU A 142 -0.36 -7.72 14.45
C GLU A 142 -1.66 -6.92 14.61
N ARG A 143 -2.61 -7.17 13.73
CA ARG A 143 -3.90 -6.50 13.81
C ARG A 143 -4.70 -6.98 15.03
N LEU A 144 -4.54 -8.26 15.35
CA LEU A 144 -5.13 -8.82 16.58
C LEU A 144 -4.50 -8.23 17.85
N LYS A 145 -3.17 -8.15 17.86
CA LYS A 145 -2.43 -7.48 18.94
C LYS A 145 -2.86 -6.03 19.25
N GLY A 146 -3.13 -5.25 18.19
CA GLY A 146 -3.60 -3.89 18.33
C GLY A 146 -4.97 -3.83 18.97
N PHE A 147 -5.81 -4.78 18.57
CA PHE A 147 -7.10 -4.94 19.17
C PHE A 147 -6.99 -5.20 20.69
N ARG A 148 -6.15 -6.14 21.06
CA ARG A 148 -6.03 -6.53 22.46
C ARG A 148 -5.47 -5.39 23.30
N ALA A 149 -4.56 -4.62 22.69
CA ALA A 149 -3.91 -3.57 23.43
C ALA A 149 -4.92 -2.45 23.69
N ALA A 150 -5.82 -2.20 22.75
CA ALA A 150 -6.84 -1.16 22.92
C ALA A 150 -7.84 -1.59 24.00
N MET A 151 -8.29 -2.82 23.92
CA MET A 151 -9.20 -3.38 24.90
C MET A 151 -8.60 -3.33 26.29
N SER A 152 -7.35 -3.75 26.36
CA SER A 152 -6.63 -3.84 27.63
C SER A 152 -6.58 -2.45 28.26
N ALA A 153 -6.19 -1.47 27.46
CA ALA A 153 -5.92 -0.15 27.97
C ALA A 153 -7.19 0.51 28.51
N ALA A 154 -8.33 0.05 27.98
CA ALA A 154 -9.63 0.54 28.36
C ALA A 154 -10.21 -0.29 29.50
N GLY A 155 -9.51 -1.36 29.86
CA GLY A 155 -9.96 -2.24 30.93
C GLY A 155 -11.17 -3.04 30.56
N LEU A 156 -11.37 -3.22 29.26
CA LEU A 156 -12.42 -4.08 28.75
C LEU A 156 -11.92 -5.49 28.46
N PRO A 157 -12.53 -6.48 29.14
CA PRO A 157 -12.20 -7.90 28.93
C PRO A 157 -12.59 -8.38 27.54
N VAL A 158 -11.85 -9.34 27.00
CA VAL A 158 -12.14 -9.90 25.70
C VAL A 158 -12.37 -11.38 25.76
N ARG A 159 -13.55 -11.82 25.34
CA ARG A 159 -13.82 -13.24 25.24
C ARG A 159 -13.20 -13.78 23.95
N GLN A 160 -12.42 -14.86 24.09
CA GLN A 160 -11.86 -15.58 22.96
C GLN A 160 -12.86 -15.86 21.89
N GLU A 161 -14.09 -16.20 22.28
CA GLU A 161 -15.15 -16.54 21.32
C GLU A 161 -15.61 -15.30 20.47
N TRP A 162 -15.04 -14.14 20.78
CA TRP A 162 -15.28 -12.92 20.00
C TRP A 162 -14.24 -12.81 18.83
N ILE A 163 -13.23 -13.67 18.89
CA ILE A 163 -12.14 -13.70 17.90
C ILE A 163 -12.34 -14.80 16.84
N ALA A 164 -12.15 -14.47 15.59
CA ALA A 164 -12.20 -15.51 14.55
C ALA A 164 -11.11 -15.24 13.52
N ALA A 165 -10.52 -16.32 13.01
CA ALA A 165 -9.37 -16.23 12.10
C ALA A 165 -9.73 -16.92 10.83
N ASN A 172 -12.71 -15.50 3.46
CA ASN A 172 -13.60 -14.32 3.57
C ASN A 172 -13.80 -13.95 5.03
N GLY A 173 -13.91 -14.99 5.86
CA GLY A 173 -14.27 -14.85 7.22
C GLY A 173 -15.78 -14.75 7.45
N ARG A 174 -16.57 -15.02 6.42
CA ARG A 174 -18.00 -15.03 6.64
C ARG A 174 -18.35 -16.07 7.73
N ASP A 175 -17.77 -17.28 7.62
CA ASP A 175 -18.05 -18.32 8.61
C ASP A 175 -17.57 -17.89 9.99
N GLY A 176 -16.40 -17.32 10.06
CA GLY A 176 -15.89 -16.81 11.31
C GLY A 176 -16.83 -15.74 11.88
N ALA A 177 -17.29 -14.82 11.02
CA ALA A 177 -18.19 -13.80 11.51
C ALA A 177 -19.50 -14.45 12.00
N ILE A 178 -20.07 -15.32 11.18
CA ILE A 178 -21.29 -16.02 11.52
C ILE A 178 -21.14 -16.71 12.92
N LYS A 179 -19.98 -17.33 13.12
CA LYS A 179 -19.67 -17.92 14.41
C LYS A 179 -19.54 -16.97 15.59
N VAL A 180 -18.76 -15.91 15.47
CA VAL A 180 -18.70 -15.01 16.61
C VAL A 180 -20.00 -14.23 16.86
N LEU A 181 -20.77 -13.98 15.82
CA LEU A 181 -21.99 -13.21 15.97
C LEU A 181 -23.22 -14.01 16.43
N THR A 182 -23.12 -15.35 16.45
CA THR A 182 -24.19 -16.15 17.04
C THR A 182 -23.84 -16.66 18.42
N GLY A 183 -22.81 -16.09 19.05
CA GLY A 183 -22.49 -16.40 20.44
C GLY A 183 -23.50 -15.89 21.47
N ASP A 185 -23.14 -13.85 24.38
CA ASP A 185 -22.92 -12.40 24.47
C ASP A 185 -22.22 -11.86 23.22
N ARG A 186 -22.85 -11.98 22.05
CA ARG A 186 -22.22 -11.48 20.83
C ARG A 186 -21.80 -10.01 20.95
N PRO A 187 -20.71 -9.65 20.25
CA PRO A 187 -20.21 -8.27 20.16
C PRO A 187 -21.22 -7.36 19.44
N THR A 188 -21.08 -6.05 19.69
CA THR A 188 -21.88 -5.04 19.02
C THR A 188 -20.99 -4.37 17.97
N ALA A 189 -19.70 -4.66 18.04
CA ALA A 189 -18.77 -4.14 17.06
C ALA A 189 -17.67 -5.18 16.74
N LEU A 190 -17.09 -5.04 15.55
CA LEU A 190 -16.07 -5.92 15.06
C LEU A 190 -14.97 -5.06 14.47
N LEU A 191 -13.72 -5.47 14.71
CA LEU A 191 -12.64 -5.06 13.87
C LEU A 191 -12.53 -6.13 12.77
N THR A 192 -12.46 -5.70 11.51
CA THR A 192 -12.14 -6.63 10.44
C THR A 192 -10.79 -6.31 9.83
N SER A 193 -9.98 -7.33 9.59
CA SER A 193 -8.61 -7.10 9.22
C SER A 193 -8.31 -6.76 7.74
N SER A 194 -9.30 -6.78 6.85
CA SER A 194 -9.13 -6.26 5.49
C SER A 194 -10.50 -6.12 4.85
N HIS A 195 -10.54 -5.49 3.67
CA HIS A 195 -11.78 -5.25 2.90
C HIS A 195 -12.45 -6.55 2.52
N ARG A 196 -11.65 -7.58 2.23
CA ARG A 196 -12.19 -8.86 1.80
C ARG A 196 -12.87 -9.60 2.97
N ILE A 197 -12.30 -9.46 4.16
CA ILE A 197 -12.93 -9.94 5.39
C ILE A 197 -14.15 -9.11 5.75
N THR A 198 -14.06 -7.80 5.53
CA THR A 198 -15.23 -6.93 5.72
C THR A 198 -16.41 -7.37 4.84
N GLU A 199 -16.12 -7.80 3.59
CA GLU A 199 -17.18 -8.40 2.74
C GLU A 199 -17.83 -9.62 3.46
N GLY A 200 -17.02 -10.56 3.93
CA GLY A 200 -17.54 -11.73 4.64
C GLY A 200 -18.34 -11.42 5.91
N ALA A 201 -17.86 -10.47 6.71
CA ALA A 201 -18.69 -9.95 7.86
C ALA A 201 -20.02 -9.30 7.42
N MET A 202 -20.01 -8.52 6.34
CA MET A 202 -21.27 -8.02 5.76
C MET A 202 -22.15 -9.19 5.32
N GLN A 203 -21.57 -10.18 4.66
CA GLN A 203 -22.33 -11.35 4.29
C GLN A 203 -22.93 -12.04 5.50
N ALA A 204 -22.12 -12.24 6.54
CA ALA A 204 -22.64 -12.86 7.77
C ALA A 204 -23.85 -12.10 8.33
N LEU A 205 -23.75 -10.77 8.42
CA LEU A 205 -24.82 -9.97 9.00
C LEU A 205 -26.17 -10.39 8.44
N ASN A 206 -26.32 -10.32 7.14
CA ASN A 206 -27.60 -10.67 6.60
C ASN A 206 -27.93 -12.15 6.38
N VAL A 207 -26.94 -13.02 6.52
CA VAL A 207 -27.21 -14.41 6.73
C VAL A 207 -27.91 -14.58 8.11
N LEU A 208 -27.41 -13.88 9.11
CA LEU A 208 -27.97 -13.93 10.46
C LEU A 208 -29.21 -13.02 10.65
N GLY A 209 -29.52 -12.18 9.67
CA GLY A 209 -30.60 -11.20 9.82
C GLY A 209 -30.21 -10.02 10.72
N LEU A 210 -28.91 -9.73 10.82
CA LEU A 210 -28.49 -8.62 11.67
C LEU A 210 -28.29 -7.34 10.88
N ARG A 211 -28.35 -6.21 11.54
CA ARG A 211 -28.27 -4.95 10.83
C ARG A 211 -26.94 -4.24 11.07
N TYR A 212 -26.21 -4.07 9.96
CA TYR A 212 -25.03 -3.26 10.01
C TYR A 212 -25.49 -1.94 10.59
N GLY A 213 -24.79 -1.45 11.61
CA GLY A 213 -25.21 -0.25 12.27
C GLY A 213 -25.75 -0.51 13.66
N PRO A 214 -27.08 -0.47 13.81
CA PRO A 214 -27.76 -0.69 15.10
C PRO A 214 -27.43 -2.02 15.81
N ASP A 215 -27.30 -3.11 15.04
CA ASP A 215 -26.91 -4.42 15.60
C ASP A 215 -25.40 -4.64 15.75
N VAL A 216 -24.62 -4.31 14.73
CA VAL A 216 -23.15 -4.49 14.75
C VAL A 216 -22.47 -3.39 13.98
N GLU A 217 -21.54 -2.68 14.61
CA GLU A 217 -20.68 -1.75 13.87
C GLU A 217 -19.36 -2.43 13.46
N ILE A 218 -18.67 -1.82 12.50
CA ILE A 218 -17.48 -2.38 11.90
C ILE A 218 -16.42 -1.35 11.58
N VAL A 219 -15.19 -1.59 12.03
CA VAL A 219 -14.08 -0.81 11.50
C VAL A 219 -13.21 -1.80 10.74
N SER A 220 -12.59 -1.35 9.65
CA SER A 220 -11.91 -2.20 8.73
C SER A 220 -10.56 -1.61 8.35
N PHE A 221 -9.59 -2.45 7.97
CA PHE A 221 -8.43 -2.01 7.19
C PHE A 221 -8.80 -1.90 5.68
N ASP A 222 -8.05 -1.06 4.96
CA ASP A 222 -8.30 -0.82 3.55
C ASP A 222 -9.41 0.20 3.33
N ASN A 223 -9.10 1.21 2.54
CA ASN A 223 -10.02 2.31 2.31
C ASN A 223 -10.64 2.17 0.92
N LEU A 224 -11.79 1.52 0.85
CA LEU A 224 -12.50 1.33 -0.38
C LEU A 224 -13.68 2.31 -0.43
N PRO A 225 -13.90 2.98 -1.56
CA PRO A 225 -15.03 3.91 -1.75
C PRO A 225 -16.39 3.37 -1.27
N TRP A 226 -16.73 2.13 -1.57
CA TRP A 226 -18.00 1.59 -1.13
C TRP A 226 -18.23 1.68 0.38
N MET A 227 -17.18 1.63 1.19
CA MET A 227 -17.32 1.75 2.64
C MET A 227 -17.94 3.07 3.08
N ALA A 228 -17.76 4.10 2.26
CA ALA A 228 -18.37 5.36 2.59
C ALA A 228 -19.85 5.47 2.13
N PHE A 229 -20.41 4.44 1.50
CA PHE A 229 -21.82 4.58 1.03
C PHE A 229 -22.73 4.03 2.08
N LEU A 230 -22.15 3.34 3.07
CA LEU A 230 -22.93 2.68 4.10
C LEU A 230 -23.42 3.68 5.13
N ASP A 231 -24.49 3.33 5.82
CA ASP A 231 -25.02 4.18 6.87
C ASP A 231 -24.99 3.44 8.20
N PRO A 232 -24.07 3.82 9.10
CA PRO A 232 -23.13 4.90 8.91
C PRO A 232 -21.98 4.48 7.99
N PRO A 233 -21.17 5.46 7.55
CA PRO A 233 -19.94 5.11 6.80
C PRO A 233 -19.02 4.23 7.62
N LEU A 234 -18.40 3.28 6.94
CA LEU A 234 -17.58 2.33 7.64
C LEU A 234 -16.17 2.90 7.86
N PRO A 235 -15.79 3.17 9.13
CA PRO A 235 -14.46 3.73 9.34
C PRO A 235 -13.33 2.75 9.01
N VAL A 236 -12.27 3.28 8.40
CA VAL A 236 -11.25 2.43 7.83
C VAL A 236 -9.88 2.86 8.20
N VAL A 237 -9.00 1.90 8.38
CA VAL A 237 -7.61 2.21 8.43
C VAL A 237 -7.02 2.11 7.02
N GLU A 238 -6.73 3.26 6.44
CA GLU A 238 -6.16 3.32 5.13
C GLU A 238 -4.71 2.90 5.16
N GLN A 239 -4.34 2.01 4.25
CA GLN A 239 -2.95 1.61 4.09
C GLN A 239 -2.36 2.41 2.95
N PRO A 240 -1.06 2.81 3.05
CA PRO A 240 -0.38 3.52 1.95
C PRO A 240 0.09 2.53 0.84
N THR A 241 -0.87 1.92 0.18
CA THR A 241 -0.55 0.82 -0.78
C THR A 241 0.43 1.17 -1.86
N ARG A 242 0.21 2.29 -2.51
CA ARG A 242 1.15 2.75 -3.53
C ARG A 242 2.55 3.01 -3.02
N ARG A 243 2.67 3.70 -1.89
CA ARG A 243 3.93 3.98 -1.25
C ARG A 243 4.63 2.71 -0.80
N ILE A 244 3.90 1.69 -0.39
CA ILE A 244 4.50 0.41 -0.09
C ILE A 244 5.21 -0.15 -1.31
N GLY A 245 4.52 -0.18 -2.44
CA GLY A 245 5.18 -0.60 -3.71
C GLY A 245 6.38 0.25 -4.16
N GLN A 246 6.22 1.57 -4.16
CA GLN A 246 7.31 2.53 -4.51
C GLN A 246 8.60 2.36 -3.67
N GLU A 247 8.43 2.28 -2.34
CA GLU A 247 9.51 2.12 -1.42
C GLU A 247 10.17 0.73 -1.50
N ALA A 248 9.37 -0.30 -1.75
CA ALA A 248 9.91 -1.65 -1.87
C ALA A 248 10.82 -1.72 -3.10
N MET A 249 10.33 -1.15 -4.19
CA MET A 249 11.16 -0.93 -5.39
C MET A 249 12.38 -0.03 -5.12
N ARG A 250 12.23 1.03 -4.32
CA ARG A 250 13.37 1.94 -4.02
C ARG A 250 14.47 1.21 -3.26
N MET A 251 14.07 0.52 -2.19
CA MET A 251 14.95 -0.35 -1.46
C MET A 251 15.63 -1.38 -2.34
N LEU A 252 14.86 -2.05 -3.20
CA LEU A 252 15.40 -3.09 -4.04
C LEU A 252 16.44 -2.54 -5.01
N ILE A 253 16.23 -1.33 -5.50
CA ILE A 253 17.14 -0.72 -6.43
C ILE A 253 18.49 -0.37 -5.75
N HIS A 254 18.44 0.31 -4.62
CA HIS A 254 19.59 0.45 -3.75
C HIS A 254 20.38 -0.86 -3.54
N MET A 255 19.69 -1.93 -3.17
CA MET A 255 20.33 -3.23 -2.98
C MET A 255 21.01 -3.75 -4.26
N ILE A 256 20.42 -3.48 -5.42
CA ILE A 256 20.92 -4.02 -6.67
C ILE A 256 22.12 -3.22 -7.15
N GLU A 257 22.08 -1.90 -6.98
CA GLU A 257 23.08 -1.00 -7.55
C GLU A 257 24.16 -0.71 -6.49
N GLY A 258 24.04 -1.35 -5.35
CA GLY A 258 24.99 -1.22 -4.26
C GLY A 258 25.04 0.15 -3.62
N THR A 259 23.88 0.82 -3.50
CA THR A 259 23.89 2.16 -2.95
C THR A 259 23.17 2.22 -1.63
N GLY A 260 22.62 1.11 -1.18
CA GLY A 260 21.89 1.03 0.07
C GLY A 260 21.69 -0.41 0.54
N ASN A 261 21.19 -0.54 1.75
CA ASN A 261 20.96 -1.84 2.40
C ASN A 261 19.47 -2.26 2.52
N ALA A 262 19.25 -3.56 2.68
CA ALA A 262 17.95 -4.06 3.09
C ALA A 262 17.63 -3.58 4.48
N THR A 263 16.34 -3.27 4.68
CA THR A 263 15.85 -3.01 6.04
C THR A 263 14.35 -3.30 6.21
N GLU A 264 13.85 -3.15 7.42
CA GLU A 264 12.43 -3.22 7.68
C GLU A 264 11.86 -1.83 7.75
N MET A 265 10.95 -1.53 6.85
CA MET A 265 10.28 -0.24 6.85
C MET A 265 8.86 -0.41 7.31
N ARG A 266 8.47 0.37 8.30
CA ARG A 266 7.09 0.43 8.69
C ARG A 266 6.47 1.74 8.19
N LEU A 267 5.43 1.63 7.38
CA LEU A 267 4.80 2.82 6.81
C LEU A 267 3.49 3.30 7.52
N GLN A 268 3.34 4.60 7.66
CA GLN A 268 2.20 5.19 8.31
C GLN A 268 0.86 4.89 7.60
N THR A 269 -0.10 4.48 8.40
CA THR A 269 -1.44 4.29 8.00
C THR A 269 -2.25 5.46 8.58
N ARG A 270 -3.43 5.68 8.03
CA ARG A 270 -4.21 6.73 8.56
C ARG A 270 -5.66 6.28 8.77
N PHE A 271 -6.22 6.74 9.88
CA PHE A 271 -7.59 6.38 10.23
C PHE A 271 -8.57 7.34 9.55
N VAL A 272 -9.53 6.78 8.83
CA VAL A 272 -10.49 7.61 8.11
C VAL A 272 -11.87 7.31 8.62
N THR A 273 -12.54 8.31 9.18
CA THR A 273 -13.89 8.12 9.72
C THR A 273 -14.96 8.57 8.73
N HIS A 274 -14.59 9.39 7.74
CA HIS A 274 -15.57 9.87 6.76
C HIS A 274 -16.59 10.89 7.29
N ARG B 7 9.79 -16.60 -29.74
CA ARG B 7 11.18 -17.08 -29.48
C ARG B 7 11.81 -16.55 -28.18
N SER B 8 11.40 -15.37 -27.70
CA SER B 8 11.92 -14.95 -26.38
C SER B 8 11.08 -15.48 -25.19
N ASN B 9 9.83 -15.89 -25.47
CA ASN B 9 8.89 -16.28 -24.42
C ASN B 9 8.58 -15.20 -23.37
N VAL B 10 8.55 -13.96 -23.81
CA VAL B 10 8.12 -12.89 -22.97
C VAL B 10 7.08 -12.11 -23.72
N VAL B 11 6.04 -11.73 -23.02
CA VAL B 11 4.99 -10.97 -23.63
C VAL B 11 4.81 -9.65 -22.81
N GLY B 12 4.44 -8.57 -23.45
CA GLY B 12 4.26 -7.31 -22.76
C GLY B 12 2.76 -7.09 -22.47
N LEU B 13 2.42 -6.81 -21.22
CA LEU B 13 1.04 -6.51 -20.88
C LEU B 13 1.04 -5.08 -20.42
N ILE B 14 0.30 -4.26 -21.15
CA ILE B 14 0.14 -2.86 -20.86
C ILE B 14 -1.31 -2.56 -20.56
N VAL B 15 -1.57 -2.00 -19.40
CA VAL B 15 -2.90 -1.87 -18.87
C VAL B 15 -3.11 -0.38 -18.58
N SER B 16 -4.29 0.10 -18.85
CA SER B 16 -4.59 1.49 -18.62
C SER B 16 -4.81 1.77 -17.14
N ASP B 17 -5.29 0.81 -16.36
CA ASP B 17 -5.36 1.09 -14.91
C ASP B 17 -5.35 -0.15 -14.04
N ILE B 18 -4.17 -0.61 -13.60
CA ILE B 18 -4.05 -1.89 -12.85
C ILE B 18 -4.79 -1.83 -11.49
N GLU B 19 -4.98 -0.63 -10.94
CA GLU B 19 -5.59 -0.43 -9.63
C GLU B 19 -7.12 -0.67 -9.70
N ASN B 20 -7.68 -0.56 -10.91
CA ASN B 20 -9.07 -0.86 -11.18
C ASN B 20 -9.14 -2.35 -11.28
N VAL B 21 -10.04 -2.92 -10.51
CA VAL B 21 -10.10 -4.36 -10.32
C VAL B 21 -10.48 -5.15 -11.63
N PHE B 22 -11.11 -4.46 -12.57
CA PHE B 22 -11.45 -5.03 -13.85
C PHE B 22 -10.15 -5.47 -14.54
N PHE B 23 -9.22 -4.54 -14.64
CA PHE B 23 -7.92 -4.78 -15.26
C PHE B 23 -7.05 -5.75 -14.50
N ALA B 24 -7.12 -5.70 -13.17
CA ALA B 24 -6.35 -6.60 -12.36
C ALA B 24 -6.79 -8.06 -12.65
N GLU B 25 -8.08 -8.31 -12.74
CA GLU B 25 -8.60 -9.64 -13.06
C GLU B 25 -8.32 -10.03 -14.51
N VAL B 26 -8.31 -9.05 -15.43
CA VAL B 26 -7.88 -9.34 -16.80
C VAL B 26 -6.43 -9.86 -16.84
N ALA B 27 -5.61 -9.26 -15.99
CA ALA B 27 -4.19 -9.49 -15.90
C ALA B 27 -3.92 -10.86 -15.28
N SER B 28 -4.69 -11.17 -14.25
CA SER B 28 -4.70 -12.52 -13.70
C SER B 28 -5.02 -13.61 -14.80
N GLY B 29 -5.98 -13.36 -15.66
CA GLY B 29 -6.23 -14.34 -16.76
C GLY B 29 -5.10 -14.42 -17.79
N VAL B 30 -4.54 -13.28 -18.16
CA VAL B 30 -3.35 -13.24 -19.00
C VAL B 30 -2.14 -14.02 -18.38
N GLU B 31 -1.84 -13.71 -17.11
CA GLU B 31 -0.68 -14.33 -16.43
C GLU B 31 -0.83 -15.83 -16.22
N SER B 32 -2.05 -16.27 -15.92
CA SER B 32 -2.35 -17.64 -15.77
C SER B 32 -2.19 -18.41 -17.09
N GLU B 33 -2.77 -17.92 -18.19
CA GLU B 33 -2.55 -18.53 -19.49
C GLU B 33 -1.03 -18.56 -19.90
N ALA B 34 -0.34 -17.44 -19.78
CA ALA B 34 1.06 -17.33 -20.21
C ALA B 34 1.92 -18.33 -19.46
N ARG B 35 1.66 -18.43 -18.18
CA ARG B 35 2.40 -19.31 -17.32
C ARG B 35 2.22 -20.79 -17.69
N HIS B 36 0.99 -21.16 -18.05
CA HIS B 36 0.63 -22.52 -18.46
CA HIS B 36 0.68 -22.52 -18.44
C HIS B 36 1.30 -22.87 -19.77
N LYS B 37 1.66 -21.84 -20.55
CA LYS B 37 2.28 -22.05 -21.85
C LYS B 37 3.76 -21.76 -21.80
N GLY B 38 4.27 -21.34 -20.63
CA GLY B 38 5.70 -21.11 -20.49
C GLY B 38 6.18 -19.71 -20.93
N TYR B 39 5.26 -18.74 -20.98
CA TYR B 39 5.66 -17.37 -21.23
C TYR B 39 5.76 -16.54 -19.96
N SER B 40 6.61 -15.55 -19.99
CA SER B 40 6.69 -14.61 -18.93
C SER B 40 5.96 -13.34 -19.31
N VAL B 41 5.58 -12.57 -18.31
CA VAL B 41 4.79 -11.36 -18.51
C VAL B 41 5.44 -10.12 -17.90
N LEU B 42 5.82 -9.20 -18.77
CA LEU B 42 6.30 -7.87 -18.41
C LEU B 42 5.10 -6.93 -18.21
N LEU B 43 5.03 -6.25 -17.07
CA LEU B 43 3.87 -5.43 -16.77
C LEU B 43 4.15 -3.93 -16.87
N ALA B 44 3.27 -3.19 -17.51
CA ALA B 44 3.33 -1.76 -17.38
C ALA B 44 1.91 -1.24 -17.09
N ASN B 45 1.86 -0.25 -16.22
CA ASN B 45 0.60 0.45 -15.88
C ASN B 45 0.67 1.92 -16.39
N THR B 46 -0.33 2.40 -17.13
CA THR B 46 -0.23 3.72 -17.74
C THR B 46 -1.06 4.76 -16.99
N ALA B 47 -1.98 4.30 -16.15
CA ALA B 47 -2.84 5.20 -15.40
C ALA B 47 -3.50 6.17 -16.37
N GLU B 48 -3.96 5.60 -17.49
CA GLU B 48 -4.77 6.29 -18.50
C GLU B 48 -4.04 7.44 -19.21
N ASP B 49 -2.72 7.40 -19.16
CA ASP B 49 -1.92 8.34 -19.88
C ASP B 49 -1.38 7.72 -21.20
N ILE B 50 -1.87 8.22 -22.33
CA ILE B 50 -1.41 7.80 -23.65
C ILE B 50 0.11 8.00 -23.88
N VAL B 51 0.69 9.03 -23.29
CA VAL B 51 2.12 9.26 -23.45
C VAL B 51 2.91 8.17 -22.78
N ARG B 52 2.47 7.75 -21.60
CA ARG B 52 3.06 6.59 -20.96
C ARG B 52 2.77 5.27 -21.71
N GLU B 53 1.60 5.13 -22.33
CA GLU B 53 1.32 3.90 -23.08
C GLU B 53 2.34 3.75 -24.23
N ARG B 54 2.52 4.82 -24.98
CA ARG B 54 3.50 4.88 -26.04
C ARG B 54 4.90 4.57 -25.53
N GLU B 55 5.28 5.13 -24.39
CA GLU B 55 6.58 4.81 -23.83
C GLU B 55 6.74 3.35 -23.48
N ALA B 56 5.69 2.75 -22.91
CA ALA B 56 5.78 1.33 -22.56
C ALA B 56 5.82 0.42 -23.82
N VAL B 57 5.03 0.76 -24.84
CA VAL B 57 5.09 0.06 -26.13
C VAL B 57 6.52 0.03 -26.69
N GLY B 58 7.16 1.21 -26.74
CA GLY B 58 8.51 1.33 -27.25
C GLY B 58 9.54 0.56 -26.38
N GLN B 59 9.41 0.73 -25.09
CA GLN B 59 10.23 0.00 -24.11
C GLN B 59 10.08 -1.52 -24.21
N PHE B 60 8.84 -1.98 -24.35
CA PHE B 60 8.61 -3.41 -24.43
C PHE B 60 9.11 -3.93 -25.78
N PHE B 61 8.89 -3.15 -26.85
CA PHE B 61 9.40 -3.54 -28.18
C PHE B 61 10.90 -3.63 -28.25
N GLU B 62 11.60 -2.61 -27.77
CA GLU B 62 13.06 -2.69 -27.73
C GLU B 62 13.60 -3.87 -26.92
N ARG B 63 12.84 -4.32 -25.92
CA ARG B 63 13.23 -5.44 -25.10
C ARG B 63 12.90 -6.71 -25.84
N ARG B 64 12.35 -6.54 -27.05
CA ARG B 64 11.88 -7.65 -27.87
C ARG B 64 11.02 -8.72 -27.23
N VAL B 65 9.97 -8.28 -26.55
CA VAL B 65 8.87 -9.16 -26.23
C VAL B 65 8.33 -9.76 -27.52
N ASP B 66 7.80 -10.98 -27.43
CA ASP B 66 7.19 -11.62 -28.59
C ASP B 66 5.91 -10.97 -29.09
N GLY B 67 5.27 -10.18 -28.23
CA GLY B 67 3.93 -9.66 -28.52
C GLY B 67 3.40 -8.87 -27.34
N LEU B 68 2.29 -8.15 -27.55
CA LEU B 68 1.73 -7.21 -26.59
C LEU B 68 0.29 -7.50 -26.42
N ILE B 69 -0.16 -7.54 -25.14
CA ILE B 69 -1.54 -7.42 -24.80
C ILE B 69 -1.77 -5.99 -24.27
N LEU B 70 -2.61 -5.25 -24.99
CA LEU B 70 -2.78 -3.87 -24.70
C LEU B 70 -4.25 -3.54 -24.28
N ALA B 71 -4.44 -3.08 -23.05
CA ALA B 71 -5.65 -2.40 -22.64
C ALA B 71 -5.43 -0.88 -22.89
N PRO B 72 -5.90 -0.40 -24.03
CA PRO B 72 -5.55 0.96 -24.48
C PRO B 72 -6.08 2.06 -23.55
N SER B 73 -5.32 3.12 -23.51
CA SER B 73 -5.72 4.31 -22.82
C SER B 73 -6.43 5.13 -23.84
N GLU B 74 -7.22 6.10 -23.39
CA GLU B 74 -7.94 6.97 -24.35
C GLU B 74 -6.98 7.85 -25.09
N GLY B 75 -7.02 7.86 -26.41
CA GLY B 75 -6.16 8.74 -27.25
C GLY B 75 -5.90 8.09 -28.58
N GLU B 76 -5.03 8.66 -29.41
CA GLU B 76 -4.81 8.15 -30.75
C GLU B 76 -3.92 6.89 -30.71
N HIS B 77 -4.21 5.90 -31.54
CA HIS B 77 -3.32 4.75 -31.56
C HIS B 77 -2.67 4.45 -32.91
N ASP B 78 -2.65 5.44 -33.79
CA ASP B 78 -2.02 5.33 -35.08
C ASP B 78 -0.53 5.05 -35.02
N TYR B 79 0.13 5.56 -34.00
CA TYR B 79 1.57 5.35 -33.85
C TYR B 79 1.84 3.86 -33.91
N LEU B 80 0.89 3.05 -33.43
CA LEU B 80 1.10 1.60 -33.39
C LEU B 80 1.27 1.04 -34.77
N ARG B 81 0.60 1.65 -35.70
CA ARG B 81 0.66 1.16 -37.03
C ARG B 81 1.85 1.71 -37.80
N THR B 82 2.40 2.83 -37.39
CA THR B 82 3.57 3.37 -38.10
C THR B 82 4.90 3.15 -37.41
N GLU B 83 4.91 2.89 -36.10
CA GLU B 83 6.16 2.76 -35.35
C GLU B 83 6.55 1.32 -35.10
N LEU B 84 5.77 0.39 -35.61
CA LEU B 84 6.01 -1.01 -35.28
C LEU B 84 5.98 -1.84 -36.54
N PRO B 85 6.77 -2.89 -36.59
CA PRO B 85 6.71 -3.80 -37.73
C PRO B 85 5.34 -4.42 -37.76
N LYS B 86 4.89 -4.71 -38.97
CA LYS B 86 3.58 -5.24 -39.21
C LYS B 86 3.50 -6.67 -38.68
N THR B 87 4.67 -7.23 -38.39
CA THR B 87 4.71 -8.63 -37.97
C THR B 87 4.67 -8.72 -36.41
N PHE B 88 4.75 -7.56 -35.76
CA PHE B 88 4.68 -7.52 -34.31
C PHE B 88 3.22 -7.64 -33.84
N PRO B 89 2.87 -8.78 -33.25
CA PRO B 89 1.49 -9.14 -32.88
C PRO B 89 0.95 -8.37 -31.67
N ILE B 90 -0.20 -7.74 -31.87
CA ILE B 90 -0.84 -7.02 -30.79
C ILE B 90 -2.25 -7.54 -30.61
N VAL B 91 -2.65 -7.76 -29.37
CA VAL B 91 -4.09 -7.89 -29.15
C VAL B 91 -4.56 -6.96 -28.06
N ALA B 92 -5.65 -6.24 -28.37
CA ALA B 92 -6.28 -5.31 -27.46
C ALA B 92 -7.35 -6.01 -26.60
N VAL B 93 -7.47 -5.55 -25.37
CA VAL B 93 -8.59 -5.98 -24.50
C VAL B 93 -9.44 -4.75 -24.17
N ASN B 94 -10.75 -4.99 -24.07
CA ASN B 94 -11.71 -4.07 -23.42
C ASN B 94 -12.15 -3.05 -24.45
N ARG B 95 -11.16 -2.40 -25.07
CA ARG B 95 -11.36 -1.38 -26.12
C ARG B 95 -10.58 -1.79 -27.35
N GLU B 96 -11.21 -1.71 -28.50
CA GLU B 96 -10.56 -2.14 -29.77
C GLU B 96 -9.57 -1.07 -30.30
N LEU B 97 -8.61 -1.50 -31.10
CA LEU B 97 -7.66 -0.58 -31.70
C LEU B 97 -8.12 -0.03 -33.04
N ARG B 98 -8.75 -0.88 -33.86
CA ARG B 98 -9.08 -0.46 -35.24
C ARG B 98 -7.82 -0.25 -36.04
N ILE B 99 -6.88 -1.16 -35.90
CA ILE B 99 -5.67 -1.16 -36.65
C ILE B 99 -5.60 -2.54 -37.31
N PRO B 100 -5.46 -2.55 -38.65
CA PRO B 100 -5.36 -3.80 -39.40
C PRO B 100 -4.33 -4.73 -38.77
N GLY B 101 -4.70 -6.00 -38.60
CA GLY B 101 -3.78 -6.96 -38.03
C GLY B 101 -3.81 -7.10 -36.53
N CYS B 102 -4.46 -6.17 -35.82
CA CYS B 102 -4.51 -6.21 -34.36
C CYS B 102 -5.74 -6.96 -33.91
N GLY B 103 -5.55 -7.97 -33.07
CA GLY B 103 -6.69 -8.61 -32.46
C GLY B 103 -7.38 -7.77 -31.38
N ALA B 104 -8.61 -8.17 -31.07
CA ALA B 104 -9.34 -7.64 -29.95
C ALA B 104 -10.16 -8.70 -29.26
N VAL B 105 -10.10 -8.72 -27.91
CA VAL B 105 -11.08 -9.48 -27.11
C VAL B 105 -11.92 -8.49 -26.33
N LEU B 106 -13.22 -8.48 -26.58
CA LEU B 106 -14.13 -7.46 -26.09
C LEU B 106 -15.41 -8.08 -25.53
N SER B 107 -16.13 -7.31 -24.72
CA SER B 107 -17.33 -7.84 -24.10
C SER B 107 -18.47 -7.52 -25.03
N GLU B 108 -19.57 -8.25 -24.88
CA GLU B 108 -20.81 -7.87 -25.54
C GLU B 108 -21.53 -6.71 -24.82
N ASN B 109 -21.04 -5.51 -25.02
CA ASN B 109 -21.54 -4.35 -24.27
C ASN B 109 -22.97 -3.93 -24.57
N VAL B 110 -23.31 -3.88 -25.86
CA VAL B 110 -24.66 -3.51 -26.34
C VAL B 110 -25.72 -4.38 -25.70
N ARG B 111 -25.53 -5.69 -25.80
CA ARG B 111 -26.49 -6.67 -25.29
C ARG B 111 -26.61 -6.58 -23.76
N GLY B 112 -25.47 -6.46 -23.09
CA GLY B 112 -25.54 -6.42 -21.65
C GLY B 112 -26.32 -5.22 -21.14
N ALA B 113 -26.04 -4.08 -21.71
CA ALA B 113 -26.69 -2.80 -21.33
C ALA B 113 -28.21 -2.85 -21.65
N ARG B 114 -28.56 -3.28 -22.85
CA ARG B 114 -29.98 -3.45 -23.21
C ARG B 114 -30.75 -4.37 -22.24
N THR B 115 -30.07 -5.44 -21.78
CA THR B 115 -30.66 -6.38 -20.81
C THR B 115 -30.83 -5.74 -19.47
N ALA B 116 -29.88 -4.87 -19.11
CA ALA B 116 -29.92 -4.31 -17.76
C ALA B 116 -31.05 -3.30 -17.69
N VAL B 117 -31.20 -2.54 -18.77
CA VAL B 117 -32.18 -1.47 -18.87
C VAL B 117 -33.59 -2.01 -19.05
N GLU B 118 -33.73 -3.09 -19.81
CA GLU B 118 -35.02 -3.77 -19.87
C GLU B 118 -35.49 -4.20 -18.49
N TYR B 119 -34.54 -4.65 -17.67
CA TYR B 119 -34.87 -5.11 -16.34
C TYR B 119 -35.47 -4.00 -15.58
N LEU B 120 -34.91 -2.80 -15.70
CA LEU B 120 -35.41 -1.58 -15.04
C LEU B 120 -36.78 -1.20 -15.57
N ILE B 121 -36.95 -1.33 -16.89
CA ILE B 121 -38.23 -1.03 -17.55
C ILE B 121 -39.29 -2.02 -17.09
N ALA B 122 -38.93 -3.29 -17.00
CA ALA B 122 -39.86 -4.28 -16.47
C ALA B 122 -40.24 -4.01 -15.00
N ARG B 123 -39.41 -3.28 -14.27
CA ARG B 123 -39.76 -2.94 -12.89
C ARG B 123 -40.72 -1.76 -12.84
N GLY B 124 -40.96 -1.09 -13.98
CA GLY B 124 -41.84 0.06 -13.95
C GLY B 124 -41.15 1.42 -13.95
N HIS B 125 -39.89 1.48 -14.40
CA HIS B 125 -39.21 2.77 -14.59
C HIS B 125 -39.49 3.29 -16.01
N THR B 126 -39.77 4.60 -16.11
CA THR B 126 -39.94 5.22 -17.42
C THR B 126 -38.95 6.39 -17.58
N ARG B 127 -38.69 7.11 -16.51
CA ARG B 127 -37.62 8.09 -16.52
C ARG B 127 -36.28 7.39 -16.20
N ILE B 128 -35.55 7.01 -17.25
CA ILE B 128 -34.33 6.22 -17.04
C ILE B 128 -33.15 6.93 -17.68
N GLY B 129 -32.08 7.09 -16.89
CA GLY B 129 -30.91 7.77 -17.42
C GLY B 129 -29.72 6.85 -17.52
N ALA B 130 -28.60 7.41 -17.97
CA ALA B 130 -27.38 6.67 -18.10
C ALA B 130 -26.20 7.61 -17.86
N ILE B 131 -25.32 7.19 -16.97
CA ILE B 131 -24.05 7.84 -16.69
C ILE B 131 -22.97 6.91 -17.19
N VAL B 132 -22.23 7.41 -18.14
CA VAL B 132 -21.11 6.62 -18.67
C VAL B 132 -19.79 7.32 -18.37
N GLY B 133 -18.69 6.61 -18.61
CA GLY B 133 -17.37 7.21 -18.54
C GLY B 133 -17.11 8.07 -19.76
N SER B 134 -15.84 8.35 -20.05
CA SER B 134 -15.49 9.19 -21.20
C SER B 134 -16.31 8.89 -22.44
N ALA B 135 -16.99 9.89 -22.95
CA ALA B 135 -17.89 9.74 -24.12
C ALA B 135 -17.26 9.16 -25.37
N GLY B 136 -15.96 9.34 -25.57
CA GLY B 136 -15.35 8.83 -26.82
C GLY B 136 -15.03 7.36 -26.88
N LEU B 137 -14.97 6.71 -25.71
CA LEU B 137 -14.59 5.29 -25.63
C LEU B 137 -15.55 4.35 -26.33
N MET B 138 -15.03 3.22 -26.78
CA MET B 138 -15.83 2.16 -27.42
C MET B 138 -16.80 1.64 -26.41
N THR B 139 -16.30 1.39 -25.19
CA THR B 139 -17.18 0.85 -24.15
C THR B 139 -18.36 1.81 -23.81
N SER B 140 -18.06 3.08 -23.51
CA SER B 140 -19.11 4.06 -23.25
C SER B 140 -20.11 4.12 -24.44
N ARG B 141 -19.56 4.13 -25.65
CA ARG B 141 -20.39 4.29 -26.83
C ARG B 141 -21.36 3.09 -26.94
N GLU B 142 -20.83 1.87 -26.83
CA GLU B 142 -21.65 0.64 -26.97
C GLU B 142 -22.65 0.44 -25.83
N ARG B 143 -22.26 0.87 -24.62
CA ARG B 143 -23.16 0.69 -23.47
C ARG B 143 -24.34 1.66 -23.59
N LEU B 144 -24.02 2.87 -24.05
CA LEU B 144 -25.03 3.89 -24.33
C LEU B 144 -26.01 3.47 -25.43
N LYS B 145 -25.46 2.86 -26.47
CA LYS B 145 -26.23 2.29 -27.56
C LYS B 145 -27.24 1.20 -27.12
N GLY B 146 -26.81 0.31 -26.21
CA GLY B 146 -27.68 -0.70 -25.62
C GLY B 146 -28.81 -0.06 -24.84
N PHE B 147 -28.48 0.98 -24.11
CA PHE B 147 -29.49 1.77 -23.39
C PHE B 147 -30.58 2.31 -24.31
N ARG B 148 -30.16 2.90 -25.44
CA ARG B 148 -31.04 3.56 -26.35
C ARG B 148 -31.96 2.54 -27.01
N ALA B 149 -31.38 1.40 -27.36
CA ALA B 149 -32.13 0.33 -28.04
C ALA B 149 -33.21 -0.23 -27.12
N ALA B 150 -32.91 -0.38 -25.82
CA ALA B 150 -33.92 -0.92 -24.88
C ALA B 150 -35.05 0.08 -24.78
N MET B 151 -34.70 1.36 -24.64
CA MET B 151 -35.70 2.38 -24.43
C MET B 151 -36.58 2.52 -25.68
N SER B 152 -35.92 2.46 -26.82
CA SER B 152 -36.58 2.58 -28.11
C SER B 152 -37.63 1.47 -28.30
N ALA B 153 -37.23 0.24 -27.98
CA ALA B 153 -38.08 -0.95 -28.20
C ALA B 153 -39.29 -0.90 -27.28
N ALA B 154 -39.13 -0.22 -26.15
CA ALA B 154 -40.21 -0.11 -25.16
C ALA B 154 -41.08 1.11 -25.45
N GLY B 155 -40.63 1.92 -26.39
CA GLY B 155 -41.38 3.09 -26.78
C GLY B 155 -41.26 4.20 -25.75
N LEU B 156 -40.18 4.17 -25.00
CA LEU B 156 -39.92 5.18 -23.98
C LEU B 156 -38.95 6.23 -24.55
N PRO B 157 -39.33 7.51 -24.50
CA PRO B 157 -38.51 8.60 -24.99
C PRO B 157 -37.36 8.86 -24.04
N VAL B 158 -36.24 9.34 -24.57
CA VAL B 158 -35.12 9.60 -23.71
C VAL B 158 -34.61 11.02 -23.89
N ARG B 159 -34.66 11.78 -22.80
CA ARG B 159 -34.12 13.10 -22.78
C ARG B 159 -32.61 13.06 -22.63
N GLN B 160 -31.92 13.78 -23.52
CA GLN B 160 -30.47 13.93 -23.52
C GLN B 160 -29.95 14.40 -22.17
N GLU B 161 -30.74 15.20 -21.47
CA GLU B 161 -30.30 15.66 -20.15
C GLU B 161 -30.25 14.52 -19.12
N TRP B 162 -30.65 13.34 -19.55
CA TRP B 162 -30.64 12.17 -18.69
C TRP B 162 -29.31 11.39 -18.86
N ILE B 163 -28.54 11.76 -19.87
CA ILE B 163 -27.32 11.11 -20.23
C ILE B 163 -26.16 11.98 -19.76
N ALA B 164 -25.14 11.38 -19.18
CA ALA B 164 -23.93 12.09 -18.78
C ALA B 164 -22.73 11.20 -19.04
N ALA B 165 -21.59 11.80 -19.34
CA ALA B 165 -20.42 11.09 -19.84
C ALA B 165 -19.26 11.51 -18.99
N ASN B 172 -15.17 9.58 -12.42
CA ASN B 172 -16.12 8.94 -11.50
C ASN B 172 -17.52 9.08 -12.07
N GLY B 173 -17.75 10.26 -12.62
CA GLY B 173 -19.08 10.64 -13.09
C GLY B 173 -19.99 11.01 -11.91
N ARG B 174 -19.42 11.39 -10.77
CA ARG B 174 -20.26 11.97 -9.71
C ARG B 174 -20.89 13.26 -10.20
N ASP B 175 -20.09 14.14 -10.79
CA ASP B 175 -20.56 15.42 -11.26
C ASP B 175 -21.65 15.22 -12.34
N GLY B 176 -21.44 14.23 -13.17
CA GLY B 176 -22.37 13.89 -14.20
C GLY B 176 -23.65 13.45 -13.54
N ALA B 177 -23.53 12.53 -12.57
CA ALA B 177 -24.69 12.00 -11.89
C ALA B 177 -25.49 13.14 -11.21
N ILE B 178 -24.75 13.94 -10.45
CA ILE B 178 -25.28 15.12 -9.80
C ILE B 178 -26.02 16.00 -10.80
N LYS B 179 -25.46 16.22 -11.97
CA LYS B 179 -26.16 16.98 -13.01
C LYS B 179 -27.43 16.34 -13.56
N VAL B 180 -27.38 15.08 -13.98
CA VAL B 180 -28.60 14.45 -14.44
C VAL B 180 -29.66 14.26 -13.38
N LEU B 181 -29.23 14.10 -12.11
CA LEU B 181 -30.23 13.92 -11.04
C LEU B 181 -30.82 15.23 -10.46
N THR B 182 -30.31 16.39 -10.86
CA THR B 182 -30.91 17.64 -10.39
C THR B 182 -31.73 18.28 -11.49
N GLY B 183 -32.07 17.48 -12.51
CA GLY B 183 -32.86 17.98 -13.64
C GLY B 183 -34.31 18.20 -13.26
N ASP B 185 -37.25 16.86 -14.85
CA ASP B 185 -37.88 15.55 -14.67
C ASP B 185 -36.84 14.45 -14.43
N ARG B 186 -36.13 14.52 -13.32
CA ARG B 186 -35.02 13.58 -13.09
C ARG B 186 -35.42 12.10 -13.17
N PRO B 187 -34.50 11.24 -13.64
CA PRO B 187 -34.79 9.80 -13.74
C PRO B 187 -35.00 9.12 -12.37
N THR B 188 -35.68 7.97 -12.36
CA THR B 188 -35.85 7.23 -11.15
C THR B 188 -34.86 6.08 -11.23
N ALA B 189 -34.19 5.95 -12.35
CA ALA B 189 -33.30 4.82 -12.58
C ALA B 189 -32.12 5.24 -13.46
N LEU B 190 -30.99 4.58 -13.27
CA LEU B 190 -29.76 4.90 -14.01
C LEU B 190 -29.16 3.59 -14.46
N LEU B 191 -28.64 3.56 -15.67
CA LEU B 191 -27.61 2.59 -15.98
C LEU B 191 -26.25 3.26 -15.78
N THR B 192 -25.37 2.59 -15.04
CA THR B 192 -24.01 3.08 -14.88
C THR B 192 -23.08 2.16 -15.64
N SER B 193 -22.05 2.71 -16.28
CA SER B 193 -21.28 1.88 -17.23
C SER B 193 -20.11 1.09 -16.60
N SER B 194 -19.82 1.34 -15.32
CA SER B 194 -18.84 0.50 -14.62
C SER B 194 -18.94 0.69 -13.09
N HIS B 195 -18.26 -0.16 -12.34
CA HIS B 195 -18.28 -0.07 -10.88
C HIS B 195 -17.77 1.28 -10.40
N ARG B 196 -16.78 1.85 -11.08
CA ARG B 196 -16.21 3.13 -10.64
C ARG B 196 -17.16 4.33 -10.85
N ILE B 197 -17.91 4.28 -11.94
CA ILE B 197 -18.98 5.24 -12.17
C ILE B 197 -20.14 5.01 -11.20
N THR B 198 -20.34 3.74 -10.80
CA THR B 198 -21.42 3.41 -9.89
C THR B 198 -21.06 3.99 -8.55
N GLU B 199 -19.76 3.95 -8.22
CA GLU B 199 -19.30 4.67 -7.03
C GLU B 199 -19.65 6.17 -7.07
N GLY B 200 -19.42 6.81 -8.21
CA GLY B 200 -19.67 8.27 -8.32
C GLY B 200 -21.15 8.60 -8.28
N ALA B 201 -21.96 7.74 -8.89
CA ALA B 201 -23.43 7.86 -8.76
C ALA B 201 -23.90 7.73 -7.30
N MET B 202 -23.36 6.77 -6.55
CA MET B 202 -23.70 6.62 -5.15
C MET B 202 -23.28 7.86 -4.34
N GLN B 203 -22.15 8.45 -4.74
CA GLN B 203 -21.68 9.67 -4.10
C GLN B 203 -22.64 10.85 -4.42
N ALA B 204 -23.12 10.88 -5.64
CA ALA B 204 -24.04 11.95 -6.06
C ALA B 204 -25.33 11.87 -5.29
N LEU B 205 -25.83 10.66 -5.02
CA LEU B 205 -27.11 10.51 -4.35
C LEU B 205 -26.97 11.24 -3.01
N ASN B 206 -26.03 10.82 -2.19
CA ASN B 206 -26.04 11.49 -0.90
C ASN B 206 -25.44 12.91 -0.85
N VAL B 207 -24.87 13.36 -1.95
CA VAL B 207 -24.57 14.77 -2.07
C VAL B 207 -25.90 15.50 -2.21
N LEU B 208 -26.81 14.88 -2.95
CA LEU B 208 -28.11 15.50 -3.28
C LEU B 208 -29.18 15.11 -2.25
N GLY B 209 -28.79 14.32 -1.25
CA GLY B 209 -29.76 13.87 -0.24
C GLY B 209 -30.79 12.88 -0.78
N LEU B 210 -30.49 12.22 -1.90
CA LEU B 210 -31.42 11.26 -2.50
C LEU B 210 -31.20 9.84 -1.99
N ARG B 211 -32.15 8.92 -2.24
CA ARG B 211 -32.04 7.59 -1.60
C ARG B 211 -31.92 6.44 -2.61
N TYR B 212 -30.73 5.86 -2.67
CA TYR B 212 -30.56 4.69 -3.48
C TYR B 212 -31.70 3.75 -3.15
N GLY B 213 -32.45 3.30 -4.16
CA GLY B 213 -33.67 2.52 -3.91
C GLY B 213 -34.90 3.34 -4.27
N PRO B 214 -35.61 3.85 -3.26
CA PRO B 214 -36.89 4.62 -3.41
C PRO B 214 -36.79 5.82 -4.34
N ASP B 215 -35.70 6.58 -4.27
CA ASP B 215 -35.56 7.75 -5.14
C ASP B 215 -34.88 7.39 -6.46
N VAL B 216 -33.85 6.51 -6.41
CA VAL B 216 -33.11 6.13 -7.64
C VAL B 216 -32.70 4.66 -7.63
N GLU B 217 -33.09 3.90 -8.64
CA GLU B 217 -32.48 2.58 -8.80
C GLU B 217 -31.25 2.60 -9.75
N ILE B 218 -30.36 1.62 -9.59
CA ILE B 218 -29.15 1.53 -10.41
C ILE B 218 -28.81 0.12 -10.95
N VAL B 219 -28.60 -0.02 -12.25
CA VAL B 219 -28.02 -1.25 -12.76
C VAL B 219 -26.62 -0.90 -13.20
N SER B 220 -25.63 -1.70 -12.87
CA SER B 220 -24.25 -1.37 -13.23
C SER B 220 -23.58 -2.49 -14.01
N PHE B 221 -22.48 -2.18 -14.70
CA PHE B 221 -21.59 -3.21 -15.23
C PHE B 221 -20.59 -3.52 -14.09
N ASP B 222 -20.05 -4.75 -14.11
CA ASP B 222 -18.99 -5.20 -13.22
C ASP B 222 -19.61 -5.75 -11.95
N ASN B 223 -19.29 -7.00 -11.64
CA ASN B 223 -19.90 -7.67 -10.53
C ASN B 223 -18.99 -7.63 -9.30
N LEU B 224 -19.19 -6.62 -8.45
CA LEU B 224 -18.46 -6.45 -7.20
C LEU B 224 -19.33 -6.91 -6.03
N PRO B 225 -18.77 -7.69 -5.09
CA PRO B 225 -19.51 -8.13 -3.88
C PRO B 225 -20.23 -7.05 -3.08
N TRP B 226 -19.68 -5.85 -3.00
CA TRP B 226 -20.36 -4.85 -2.21
C TRP B 226 -21.73 -4.44 -2.75
N MET B 227 -21.89 -4.46 -4.05
CA MET B 227 -23.19 -4.23 -4.72
C MET B 227 -24.32 -5.13 -4.21
N ALA B 228 -23.99 -6.32 -3.73
CA ALA B 228 -24.99 -7.22 -3.13
C ALA B 228 -25.38 -6.87 -1.68
N PHE B 229 -24.77 -5.83 -1.09
CA PHE B 229 -24.98 -5.61 0.31
C PHE B 229 -25.99 -4.54 0.44
N LEU B 230 -26.31 -3.87 -0.66
CA LEU B 230 -27.21 -2.73 -0.66
C LEU B 230 -28.61 -3.25 -0.61
N ASP B 231 -29.55 -2.37 -0.31
CA ASP B 231 -30.95 -2.74 -0.31
C ASP B 231 -31.71 -1.77 -1.16
N PRO B 232 -32.22 -2.24 -2.31
CA PRO B 232 -32.05 -3.61 -2.76
C PRO B 232 -30.61 -3.88 -3.29
N PRO B 233 -30.20 -5.15 -3.35
CA PRO B 233 -28.97 -5.47 -4.12
C PRO B 233 -28.92 -4.85 -5.54
N LEU B 234 -27.74 -4.33 -5.87
CA LEU B 234 -27.55 -3.66 -7.13
C LEU B 234 -27.48 -4.72 -8.22
N PRO B 235 -28.43 -4.75 -9.15
CA PRO B 235 -28.21 -5.69 -10.28
C PRO B 235 -27.05 -5.28 -11.20
N VAL B 236 -26.28 -6.24 -11.69
CA VAL B 236 -25.08 -5.97 -12.43
C VAL B 236 -24.90 -6.79 -13.67
N VAL B 237 -24.22 -6.19 -14.63
CA VAL B 237 -23.79 -7.00 -15.76
C VAL B 237 -22.34 -7.42 -15.55
N GLU B 238 -22.16 -8.72 -15.38
CA GLU B 238 -20.86 -9.27 -15.03
C GLU B 238 -20.13 -9.42 -16.34
N GLN B 239 -18.87 -9.01 -16.32
CA GLN B 239 -17.99 -9.22 -17.44
C GLN B 239 -17.08 -10.40 -17.18
N PRO B 240 -16.79 -11.22 -18.20
CA PRO B 240 -15.92 -12.40 -18.00
C PRO B 240 -14.47 -11.96 -18.05
N THR B 241 -14.10 -11.18 -17.04
CA THR B 241 -12.74 -10.54 -16.98
C THR B 241 -11.61 -11.51 -17.14
N ARG B 242 -11.61 -12.63 -16.46
CA ARG B 242 -10.42 -13.52 -16.50
C ARG B 242 -10.36 -14.19 -17.85
N ARG B 243 -11.53 -14.49 -18.40
CA ARG B 243 -11.62 -15.11 -19.71
C ARG B 243 -11.14 -14.14 -20.83
N ILE B 244 -11.45 -12.85 -20.71
CA ILE B 244 -10.93 -11.83 -21.60
C ILE B 244 -9.40 -11.93 -21.58
N GLY B 245 -8.82 -11.96 -20.37
CA GLY B 245 -7.35 -12.08 -20.25
C GLY B 245 -6.76 -13.36 -20.85
N GLN B 246 -7.36 -14.47 -20.50
CA GLN B 246 -6.97 -15.81 -20.97
C GLN B 246 -7.09 -15.94 -22.50
N GLU B 247 -8.18 -15.45 -23.08
CA GLU B 247 -8.37 -15.46 -24.55
C GLU B 247 -7.44 -14.49 -25.28
N ALA B 248 -7.06 -13.39 -24.63
CA ALA B 248 -6.20 -12.47 -25.36
C ALA B 248 -4.83 -13.12 -25.50
N MET B 249 -4.43 -13.75 -24.42
CA MET B 249 -3.16 -14.43 -24.37
C MET B 249 -3.17 -15.63 -25.31
N ARG B 250 -4.26 -16.43 -25.32
CA ARG B 250 -4.41 -17.48 -26.32
C ARG B 250 -4.33 -16.96 -27.77
N MET B 251 -5.05 -15.88 -28.09
CA MET B 251 -4.94 -15.32 -29.45
C MET B 251 -3.51 -14.74 -29.72
N LEU B 252 -2.87 -14.19 -28.70
CA LEU B 252 -1.53 -13.61 -28.92
C LEU B 252 -0.50 -14.70 -29.17
N ILE B 253 -0.67 -15.81 -28.46
CA ILE B 253 0.21 -16.93 -28.59
C ILE B 253 0.12 -17.60 -29.97
N HIS B 254 -1.10 -17.81 -30.46
CA HIS B 254 -1.38 -18.25 -31.85
C HIS B 254 -0.73 -17.36 -32.86
N MET B 255 -0.86 -16.05 -32.70
CA MET B 255 -0.19 -15.10 -33.61
C MET B 255 1.35 -15.25 -33.54
N ILE B 256 1.89 -15.41 -32.34
CA ILE B 256 3.38 -15.47 -32.18
C ILE B 256 3.97 -16.74 -32.79
N GLU B 257 3.26 -17.85 -32.60
CA GLU B 257 3.80 -19.18 -32.94
C GLU B 257 3.29 -19.56 -34.32
N GLY B 258 2.46 -18.68 -34.90
CA GLY B 258 2.05 -18.87 -36.30
C GLY B 258 1.03 -19.97 -36.47
N THR B 259 0.19 -20.19 -35.45
CA THR B 259 -0.82 -21.23 -35.47
C THR B 259 -2.21 -20.68 -35.55
N GLY B 260 -2.31 -19.37 -35.71
CA GLY B 260 -3.62 -18.70 -35.73
C GLY B 260 -3.60 -17.21 -36.10
N ASN B 261 -4.77 -16.65 -36.33
CA ASN B 261 -4.85 -15.27 -36.73
C ASN B 261 -5.42 -14.32 -35.64
N ALA B 262 -5.15 -13.02 -35.82
CA ALA B 262 -5.80 -11.99 -35.04
C ALA B 262 -7.25 -11.90 -35.46
N THR B 263 -8.10 -11.67 -34.49
CA THR B 263 -9.53 -11.48 -34.82
C THR B 263 -10.18 -10.62 -33.73
N GLU B 264 -11.43 -10.21 -33.95
CA GLU B 264 -12.28 -9.60 -32.93
C GLU B 264 -13.19 -10.63 -32.30
N MET B 265 -13.01 -10.87 -31.03
CA MET B 265 -13.73 -11.86 -30.27
C MET B 265 -14.62 -11.09 -29.32
N ARG B 266 -15.91 -11.46 -29.29
CA ARG B 266 -16.86 -10.87 -28.40
C ARG B 266 -17.23 -11.89 -27.38
N LEU B 267 -17.00 -11.58 -26.10
CA LEU B 267 -17.30 -12.54 -25.04
C LEU B 267 -18.57 -12.22 -24.30
N GLN B 268 -19.35 -13.27 -24.00
CA GLN B 268 -20.64 -13.16 -23.29
C GLN B 268 -20.55 -12.48 -21.94
N THR B 269 -21.52 -11.61 -21.66
CA THR B 269 -21.68 -11.13 -20.30
C THR B 269 -22.89 -11.80 -19.71
N ARG B 270 -23.06 -11.72 -18.40
CA ARG B 270 -24.24 -12.28 -17.79
C ARG B 270 -24.82 -11.34 -16.76
N PHE B 271 -26.14 -11.20 -16.82
CA PHE B 271 -26.88 -10.31 -15.98
C PHE B 271 -27.17 -11.01 -14.64
N VAL B 272 -26.71 -10.41 -13.56
CA VAL B 272 -26.91 -10.93 -12.20
C VAL B 272 -27.88 -10.04 -11.39
N THR B 273 -29.00 -10.62 -10.94
CA THR B 273 -29.98 -9.84 -10.21
C THR B 273 -29.94 -10.09 -8.71
N HIS B 274 -29.37 -11.23 -8.29
CA HIS B 274 -29.05 -11.44 -6.84
C HIS B 274 -30.30 -11.79 -6.04
N ARG C 7 -27.78 22.90 -47.93
CA ARG C 7 -29.10 23.62 -47.99
C ARG C 7 -29.23 24.67 -46.90
N SER C 8 -28.49 24.55 -45.80
CA SER C 8 -28.53 25.67 -44.82
C SER C 8 -27.49 26.76 -45.15
N ASN C 9 -26.45 26.41 -45.91
CA ASN C 9 -25.36 27.31 -46.20
C ASN C 9 -24.54 27.77 -45.00
N VAL C 10 -24.44 26.90 -43.99
CA VAL C 10 -23.58 27.15 -42.87
C VAL C 10 -22.65 26.00 -42.72
N VAL C 11 -21.41 26.28 -42.48
CA VAL C 11 -20.48 25.22 -42.30
C VAL C 11 -19.86 25.34 -40.87
N GLY C 12 -19.57 24.23 -40.25
CA GLY C 12 -18.94 24.22 -38.93
C GLY C 12 -17.43 24.19 -39.13
N LEU C 13 -16.70 25.07 -38.44
CA LEU C 13 -15.22 25.07 -38.46
C LEU C 13 -14.82 24.90 -37.00
N ILE C 14 -14.20 23.75 -36.75
CA ILE C 14 -13.70 23.44 -35.47
C ILE C 14 -12.16 23.31 -35.51
N VAL C 15 -11.50 24.09 -34.67
CA VAL C 15 -10.06 24.29 -34.77
C VAL C 15 -9.45 23.98 -33.40
N SER C 16 -8.36 23.24 -33.42
CA SER C 16 -7.72 22.85 -32.20
C SER C 16 -7.09 24.00 -31.42
N ASP C 17 -6.71 25.08 -32.08
CA ASP C 17 -6.10 26.24 -31.37
C ASP C 17 -6.08 27.50 -32.23
N ILE C 18 -7.18 28.22 -32.23
CA ILE C 18 -7.30 29.47 -33.01
C ILE C 18 -6.16 30.52 -32.66
N GLU C 19 -5.66 30.51 -31.42
CA GLU C 19 -4.59 31.45 -30.97
C GLU C 19 -3.22 31.19 -31.64
N ASN C 20 -3.02 29.98 -32.14
CA ASN C 20 -1.89 29.61 -32.95
C ASN C 20 -2.10 30.14 -34.35
N VAL C 21 -1.14 30.92 -34.82
CA VAL C 21 -1.26 31.61 -36.09
C VAL C 21 -1.36 30.64 -37.28
N PHE C 22 -0.87 29.42 -37.15
CA PHE C 22 -1.14 28.39 -38.20
C PHE C 22 -2.63 28.27 -38.47
N PHE C 23 -3.40 27.93 -37.44
CA PHE C 23 -4.86 27.76 -37.54
C PHE C 23 -5.67 29.02 -37.91
N ALA C 24 -5.19 30.15 -37.43
CA ALA C 24 -5.84 31.37 -37.71
C ALA C 24 -5.78 31.62 -39.23
N GLU C 25 -4.64 31.34 -39.86
CA GLU C 25 -4.46 31.57 -41.27
C GLU C 25 -5.30 30.54 -42.07
N VAL C 26 -5.35 29.28 -41.59
CA VAL C 26 -6.19 28.25 -42.19
C VAL C 26 -7.62 28.67 -42.17
N ALA C 27 -8.05 29.21 -41.03
CA ALA C 27 -9.40 29.72 -40.83
C ALA C 27 -9.71 30.91 -41.80
N SER C 28 -8.74 31.78 -42.04
CA SER C 28 -8.87 32.87 -43.00
C SER C 28 -9.13 32.33 -44.43
N GLY C 29 -8.41 31.31 -44.83
CA GLY C 29 -8.65 30.64 -46.13
C GLY C 29 -10.02 29.98 -46.26
N VAL C 30 -10.47 29.30 -45.19
CA VAL C 30 -11.82 28.73 -45.12
C VAL C 30 -12.87 29.82 -45.21
N GLU C 31 -12.72 30.84 -44.37
CA GLU C 31 -13.72 31.91 -44.38
C GLU C 31 -13.83 32.66 -45.69
N SER C 32 -12.71 32.90 -46.32
CA SER C 32 -12.64 33.50 -47.62
C SER C 32 -13.30 32.69 -48.74
N GLU C 33 -13.04 31.37 -48.75
CA GLU C 33 -13.64 30.53 -49.73
C GLU C 33 -15.17 30.43 -49.49
N ALA C 34 -15.57 30.17 -48.24
CA ALA C 34 -16.97 30.07 -47.87
C ALA C 34 -17.80 31.31 -48.27
N ARG C 35 -17.27 32.46 -47.90
CA ARG C 35 -17.87 33.71 -48.23
C ARG C 35 -18.08 33.91 -49.76
N HIS C 36 -17.07 33.62 -50.57
CA HIS C 36 -17.22 33.79 -52.00
C HIS C 36 -18.24 32.80 -52.63
N LYS C 37 -18.58 31.71 -51.94
CA LYS C 37 -19.55 30.77 -52.40
C LYS C 37 -20.83 30.95 -51.65
N GLY C 38 -20.91 32.01 -50.84
CA GLY C 38 -22.13 32.26 -50.10
C GLY C 38 -22.45 31.39 -48.88
N TYR C 39 -21.45 30.76 -48.27
CA TYR C 39 -21.67 30.01 -47.02
C TYR C 39 -21.24 30.85 -45.82
N SER C 40 -21.85 30.56 -44.68
CA SER C 40 -21.44 31.14 -43.45
C SER C 40 -20.63 30.18 -42.66
N VAL C 41 -19.85 30.73 -41.72
CA VAL C 41 -18.93 29.97 -40.93
C VAL C 41 -19.13 30.07 -39.39
N LEU C 42 -19.50 28.95 -38.79
CA LEU C 42 -19.63 28.85 -37.34
C LEU C 42 -18.27 28.44 -36.77
N LEU C 43 -17.80 29.16 -35.76
CA LEU C 43 -16.45 28.90 -35.31
C LEU C 43 -16.43 28.31 -33.93
N ALA C 44 -15.67 27.23 -33.72
CA ALA C 44 -15.40 26.75 -32.38
C ALA C 44 -13.92 26.52 -32.21
N ASN C 45 -13.42 26.78 -31.03
CA ASN C 45 -12.02 26.62 -30.67
C ASN C 45 -11.92 25.64 -29.49
N THR C 46 -11.10 24.61 -29.60
CA THR C 46 -11.13 23.51 -28.62
C THR C 46 -9.99 23.62 -27.65
N ALA C 47 -8.99 24.43 -28.00
CA ALA C 47 -7.78 24.53 -27.18
C ALA C 47 -7.26 23.13 -26.86
N GLU C 48 -7.18 22.32 -27.90
CA GLU C 48 -6.58 20.98 -27.86
C GLU C 48 -7.28 20.00 -26.88
N ASP C 49 -8.55 20.25 -26.57
CA ASP C 49 -9.31 19.39 -25.70
C ASP C 49 -10.29 18.60 -26.55
N ILE C 50 -10.07 17.28 -26.61
CA ILE C 50 -10.94 16.37 -27.37
C ILE C 50 -12.38 16.34 -26.81
N VAL C 51 -12.56 16.62 -25.53
CA VAL C 51 -13.91 16.65 -24.97
C VAL C 51 -14.68 17.86 -25.49
N ARG C 52 -13.96 18.96 -25.60
CA ARG C 52 -14.55 20.11 -26.25
C ARG C 52 -14.74 19.90 -27.76
N GLU C 53 -13.88 19.12 -28.41
CA GLU C 53 -14.08 18.91 -29.84
C GLU C 53 -15.42 18.20 -30.03
N ARG C 54 -15.60 17.12 -29.26
CA ARG C 54 -16.79 16.30 -29.32
C ARG C 54 -18.07 17.09 -29.03
N GLU C 55 -18.00 18.02 -28.10
CA GLU C 55 -19.15 18.89 -27.82
C GLU C 55 -19.45 19.81 -29.01
N ALA C 56 -18.41 20.45 -29.58
CA ALA C 56 -18.66 21.33 -30.70
C ALA C 56 -19.27 20.56 -31.91
N VAL C 57 -18.77 19.35 -32.16
CA VAL C 57 -19.24 18.53 -33.28
C VAL C 57 -20.76 18.27 -33.10
N GLY C 58 -21.11 17.82 -31.89
CA GLY C 58 -22.54 17.62 -31.56
C GLY C 58 -23.36 18.93 -31.63
N GLN C 59 -22.81 19.98 -31.06
CA GLN C 59 -23.40 21.29 -31.15
C GLN C 59 -23.72 21.67 -32.61
N PHE C 60 -22.69 21.56 -33.46
CA PHE C 60 -22.77 22.06 -34.82
C PHE C 60 -23.74 21.13 -35.64
N PHE C 61 -23.57 19.82 -35.50
CA PHE C 61 -24.54 18.87 -36.04
C PHE C 61 -26.01 19.19 -35.72
N GLU C 62 -26.36 19.30 -34.44
CA GLU C 62 -27.73 19.64 -34.09
C GLU C 62 -28.19 20.98 -34.68
N ARG C 63 -27.24 21.90 -34.94
CA ARG C 63 -27.60 23.17 -35.54
C ARG C 63 -27.75 22.96 -37.04
N ARG C 64 -27.57 21.70 -37.45
CA ARG C 64 -27.53 21.31 -38.85
C ARG C 64 -26.78 22.22 -39.75
N VAL C 65 -25.48 22.37 -39.48
CA VAL C 65 -24.51 22.84 -40.47
C VAL C 65 -24.49 21.79 -41.60
N ASP C 66 -24.27 22.28 -42.82
CA ASP C 66 -24.14 21.40 -44.00
C ASP C 66 -22.96 20.42 -43.89
N GLY C 67 -21.91 20.82 -43.17
CA GLY C 67 -20.67 20.07 -43.16
C GLY C 67 -19.70 20.62 -42.13
N LEU C 68 -18.60 19.91 -41.90
CA LEU C 68 -17.58 20.32 -40.95
C LEU C 68 -16.19 20.40 -41.58
N ILE C 69 -15.45 21.47 -41.27
CA ILE C 69 -14.03 21.51 -41.40
C ILE C 69 -13.46 21.34 -40.03
N LEU C 70 -12.67 20.27 -39.87
CA LEU C 70 -12.16 19.93 -38.54
C LEU C 70 -10.65 19.93 -38.55
N ALA C 71 -10.04 20.75 -37.69
CA ALA C 71 -8.61 20.60 -37.39
C ALA C 71 -8.58 19.87 -36.09
N PRO C 72 -8.33 18.55 -36.12
CA PRO C 72 -8.56 17.63 -34.97
C PRO C 72 -7.61 17.85 -33.81
N SER C 73 -8.16 17.75 -32.61
CA SER C 73 -7.37 17.74 -31.40
C SER C 73 -6.77 16.33 -31.27
N GLU C 74 -5.73 16.19 -30.46
CA GLU C 74 -5.15 14.83 -30.23
C GLU C 74 -6.14 14.03 -29.39
N GLY C 75 -6.42 12.80 -29.79
CA GLY C 75 -7.33 11.90 -29.09
C GLY C 75 -8.03 11.01 -30.09
N GLU C 76 -8.98 10.19 -29.63
CA GLU C 76 -9.71 9.23 -30.48
C GLU C 76 -10.79 9.94 -31.31
N HIS C 77 -10.98 9.50 -32.56
CA HIS C 77 -12.01 10.17 -33.36
C HIS C 77 -13.03 9.23 -33.95
N ASP C 78 -13.08 8.05 -33.38
CA ASP C 78 -14.07 7.03 -33.70
C ASP C 78 -15.49 7.45 -33.50
N TYR C 79 -15.75 8.20 -32.44
CA TYR C 79 -17.06 8.78 -32.22
C TYR C 79 -17.63 9.43 -33.49
N LEU C 80 -16.76 9.93 -34.35
CA LEU C 80 -17.24 10.65 -35.53
C LEU C 80 -17.89 9.70 -36.49
N ARG C 81 -17.39 8.47 -36.47
CA ARG C 81 -17.88 7.45 -37.32
C ARG C 81 -19.13 6.81 -36.77
N THR C 82 -19.38 6.92 -35.46
CA THR C 82 -20.55 6.22 -34.91
C THR C 82 -21.69 7.11 -34.45
N GLU C 83 -21.38 8.39 -34.23
CA GLU C 83 -22.36 9.34 -33.75
C GLU C 83 -22.90 10.20 -34.88
N LEU C 84 -22.42 10.00 -36.10
CA LEU C 84 -22.82 10.88 -37.18
C LEU C 84 -23.30 10.10 -38.37
N PRO C 85 -24.27 10.67 -39.09
CA PRO C 85 -24.69 10.04 -40.34
C PRO C 85 -23.55 9.96 -41.33
N LYS C 86 -23.54 8.88 -42.08
CA LYS C 86 -22.52 8.64 -43.03
C LYS C 86 -22.55 9.69 -44.12
N THR C 87 -23.61 10.47 -44.14
CA THR C 87 -23.78 11.41 -45.24
C THR C 87 -23.32 12.80 -44.78
N PHE C 88 -22.96 12.88 -43.52
CA PHE C 88 -22.50 14.16 -42.99
C PHE C 88 -21.05 14.41 -43.37
N PRO C 89 -20.80 15.33 -44.27
CA PRO C 89 -19.45 15.50 -44.83
C PRO C 89 -18.45 16.15 -43.86
N ILE C 90 -17.30 15.52 -43.75
CA ILE C 90 -16.25 16.06 -42.93
C ILE C 90 -14.98 16.14 -43.73
N VAL C 91 -14.32 17.28 -43.68
CA VAL C 91 -12.91 17.30 -44.09
C VAL C 91 -11.97 17.82 -42.98
N ALA C 92 -10.88 17.08 -42.79
CA ALA C 92 -9.91 17.37 -41.79
C ALA C 92 -8.80 18.20 -42.43
N VAL C 93 -8.27 19.19 -41.67
CA VAL C 93 -7.03 19.88 -42.05
C VAL C 93 -5.90 19.52 -41.06
N ASN C 94 -4.66 19.44 -41.56
CA ASN C 94 -3.43 19.47 -40.78
C ASN C 94 -3.09 18.05 -40.32
N ARG C 95 -4.07 17.40 -39.68
CA ARG C 95 -3.99 16.02 -39.25
C ARG C 95 -5.19 15.21 -39.81
N GLU C 96 -4.89 14.05 -40.38
CA GLU C 96 -5.91 13.21 -40.97
C GLU C 96 -6.78 12.52 -39.89
N LEU C 97 -7.96 12.11 -40.28
CA LEU C 97 -8.88 11.43 -39.39
C LEU C 97 -8.77 9.91 -39.48
N ARG C 98 -8.61 9.39 -40.70
CA ARG C 98 -8.53 7.95 -40.91
C ARG C 98 -9.88 7.34 -40.65
N ILE C 99 -10.90 7.99 -41.18
CA ILE C 99 -12.26 7.54 -41.07
C ILE C 99 -12.75 7.54 -42.49
N PRO C 100 -13.36 6.40 -42.89
CA PRO C 100 -13.80 6.29 -44.29
C PRO C 100 -14.77 7.42 -44.61
N GLY C 101 -14.57 8.03 -45.76
CA GLY C 101 -15.46 9.08 -46.22
C GLY C 101 -15.10 10.47 -45.72
N CYS C 102 -14.15 10.59 -44.80
CA CYS C 102 -13.66 11.92 -44.42
C CYS C 102 -12.50 12.39 -45.29
N GLY C 103 -12.63 13.61 -45.83
CA GLY C 103 -11.56 14.21 -46.58
C GLY C 103 -10.45 14.70 -45.70
N ALA C 104 -9.32 14.99 -46.30
CA ALA C 104 -8.20 15.57 -45.59
C ALA C 104 -7.41 16.46 -46.51
N VAL C 105 -7.06 17.62 -45.95
CA VAL C 105 -6.08 18.48 -46.61
C VAL C 105 -4.84 18.60 -45.72
N LEU C 106 -3.69 18.19 -46.23
CA LEU C 106 -2.50 18.07 -45.44
C LEU C 106 -1.31 18.65 -46.17
N SER C 107 -0.24 18.96 -45.40
CA SER C 107 0.98 19.43 -46.02
C SER C 107 1.88 18.26 -46.37
N GLU C 108 2.91 18.53 -47.20
CA GLU C 108 3.90 17.49 -47.50
C GLU C 108 4.95 17.47 -46.38
N ASN C 109 4.62 16.90 -45.22
CA ASN C 109 5.52 16.98 -44.07
C ASN C 109 6.87 16.23 -44.20
N VAL C 110 6.83 14.99 -44.68
CA VAL C 110 8.03 14.22 -44.93
C VAL C 110 9.05 14.99 -45.82
N ARG C 111 8.61 15.42 -46.98
CA ARG C 111 9.45 16.09 -47.95
C ARG C 111 10.02 17.40 -47.41
N GLY C 112 9.17 18.19 -46.78
CA GLY C 112 9.63 19.48 -46.19
C GLY C 112 10.74 19.30 -45.17
N ALA C 113 10.56 18.31 -44.29
CA ALA C 113 11.49 18.04 -43.21
C ALA C 113 12.84 17.51 -43.77
N ARG C 114 12.75 16.54 -44.68
CA ARG C 114 13.93 16.01 -45.36
C ARG C 114 14.77 17.12 -46.02
N THR C 115 14.11 18.05 -46.69
CA THR C 115 14.76 19.16 -47.34
C THR C 115 15.37 20.12 -46.36
N ALA C 116 14.75 20.30 -45.18
CA ALA C 116 15.34 21.23 -44.18
C ALA C 116 16.58 20.63 -43.53
N VAL C 117 16.53 19.37 -43.21
CA VAL C 117 17.66 18.66 -42.60
C VAL C 117 18.86 18.49 -43.61
N GLU C 118 18.58 18.10 -44.84
CA GLU C 118 19.60 18.16 -45.91
C GLU C 118 20.31 19.50 -45.99
N TYR C 119 19.56 20.58 -45.76
CA TYR C 119 20.18 21.89 -45.72
C TYR C 119 21.18 22.01 -44.57
N LEU C 120 20.82 21.48 -43.42
CA LEU C 120 21.75 21.51 -42.28
C LEU C 120 22.96 20.60 -42.52
N ILE C 121 22.73 19.44 -43.12
CA ILE C 121 23.80 18.54 -43.48
C ILE C 121 24.73 19.18 -44.53
N ALA C 122 24.17 19.74 -45.58
CA ALA C 122 24.99 20.55 -46.52
C ALA C 122 25.83 21.66 -45.84
N ARG C 123 25.34 22.19 -44.73
CA ARG C 123 26.12 23.20 -43.98
C ARG C 123 27.24 22.59 -43.17
N GLY C 124 27.31 21.25 -43.08
CA GLY C 124 28.41 20.68 -42.30
C GLY C 124 28.04 20.19 -40.90
N HIS C 125 26.74 20.10 -40.59
CA HIS C 125 26.29 19.51 -39.34
C HIS C 125 26.22 17.99 -39.46
N THR C 126 26.70 17.29 -38.42
CA THR C 126 26.58 15.85 -38.36
C THR C 126 25.82 15.38 -37.10
N ARG C 127 25.92 16.13 -36.02
CA ARG C 127 25.13 15.85 -34.82
C ARG C 127 23.90 16.70 -34.96
N ILE C 128 22.85 16.10 -35.49
CA ILE C 128 21.61 16.83 -35.75
C ILE C 128 20.48 16.18 -34.98
N GLY C 129 19.73 17.02 -34.26
CA GLY C 129 18.58 16.52 -33.54
C GLY C 129 17.22 17.04 -34.00
N ALA C 130 16.16 16.59 -33.35
CA ALA C 130 14.83 16.96 -33.74
C ALA C 130 13.98 17.13 -32.49
N ILE C 131 13.28 18.26 -32.40
CA ILE C 131 12.29 18.43 -31.38
C ILE C 131 10.95 18.53 -32.08
N VAL C 132 10.01 17.68 -31.68
CA VAL C 132 8.73 17.69 -32.30
C VAL C 132 7.74 17.91 -31.19
N GLY C 133 6.48 18.19 -31.53
CA GLY C 133 5.40 18.22 -30.55
C GLY C 133 4.97 16.83 -30.16
N SER C 134 3.78 16.69 -29.59
CA SER C 134 3.27 15.37 -29.15
C SER C 134 3.63 14.25 -30.11
N ALA C 135 4.27 13.20 -29.57
CA ALA C 135 4.76 12.04 -30.35
C ALA C 135 3.71 11.28 -31.15
N GLY C 136 2.46 11.27 -30.67
CA GLY C 136 1.39 10.57 -31.39
C GLY C 136 0.91 11.17 -32.71
N LEU C 137 1.08 12.46 -32.90
CA LEU C 137 0.48 13.16 -34.05
C LEU C 137 0.98 12.75 -35.42
N MET C 138 0.11 12.85 -36.41
CA MET C 138 0.51 12.59 -37.80
C MET C 138 1.62 13.54 -38.26
N THR C 139 1.52 14.81 -37.89
CA THR C 139 2.50 15.81 -38.26
C THR C 139 3.86 15.52 -37.58
N SER C 140 3.87 15.27 -36.26
CA SER C 140 5.12 14.92 -35.60
C SER C 140 5.72 13.67 -36.26
N ARG C 141 4.87 12.68 -36.48
CA ARG C 141 5.37 11.41 -36.97
C ARG C 141 6.00 11.62 -38.37
N GLU C 142 5.26 12.24 -39.28
CA GLU C 142 5.82 12.49 -40.61
C GLU C 142 7.01 13.43 -40.62
N ARG C 143 7.08 14.40 -39.70
CA ARG C 143 8.22 15.31 -39.78
C ARG C 143 9.52 14.57 -39.30
N LEU C 144 9.35 13.76 -38.25
CA LEU C 144 10.43 12.95 -37.75
C LEU C 144 10.93 11.98 -38.83
N LYS C 145 9.99 11.31 -39.49
CA LYS C 145 10.31 10.44 -40.60
C LYS C 145 11.20 11.12 -41.66
N GLY C 146 10.81 12.30 -42.09
CA GLY C 146 11.62 13.03 -43.05
C GLY C 146 13.02 13.31 -42.52
N PHE C 147 13.11 13.74 -41.27
CA PHE C 147 14.42 13.86 -40.58
C PHE C 147 15.31 12.60 -40.72
N ARG C 148 14.75 11.46 -40.33
CA ARG C 148 15.43 10.17 -40.42
C ARG C 148 15.84 9.79 -41.86
N ALA C 149 14.97 10.06 -42.83
CA ALA C 149 15.27 9.74 -44.23
C ALA C 149 16.43 10.57 -44.70
N ALA C 150 16.50 11.83 -44.28
CA ALA C 150 17.60 12.69 -44.70
C ALA C 150 18.89 12.20 -44.08
N MET C 151 18.80 11.80 -42.82
CA MET C 151 19.99 11.44 -42.08
C MET C 151 20.51 10.12 -42.61
N SER C 152 19.56 9.26 -42.93
CA SER C 152 19.87 7.97 -43.50
C SER C 152 20.63 8.08 -44.82
N ALA C 153 20.05 8.86 -45.74
CA ALA C 153 20.59 9.01 -47.07
C ALA C 153 21.99 9.58 -47.02
N ALA C 154 22.30 10.34 -45.97
CA ALA C 154 23.64 10.93 -45.82
C ALA C 154 24.62 10.01 -45.09
N GLY C 155 24.10 8.90 -44.63
CA GLY C 155 24.89 7.94 -43.90
C GLY C 155 25.26 8.45 -42.53
N LEU C 156 24.48 9.40 -42.00
CA LEU C 156 24.71 9.95 -40.67
C LEU C 156 23.82 9.22 -39.69
N PRO C 157 24.43 8.65 -38.65
CA PRO C 157 23.72 7.89 -37.59
C PRO C 157 22.97 8.85 -36.71
N VAL C 158 21.82 8.42 -36.17
CA VAL C 158 21.06 9.29 -35.28
C VAL C 158 20.85 8.67 -33.93
N ARG C 159 21.38 9.30 -32.89
CA ARG C 159 21.12 8.89 -31.53
C ARG C 159 19.69 9.31 -31.08
N GLN C 160 18.94 8.33 -30.59
CA GLN C 160 17.62 8.54 -30.02
C GLN C 160 17.58 9.67 -29.01
N GLU C 161 18.68 9.85 -28.30
CA GLU C 161 18.71 10.90 -27.29
C GLU C 161 18.76 12.31 -27.91
N TRP C 162 18.88 12.35 -29.24
CA TRP C 162 18.79 13.58 -30.02
C TRP C 162 17.33 13.98 -30.44
N ILE C 163 16.39 13.08 -30.21
CA ILE C 163 14.98 13.28 -30.54
C ILE C 163 14.23 13.56 -29.23
N ALA C 164 13.36 14.56 -29.25
CA ALA C 164 12.42 14.80 -28.14
C ALA C 164 11.05 15.12 -28.72
N ALA C 165 10.00 14.78 -27.99
CA ALA C 165 8.64 14.83 -28.45
C ALA C 165 7.89 15.61 -27.41
N ASN C 172 5.40 23.20 -25.66
CA ASN C 172 6.50 24.04 -26.23
C ASN C 172 7.68 23.20 -26.73
N GLY C 173 7.99 22.18 -25.94
CA GLY C 173 9.20 21.44 -26.17
C GLY C 173 10.45 22.10 -25.60
N ARG C 174 10.30 23.11 -24.74
CA ARG C 174 11.48 23.65 -24.06
C ARG C 174 12.18 22.53 -23.28
N ASP C 175 11.41 21.78 -22.50
CA ASP C 175 12.00 20.75 -21.64
C ASP C 175 12.68 19.71 -22.49
N GLY C 176 12.06 19.42 -23.62
CA GLY C 176 12.55 18.42 -24.50
C GLY C 176 13.85 18.90 -25.03
N ALA C 177 13.90 20.16 -25.48
CA ALA C 177 15.08 20.77 -26.09
C ALA C 177 16.21 20.82 -25.06
N ILE C 178 15.89 21.32 -23.86
CA ILE C 178 16.82 21.33 -22.74
C ILE C 178 17.41 19.92 -22.53
N LYS C 179 16.56 18.90 -22.61
CA LYS C 179 17.06 17.53 -22.42
C LYS C 179 17.96 17.03 -23.55
N VAL C 180 17.60 17.27 -24.82
CA VAL C 180 18.54 16.82 -25.85
C VAL C 180 19.79 17.67 -25.94
N LEU C 181 19.71 18.93 -25.50
CA LEU C 181 20.89 19.82 -25.58
C LEU C 181 21.86 19.71 -24.38
N THR C 182 21.51 18.94 -23.35
CA THR C 182 22.44 18.72 -22.25
C THR C 182 23.04 17.30 -22.33
N GLY C 183 22.86 16.66 -23.46
CA GLY C 183 23.38 15.31 -23.67
C GLY C 183 24.89 15.34 -23.69
N ASP C 185 27.04 13.89 -26.27
CA ASP C 185 27.37 14.42 -27.61
C ASP C 185 26.21 15.23 -28.21
N ARG C 186 25.87 16.37 -27.59
CA ARG C 186 24.72 17.14 -28.01
C ARG C 186 24.81 17.58 -29.46
N PRO C 187 23.66 17.73 -30.11
CA PRO C 187 23.61 18.17 -31.50
C PRO C 187 24.09 19.62 -31.74
N THR C 188 24.55 19.92 -32.95
CA THR C 188 24.90 21.29 -33.29
C THR C 188 23.75 21.92 -34.06
N ALA C 189 22.77 21.10 -34.42
CA ALA C 189 21.62 21.58 -35.14
C ALA C 189 20.36 20.82 -34.72
N LEU C 190 19.22 21.51 -34.80
CA LEU C 190 17.93 20.89 -34.50
C LEU C 190 16.93 21.13 -35.64
N LEU C 191 16.15 20.14 -35.99
CA LEU C 191 14.95 20.42 -36.72
C LEU C 191 13.86 20.62 -35.66
N THR C 192 13.05 21.69 -35.79
CA THR C 192 11.90 21.91 -34.91
C THR C 192 10.59 21.81 -35.73
N SER C 193 9.56 21.17 -35.17
CA SER C 193 8.43 20.81 -36.00
C SER C 193 7.38 21.91 -36.18
N SER C 194 7.52 23.04 -35.48
CA SER C 194 6.65 24.18 -35.65
C SER C 194 7.21 25.43 -34.95
N HIS C 195 6.58 26.55 -35.22
CA HIS C 195 7.05 27.84 -34.69
C HIS C 195 6.99 27.85 -33.18
N ARG C 196 5.99 27.17 -32.62
CA ARG C 196 5.79 27.20 -31.20
C ARG C 196 6.85 26.33 -30.49
N ILE C 197 7.26 25.26 -31.14
CA ILE C 197 8.35 24.41 -30.65
C ILE C 197 9.72 25.09 -30.87
N THR C 198 9.80 25.88 -31.94
CA THR C 198 10.96 26.77 -32.16
C THR C 198 11.12 27.79 -31.03
N GLU C 199 10.03 28.45 -30.61
CA GLU C 199 10.04 29.22 -29.38
C GLU C 199 10.61 28.45 -28.20
N GLY C 200 10.15 27.20 -28.02
CA GLY C 200 10.62 26.40 -26.88
C GLY C 200 12.12 26.13 -26.90
N ALA C 201 12.63 25.79 -28.09
CA ALA C 201 14.03 25.54 -28.32
C ALA C 201 14.90 26.83 -28.19
N MET C 202 14.42 27.97 -28.66
CA MET C 202 14.99 29.28 -28.27
C MET C 202 15.04 29.53 -26.75
N GLN C 203 13.96 29.13 -26.03
CA GLN C 203 13.93 29.28 -24.56
C GLN C 203 14.96 28.36 -23.87
N ALA C 204 15.12 27.16 -24.43
CA ALA C 204 16.09 26.19 -23.93
C ALA C 204 17.51 26.68 -24.08
N LEU C 205 17.82 27.28 -25.23
CA LEU C 205 19.18 27.73 -25.48
C LEU C 205 19.63 28.67 -24.35
N ASN C 206 18.82 29.69 -24.07
CA ASN C 206 19.34 30.60 -23.06
C ASN C 206 19.03 30.22 -21.61
N VAL C 207 18.23 29.18 -21.42
CA VAL C 207 18.21 28.51 -20.15
C VAL C 207 19.57 27.81 -19.97
N LEU C 208 20.08 27.26 -21.05
CA LEU C 208 21.29 26.46 -20.96
C LEU C 208 22.55 27.31 -21.17
N GLY C 209 22.36 28.56 -21.60
CA GLY C 209 23.48 29.46 -21.76
C GLY C 209 24.10 29.25 -23.11
N LEU C 210 23.39 28.58 -24.01
CA LEU C 210 23.88 28.31 -25.37
C LEU C 210 23.50 29.36 -26.39
N ARG C 211 24.23 29.43 -27.51
CA ARG C 211 24.02 30.52 -28.48
C ARG C 211 23.40 30.02 -29.80
N TYR C 212 22.22 30.55 -30.10
CA TYR C 212 21.60 30.28 -31.36
C TYR C 212 22.60 30.78 -32.37
N GLY C 213 22.86 30.02 -33.42
CA GLY C 213 24.01 30.30 -34.28
C GLY C 213 25.16 29.33 -34.05
N PRO C 214 26.25 29.84 -33.45
CA PRO C 214 27.53 29.17 -33.16
C PRO C 214 27.46 27.90 -32.32
N ASP C 215 26.56 27.83 -31.35
CA ASP C 215 26.35 26.60 -30.57
C ASP C 215 25.24 25.67 -31.14
N VAL C 216 24.12 26.26 -31.58
CA VAL C 216 23.04 25.44 -32.17
C VAL C 216 22.32 26.10 -33.33
N GLU C 217 22.32 25.49 -34.50
CA GLU C 217 21.53 26.03 -35.59
C GLU C 217 20.09 25.38 -35.60
N ILE C 218 19.11 26.08 -36.20
CA ILE C 218 17.73 25.62 -36.19
C ILE C 218 17.02 25.74 -37.58
N VAL C 219 16.32 24.68 -37.99
CA VAL C 219 15.39 24.77 -39.12
C VAL C 219 14.00 24.43 -38.61
N SER C 220 13.02 25.25 -38.98
CA SER C 220 11.72 25.16 -38.36
C SER C 220 10.66 25.01 -39.42
N PHE C 221 9.52 24.44 -39.05
CA PHE C 221 8.34 24.61 -39.87
C PHE C 221 7.67 25.97 -39.55
N ASP C 222 6.93 26.52 -40.51
CA ASP C 222 6.12 27.72 -40.30
C ASP C 222 6.96 28.97 -40.48
N ASN C 223 6.56 29.76 -41.46
CA ASN C 223 7.32 30.93 -41.85
C ASN C 223 6.80 32.20 -41.13
N LEU C 224 7.32 32.46 -39.93
CA LEU C 224 7.06 33.69 -39.17
C LEU C 224 8.11 34.73 -39.45
N PRO C 225 7.69 35.98 -39.61
CA PRO C 225 8.62 37.12 -39.78
C PRO C 225 9.76 37.22 -38.78
N TRP C 226 9.50 36.88 -37.52
CA TRP C 226 10.53 37.18 -36.55
C TRP C 226 11.75 36.28 -36.73
N MET C 227 11.52 35.12 -37.35
CA MET C 227 12.58 34.18 -37.71
C MET C 227 13.62 34.77 -38.64
N ALA C 228 13.20 35.73 -39.46
CA ALA C 228 14.14 36.43 -40.31
C ALA C 228 14.98 37.47 -39.58
N PHE C 229 14.73 37.70 -38.29
CA PHE C 229 15.41 38.77 -37.60
C PHE C 229 16.58 38.29 -36.90
N LEU C 230 16.73 36.97 -36.84
CA LEU C 230 17.79 36.32 -36.11
C LEU C 230 19.06 36.34 -36.93
N ASP C 231 20.19 36.06 -36.30
CA ASP C 231 21.46 35.98 -37.01
C ASP C 231 22.10 34.66 -36.66
N PRO C 232 22.13 33.74 -37.62
CA PRO C 232 21.61 33.94 -38.94
C PRO C 232 20.06 33.81 -38.99
N PRO C 233 19.45 34.27 -40.07
CA PRO C 233 18.01 34.03 -40.22
C PRO C 233 17.67 32.56 -40.12
N LEU C 234 16.60 32.25 -39.39
CA LEU C 234 16.20 30.90 -39.22
C LEU C 234 15.56 30.39 -40.51
N PRO C 235 16.17 29.38 -41.12
CA PRO C 235 15.48 28.85 -42.35
C PRO C 235 14.23 28.05 -41.95
N VAL C 236 13.19 28.12 -42.77
CA VAL C 236 11.91 27.57 -42.40
C VAL C 236 11.22 26.87 -43.54
N VAL C 237 10.44 25.85 -43.19
CA VAL C 237 9.57 25.26 -44.19
C VAL C 237 8.21 25.90 -44.07
N GLU C 238 7.86 26.63 -45.13
CA GLU C 238 6.61 27.39 -45.15
C GLU C 238 5.52 26.44 -45.54
N GLN C 239 4.44 26.51 -44.80
CA GLN C 239 3.25 25.75 -45.10
C GLN C 239 2.27 26.63 -45.81
N PRO C 240 1.53 26.08 -46.77
CA PRO C 240 0.50 26.87 -47.51
C PRO C 240 -0.78 26.94 -46.69
N THR C 241 -0.70 27.65 -45.57
CA THR C 241 -1.84 27.70 -44.64
C THR C 241 -3.14 28.16 -45.30
N ARG C 242 -3.12 29.25 -46.04
CA ARG C 242 -4.40 29.74 -46.52
C ARG C 242 -5.02 28.76 -47.53
N ARG C 243 -4.17 28.22 -48.37
CA ARG C 243 -4.56 27.28 -49.35
C ARG C 243 -5.08 25.97 -48.68
N ILE C 244 -4.48 25.56 -47.59
CA ILE C 244 -5.02 24.46 -46.86
C ILE C 244 -6.47 24.77 -46.53
N GLY C 245 -6.72 25.96 -45.94
CA GLY C 245 -8.08 26.37 -45.64
C GLY C 245 -9.04 26.45 -46.85
N GLN C 246 -8.60 27.11 -47.91
CA GLN C 246 -9.37 27.27 -49.14
C GLN C 246 -9.73 25.91 -49.80
N GLU C 247 -8.76 25.01 -49.91
CA GLU C 247 -9.00 23.70 -50.48
C GLU C 247 -9.89 22.79 -49.63
N ALA C 248 -9.76 22.87 -48.30
CA ALA C 248 -10.66 22.07 -47.43
C ALA C 248 -12.09 22.51 -47.65
N MET C 249 -12.28 23.81 -47.67
CA MET C 249 -13.61 24.41 -47.97
C MET C 249 -14.09 24.09 -49.38
N ARG C 250 -13.20 24.13 -50.37
CA ARG C 250 -13.58 23.65 -51.72
C ARG C 250 -13.98 22.15 -51.70
N MET C 251 -13.17 21.31 -51.07
CA MET C 251 -13.50 19.91 -50.95
C MET C 251 -14.84 19.72 -50.21
N LEU C 252 -15.06 20.50 -49.14
CA LEU C 252 -16.32 20.33 -48.39
C LEU C 252 -17.53 20.70 -49.25
N ILE C 253 -17.38 21.74 -50.06
CA ILE C 253 -18.48 22.28 -50.78
C ILE C 253 -18.92 21.31 -51.88
N HIS C 254 -17.95 20.69 -52.54
CA HIS C 254 -18.22 19.60 -53.48
C HIS C 254 -19.01 18.52 -52.77
N MET C 255 -18.55 18.11 -51.58
CA MET C 255 -19.22 16.99 -50.84
C MET C 255 -20.67 17.32 -50.48
N ILE C 256 -20.90 18.56 -50.06
CA ILE C 256 -22.22 19.05 -49.72
C ILE C 256 -23.16 19.18 -50.94
N GLU C 257 -22.65 19.74 -52.05
CA GLU C 257 -23.52 20.00 -53.20
C GLU C 257 -23.55 18.81 -54.15
N GLY C 258 -22.87 17.74 -53.77
CA GLY C 258 -22.80 16.52 -54.55
C GLY C 258 -22.14 16.64 -55.91
N THR C 259 -21.06 17.44 -55.98
CA THR C 259 -20.32 17.65 -57.22
C THR C 259 -18.91 17.12 -57.17
N GLY C 260 -18.58 16.41 -56.07
CA GLY C 260 -17.23 15.92 -55.86
C GLY C 260 -17.10 15.03 -54.63
N ASN C 261 -15.95 14.37 -54.50
CA ASN C 261 -15.72 13.39 -53.44
C ASN C 261 -14.67 13.84 -52.43
N ALA C 262 -14.74 13.25 -51.24
CA ALA C 262 -13.69 13.40 -50.27
C ALA C 262 -12.46 12.72 -50.82
N THR C 263 -11.31 13.32 -50.58
CA THR C 263 -10.02 12.69 -50.83
C THR C 263 -8.96 13.16 -49.82
N GLU C 264 -7.79 12.53 -49.84
CA GLU C 264 -6.60 13.08 -49.20
C GLU C 264 -5.80 13.90 -50.22
N MET C 265 -5.58 15.17 -49.91
CA MET C 265 -4.89 16.11 -50.72
C MET C 265 -3.65 16.48 -49.94
N ARG C 266 -2.49 16.34 -50.56
CA ARG C 266 -1.24 16.82 -50.00
C ARG C 266 -0.83 18.10 -50.70
N LEU C 267 -0.51 19.14 -49.94
CA LEU C 267 -0.13 20.42 -50.55
C LEU C 267 1.34 20.71 -50.34
N GLN C 268 1.92 21.33 -51.36
CA GLN C 268 3.34 21.62 -51.40
C GLN C 268 3.74 22.60 -50.29
N THR C 269 4.82 22.28 -49.61
CA THR C 269 5.49 23.27 -48.78
C THR C 269 6.64 23.87 -49.55
N ARG C 270 7.19 24.97 -49.05
CA ARG C 270 8.36 25.54 -49.66
C ARG C 270 9.41 25.92 -48.65
N PHE C 271 10.66 25.57 -48.96
CA PHE C 271 11.76 25.82 -48.06
C PHE C 271 12.22 27.27 -48.26
N VAL C 272 12.31 28.03 -47.19
CA VAL C 272 12.76 29.42 -47.25
C VAL C 272 14.04 29.61 -46.45
N THR C 273 15.14 29.95 -47.14
CA THR C 273 16.41 30.20 -46.46
C THR C 273 16.68 31.68 -46.14
N HIS C 274 16.06 32.61 -46.87
CA HIS C 274 16.16 34.04 -46.50
C HIS C 274 17.50 34.67 -46.91
N ARG D 7 -32.54 35.04 -28.76
CA ARG D 7 -33.55 33.97 -29.04
C ARG D 7 -33.10 33.01 -30.12
N SER D 8 -32.23 33.42 -31.03
CA SER D 8 -31.54 32.44 -31.88
C SER D 8 -30.25 31.84 -31.27
N ASN D 9 -29.68 32.49 -30.25
CA ASN D 9 -28.42 31.98 -29.64
C ASN D 9 -27.23 31.92 -30.61
N VAL D 10 -27.26 32.81 -31.59
CA VAL D 10 -26.17 32.96 -32.50
C VAL D 10 -25.72 34.40 -32.44
N VAL D 11 -24.44 34.58 -32.47
CA VAL D 11 -23.91 35.91 -32.40
C VAL D 11 -22.91 36.00 -33.56
N GLY D 12 -22.79 37.17 -34.15
CA GLY D 12 -21.84 37.37 -35.18
C GLY D 12 -20.55 38.02 -34.68
N LEU D 13 -19.41 37.41 -35.04
CA LEU D 13 -18.13 38.01 -34.74
C LEU D 13 -17.48 38.42 -36.07
N ILE D 14 -17.21 39.70 -36.13
CA ILE D 14 -16.62 40.32 -37.29
C ILE D 14 -15.31 40.93 -36.87
N VAL D 15 -14.24 40.44 -37.47
CA VAL D 15 -12.93 40.84 -37.07
C VAL D 15 -12.18 41.44 -38.26
N SER D 16 -11.35 42.42 -37.99
CA SER D 16 -10.62 43.12 -39.05
C SER D 16 -9.43 42.35 -39.58
N ASP D 17 -8.88 41.44 -38.78
CA ASP D 17 -7.79 40.60 -39.27
C ASP D 17 -7.53 39.33 -38.47
N ILE D 18 -8.27 38.25 -38.74
CA ILE D 18 -8.12 37.03 -37.97
C ILE D 18 -6.67 36.44 -38.03
N GLU D 19 -5.91 36.78 -39.08
CA GLU D 19 -4.52 36.34 -39.18
C GLU D 19 -3.56 37.02 -38.20
N ASN D 20 -4.01 38.12 -37.61
CA ASN D 20 -3.23 38.82 -36.61
C ASN D 20 -3.58 38.14 -35.30
N VAL D 21 -2.55 37.67 -34.63
CA VAL D 21 -2.70 36.94 -33.42
C VAL D 21 -3.46 37.70 -32.28
N PHE D 22 -3.46 39.02 -32.33
CA PHE D 22 -4.27 39.84 -31.42
C PHE D 22 -5.76 39.48 -31.56
N PHE D 23 -6.27 39.54 -32.79
CA PHE D 23 -7.67 39.22 -33.05
C PHE D 23 -8.01 37.75 -32.82
N ALA D 24 -7.12 36.87 -33.18
CA ALA D 24 -7.28 35.44 -32.93
C ALA D 24 -7.52 35.11 -31.47
N GLU D 25 -6.77 35.75 -30.59
CA GLU D 25 -6.89 35.60 -29.13
C GLU D 25 -8.17 36.24 -28.63
N VAL D 26 -8.61 37.37 -29.23
CA VAL D 26 -9.87 38.00 -28.84
C VAL D 26 -11.03 37.07 -29.19
N ALA D 27 -10.96 36.51 -30.40
CA ALA D 27 -11.98 35.58 -30.88
C ALA D 27 -12.04 34.30 -29.96
N SER D 28 -10.88 33.85 -29.52
CA SER D 28 -10.84 32.73 -28.58
C SER D 28 -11.65 33.06 -27.28
N GLY D 29 -11.40 34.22 -26.70
CA GLY D 29 -12.17 34.62 -25.51
C GLY D 29 -13.66 34.81 -25.81
N VAL D 30 -13.99 35.47 -26.93
CA VAL D 30 -15.38 35.54 -27.36
C VAL D 30 -16.05 34.12 -27.47
N GLU D 31 -15.33 33.19 -28.10
CA GLU D 31 -15.89 31.86 -28.34
C GLU D 31 -16.02 31.09 -27.03
N SER D 32 -15.08 31.28 -26.16
CA SER D 32 -15.12 30.52 -24.95
C SER D 32 -16.27 31.01 -24.05
N GLU D 33 -16.49 32.32 -24.04
CA GLU D 33 -17.57 32.88 -23.27
C GLU D 33 -18.96 32.51 -23.87
N ALA D 34 -19.07 32.51 -25.20
CA ALA D 34 -20.32 32.17 -25.88
C ALA D 34 -20.73 30.67 -25.61
N ARG D 35 -19.79 29.78 -25.83
CA ARG D 35 -19.95 28.37 -25.53
C ARG D 35 -20.42 28.09 -24.06
N HIS D 36 -19.79 28.74 -23.07
CA HIS D 36 -20.19 28.66 -21.66
C HIS D 36 -21.64 29.07 -21.42
N LYS D 37 -22.14 29.99 -22.22
CA LYS D 37 -23.51 30.40 -22.08
C LYS D 37 -24.45 29.81 -23.15
N GLY D 38 -23.98 28.87 -23.97
CA GLY D 38 -24.82 28.25 -24.96
C GLY D 38 -25.07 29.09 -26.21
N TYR D 39 -24.15 30.01 -26.57
CA TYR D 39 -24.30 30.69 -27.86
C TYR D 39 -23.32 30.13 -28.86
N SER D 40 -23.72 30.21 -30.11
CA SER D 40 -22.83 29.88 -31.20
C SER D 40 -22.30 31.17 -31.77
N VAL D 41 -21.19 31.06 -32.47
CA VAL D 41 -20.49 32.15 -33.09
C VAL D 41 -20.24 32.01 -34.58
N LEU D 42 -20.84 32.90 -35.32
CA LEU D 42 -20.58 33.02 -36.75
C LEU D 42 -19.33 33.95 -36.91
N LEU D 43 -18.43 33.59 -37.81
CA LEU D 43 -17.21 34.32 -37.98
C LEU D 43 -17.09 34.96 -39.32
N ALA D 44 -16.69 36.23 -39.33
CA ALA D 44 -16.32 36.88 -40.58
C ALA D 44 -14.98 37.58 -40.43
N ASN D 45 -14.19 37.56 -41.50
CA ASN D 45 -12.87 38.20 -41.50
C ASN D 45 -12.92 39.20 -42.64
N THR D 46 -12.56 40.45 -42.38
CA THR D 46 -12.70 41.51 -43.39
C THR D 46 -11.36 41.94 -43.95
N ALA D 47 -10.25 41.48 -43.38
CA ALA D 47 -8.91 41.93 -43.83
C ALA D 47 -8.86 43.46 -43.96
N GLU D 48 -9.39 44.16 -42.98
CA GLU D 48 -9.36 45.64 -42.92
C GLU D 48 -10.08 46.39 -44.10
N ASP D 49 -10.98 45.72 -44.77
CA ASP D 49 -11.79 46.29 -45.83
C ASP D 49 -13.15 46.67 -45.25
N ILE D 50 -13.42 47.96 -45.18
CA ILE D 50 -14.75 48.47 -44.71
C ILE D 50 -15.98 48.00 -45.58
N VAL D 51 -15.77 47.78 -46.87
CA VAL D 51 -16.82 47.25 -47.73
C VAL D 51 -17.15 45.79 -47.36
N ARG D 52 -16.15 45.01 -47.01
CA ARG D 52 -16.41 43.65 -46.55
C ARG D 52 -17.04 43.62 -45.14
N GLU D 53 -16.63 44.53 -44.27
CA GLU D 53 -17.26 44.69 -42.97
C GLU D 53 -18.78 44.94 -43.10
N ARG D 54 -19.14 45.95 -43.90
CA ARG D 54 -20.55 46.26 -44.18
C ARG D 54 -21.35 45.08 -44.79
N GLU D 55 -20.74 44.35 -45.71
CA GLU D 55 -21.38 43.14 -46.21
C GLU D 55 -21.60 42.05 -45.16
N ALA D 56 -20.67 41.97 -44.22
CA ALA D 56 -20.72 40.93 -43.21
C ALA D 56 -21.79 41.27 -42.21
N VAL D 57 -21.81 42.55 -41.81
CA VAL D 57 -22.86 43.07 -40.94
C VAL D 57 -24.28 42.75 -41.46
N GLY D 58 -24.50 42.98 -42.75
CA GLY D 58 -25.78 42.83 -43.38
C GLY D 58 -26.11 41.39 -43.49
N GLN D 59 -25.12 40.59 -43.87
CA GLN D 59 -25.27 39.12 -43.97
C GLN D 59 -25.64 38.54 -42.62
N PHE D 60 -24.92 38.95 -41.58
CA PHE D 60 -25.18 38.44 -40.21
C PHE D 60 -26.56 38.92 -39.70
N PHE D 61 -26.86 40.19 -39.91
CA PHE D 61 -28.21 40.66 -39.61
C PHE D 61 -29.32 39.87 -40.33
N GLU D 62 -29.17 39.63 -41.64
CA GLU D 62 -30.28 38.93 -42.31
C GLU D 62 -30.39 37.50 -41.78
N ARG D 63 -29.29 36.93 -41.31
CA ARG D 63 -29.30 35.64 -40.67
C ARG D 63 -29.92 35.72 -39.28
N ARG D 64 -30.33 36.92 -38.88
CA ARG D 64 -30.79 37.17 -37.53
C ARG D 64 -29.97 36.52 -36.40
N VAL D 65 -28.68 36.79 -36.36
CA VAL D 65 -27.87 36.69 -35.16
C VAL D 65 -28.44 37.62 -34.05
N ASP D 66 -28.30 37.22 -32.80
CA ASP D 66 -28.84 38.00 -31.70
C ASP D 66 -28.10 39.34 -31.50
N GLY D 67 -26.83 39.39 -31.91
CA GLY D 67 -26.02 40.57 -31.73
C GLY D 67 -24.72 40.43 -32.47
N LEU D 68 -23.91 41.49 -32.44
CA LEU D 68 -22.60 41.52 -33.08
C LEU D 68 -21.49 41.98 -32.17
N ILE D 69 -20.39 41.26 -32.25
CA ILE D 69 -19.12 41.75 -31.75
C ILE D 69 -18.32 42.17 -32.97
N LEU D 70 -17.96 43.44 -32.98
CA LEU D 70 -17.28 44.07 -34.09
C LEU D 70 -15.90 44.61 -33.77
N ALA D 71 -14.88 44.07 -34.39
CA ALA D 71 -13.56 44.68 -34.45
C ALA D 71 -13.51 45.52 -35.71
N PRO D 72 -13.74 46.81 -35.59
CA PRO D 72 -13.90 47.71 -36.73
C PRO D 72 -12.65 47.92 -37.59
N SER D 73 -12.90 47.89 -38.89
CA SER D 73 -11.92 48.19 -39.88
C SER D 73 -11.91 49.70 -39.98
N GLU D 74 -10.83 50.27 -40.44
CA GLU D 74 -10.78 51.71 -40.59
C GLU D 74 -11.79 52.16 -41.67
N GLY D 75 -12.62 53.14 -41.33
CA GLY D 75 -13.55 53.74 -42.23
C GLY D 75 -14.74 54.33 -41.48
N GLU D 76 -15.76 54.80 -42.21
CA GLU D 76 -16.98 55.37 -41.61
C GLU D 76 -17.93 54.30 -41.06
N HIS D 77 -18.51 54.53 -39.88
CA HIS D 77 -19.37 53.50 -39.32
C HIS D 77 -20.84 53.94 -39.12
N ASP D 78 -21.15 55.13 -39.62
CA ASP D 78 -22.51 55.65 -39.56
C ASP D 78 -23.57 54.73 -40.13
N TYR D 79 -23.24 54.00 -41.20
CA TYR D 79 -24.15 52.97 -41.73
C TYR D 79 -24.72 52.03 -40.65
N LEU D 80 -24.01 51.87 -39.54
CA LEU D 80 -24.48 50.96 -38.53
C LEU D 80 -25.67 51.56 -37.82
N ARG D 81 -25.65 52.88 -37.75
CA ARG D 81 -26.65 53.56 -37.04
C ARG D 81 -27.85 53.84 -37.93
N THR D 82 -27.71 53.75 -39.25
CA THR D 82 -28.86 54.00 -40.09
C THR D 82 -29.44 52.74 -40.78
N GLU D 83 -28.69 51.65 -40.80
CA GLU D 83 -29.13 50.45 -41.54
C GLU D 83 -29.49 49.34 -40.58
N LEU D 84 -29.47 49.64 -39.29
CA LEU D 84 -29.80 48.62 -38.31
C LEU D 84 -30.81 49.18 -37.33
N PRO D 85 -31.68 48.29 -36.81
CA PRO D 85 -32.61 48.69 -35.81
C PRO D 85 -31.82 49.09 -34.59
N LYS D 86 -32.38 50.01 -33.83
CA LYS D 86 -31.75 50.56 -32.64
C LYS D 86 -31.65 49.53 -31.53
N THR D 87 -32.45 48.48 -31.66
CA THR D 87 -32.47 47.42 -30.66
C THR D 87 -31.45 46.33 -30.95
N PHE D 88 -30.77 46.41 -32.10
CA PHE D 88 -29.79 45.38 -32.43
C PHE D 88 -28.49 45.70 -31.71
N PRO D 89 -28.09 44.82 -30.77
CA PRO D 89 -26.96 45.08 -29.86
C PRO D 89 -25.65 44.86 -30.55
N ILE D 90 -24.75 45.82 -30.39
CA ILE D 90 -23.43 45.76 -30.97
C ILE D 90 -22.41 46.12 -29.94
N VAL D 91 -21.38 45.30 -29.80
CA VAL D 91 -20.22 45.74 -29.06
C VAL D 91 -18.92 45.76 -29.85
N ALA D 92 -18.17 46.85 -29.73
CA ALA D 92 -16.95 46.96 -30.48
C ALA D 92 -15.81 46.50 -29.58
N VAL D 93 -14.77 45.92 -30.19
CA VAL D 93 -13.54 45.65 -29.46
C VAL D 93 -12.43 46.41 -30.16
N ASN D 94 -11.44 46.82 -29.33
CA ASN D 94 -10.14 47.29 -29.76
C ASN D 94 -10.24 48.77 -30.19
N ARG D 95 -11.19 49.06 -31.07
CA ARG D 95 -11.49 50.41 -31.46
C ARG D 95 -12.95 50.69 -31.21
N GLU D 96 -13.26 51.85 -30.61
CA GLU D 96 -14.63 52.24 -30.35
C GLU D 96 -15.42 52.67 -31.63
N LEU D 97 -16.75 52.60 -31.56
CA LEU D 97 -17.58 52.99 -32.69
C LEU D 97 -18.08 54.45 -32.60
N ARG D 98 -18.52 54.86 -31.43
CA ARG D 98 -18.93 56.26 -31.28
C ARG D 98 -20.28 56.36 -31.90
N ILE D 99 -21.10 55.38 -31.57
CA ILE D 99 -22.44 55.33 -32.03
C ILE D 99 -23.22 55.04 -30.81
N PRO D 100 -24.20 55.88 -30.53
CA PRO D 100 -25.03 55.73 -29.36
C PRO D 100 -25.56 54.30 -29.27
N GLY D 101 -25.54 53.74 -28.07
CA GLY D 101 -26.07 52.42 -27.89
C GLY D 101 -25.08 51.30 -28.12
N CYS D 102 -23.98 51.55 -28.77
CA CYS D 102 -22.95 50.51 -28.94
C CYS D 102 -21.97 50.43 -27.77
N GLY D 103 -21.77 49.24 -27.21
CA GLY D 103 -20.73 49.09 -26.22
C GLY D 103 -19.34 48.99 -26.84
N ALA D 104 -18.32 49.07 -25.95
CA ALA D 104 -16.93 48.98 -26.35
C ALA D 104 -16.10 48.34 -25.23
N VAL D 105 -15.25 47.40 -25.64
CA VAL D 105 -14.24 46.87 -24.79
C VAL D 105 -12.88 47.20 -25.41
N LEU D 106 -12.08 47.99 -24.68
CA LEU D 106 -10.89 48.61 -25.20
C LEU D 106 -9.79 48.40 -24.15
N SER D 107 -8.56 48.58 -24.56
CA SER D 107 -7.41 48.57 -23.66
C SER D 107 -7.09 49.98 -23.13
N GLU D 108 -6.31 50.05 -22.03
CA GLU D 108 -5.84 51.29 -21.50
C GLU D 108 -4.55 51.77 -22.28
N ASN D 109 -4.78 52.26 -23.50
CA ASN D 109 -3.68 52.49 -24.41
C ASN D 109 -2.79 53.68 -24.00
N VAL D 110 -3.40 54.82 -23.66
CA VAL D 110 -2.65 55.95 -23.13
C VAL D 110 -1.73 55.47 -21.99
N ARG D 111 -2.29 54.94 -20.92
CA ARG D 111 -1.50 54.51 -19.77
C ARG D 111 -0.37 53.54 -20.12
N GLY D 112 -0.72 52.45 -20.81
CA GLY D 112 0.34 51.51 -21.20
C GLY D 112 1.48 52.23 -21.95
N ALA D 113 1.15 53.02 -22.97
CA ALA D 113 2.17 53.69 -23.75
C ALA D 113 3.06 54.66 -22.90
N ARG D 114 2.44 55.47 -22.06
CA ARG D 114 3.16 56.30 -21.13
C ARG D 114 4.14 55.52 -20.23
N THR D 115 3.64 54.39 -19.70
CA THR D 115 4.50 53.50 -18.91
C THR D 115 5.72 52.99 -19.69
N ALA D 116 5.48 52.46 -20.89
CA ALA D 116 6.54 51.99 -21.75
C ALA D 116 7.55 53.10 -22.06
N VAL D 117 7.06 54.31 -22.33
CA VAL D 117 7.98 55.39 -22.67
C VAL D 117 8.80 55.86 -21.49
N GLU D 118 8.18 55.94 -20.33
CA GLU D 118 8.88 56.33 -19.13
C GLU D 118 9.99 55.35 -18.80
N TYR D 119 9.74 54.07 -19.06
CA TYR D 119 10.77 53.07 -18.95
C TYR D 119 12.01 53.35 -19.79
N LEU D 120 11.81 53.74 -21.05
CA LEU D 120 12.92 54.12 -21.92
C LEU D 120 13.67 55.37 -21.36
N ILE D 121 12.90 56.30 -20.81
CA ILE D 121 13.46 57.56 -20.34
C ILE D 121 14.31 57.23 -19.11
N ALA D 122 13.84 56.32 -18.28
CA ALA D 122 14.53 55.96 -17.08
C ALA D 122 15.87 55.26 -17.42
N ARG D 123 15.94 54.62 -18.61
CA ARG D 123 17.19 54.03 -19.08
C ARG D 123 18.10 55.10 -19.69
N GLY D 124 17.62 56.34 -19.81
CA GLY D 124 18.51 57.41 -20.30
C GLY D 124 18.36 57.78 -21.78
N HIS D 125 17.24 57.39 -22.41
CA HIS D 125 16.95 57.87 -23.76
C HIS D 125 16.36 59.25 -23.72
N THR D 126 16.77 60.11 -24.63
CA THR D 126 16.20 61.44 -24.72
C THR D 126 15.67 61.73 -26.13
N ARG D 127 16.28 61.11 -27.13
CA ARG D 127 15.80 61.14 -28.51
C ARG D 127 14.90 59.91 -28.76
N ILE D 128 13.62 60.04 -28.46
CA ILE D 128 12.73 58.89 -28.52
C ILE D 128 11.63 59.16 -29.50
N GLY D 129 11.35 58.14 -30.28
CA GLY D 129 10.35 58.30 -31.31
C GLY D 129 9.24 57.28 -31.17
N ALA D 130 8.27 57.37 -32.06
CA ALA D 130 7.09 56.55 -32.04
C ALA D 130 6.65 56.23 -33.48
N ILE D 131 6.48 54.95 -33.74
CA ILE D 131 5.98 54.47 -35.01
C ILE D 131 4.64 53.79 -34.69
N VAL D 132 3.57 54.38 -35.20
CA VAL D 132 2.23 53.88 -34.99
C VAL D 132 1.61 53.51 -36.29
N GLY D 133 0.41 52.95 -36.21
CA GLY D 133 -0.23 52.37 -37.38
C GLY D 133 -0.97 53.50 -38.02
N SER D 134 -1.92 53.20 -38.87
CA SER D 134 -2.77 54.22 -39.47
C SER D 134 -3.11 55.37 -38.52
N ALA D 135 -2.72 56.58 -38.92
CA ALA D 135 -2.87 57.79 -38.08
C ALA D 135 -4.26 58.12 -37.57
N GLY D 136 -5.31 57.77 -38.28
CA GLY D 136 -6.64 58.07 -37.77
C GLY D 136 -7.15 57.23 -36.59
N LEU D 137 -6.66 55.98 -36.48
CA LEU D 137 -7.23 54.99 -35.57
C LEU D 137 -7.26 55.43 -34.15
N MET D 138 -8.25 54.96 -33.38
CA MET D 138 -8.33 55.26 -31.95
C MET D 138 -7.04 54.77 -31.24
N THR D 139 -6.61 53.56 -31.56
CA THR D 139 -5.45 52.96 -30.95
C THR D 139 -4.14 53.72 -31.21
N SER D 140 -3.87 53.98 -32.49
CA SER D 140 -2.76 54.84 -32.90
C SER D 140 -2.79 56.17 -32.15
N ARG D 141 -3.95 56.81 -32.12
CA ARG D 141 -4.11 58.12 -31.49
C ARG D 141 -3.75 58.06 -29.99
N GLU D 142 -4.33 57.10 -29.29
CA GLU D 142 -4.16 57.04 -27.86
C GLU D 142 -2.74 56.60 -27.45
N ARG D 143 -2.12 55.74 -28.27
CA ARG D 143 -0.77 55.27 -27.99
C ARG D 143 0.21 56.41 -28.22
N LEU D 144 -0.08 57.24 -29.22
CA LEU D 144 0.74 58.44 -29.49
C LEU D 144 0.66 59.50 -28.35
N LYS D 145 -0.57 59.76 -27.90
CA LYS D 145 -0.87 60.60 -26.71
C LYS D 145 -0.15 60.21 -25.41
N GLY D 146 -0.11 58.92 -25.08
CA GLY D 146 0.65 58.44 -23.97
C GLY D 146 2.15 58.66 -24.13
N PHE D 147 2.66 58.48 -25.36
CA PHE D 147 4.05 58.84 -25.65
C PHE D 147 4.33 60.32 -25.37
N ARG D 148 3.48 61.20 -25.90
CA ARG D 148 3.62 62.64 -25.71
C ARG D 148 3.55 63.07 -24.27
N ALA D 149 2.70 62.39 -23.48
CA ALA D 149 2.49 62.70 -22.08
C ALA D 149 3.72 62.31 -21.28
N ALA D 150 4.34 61.21 -21.67
CA ALA D 150 5.52 60.70 -20.98
C ALA D 150 6.68 61.66 -21.19
N MET D 151 6.82 62.11 -22.44
CA MET D 151 7.90 62.99 -22.88
C MET D 151 7.73 64.35 -22.21
N SER D 152 6.50 64.82 -22.21
CA SER D 152 6.18 66.14 -21.68
C SER D 152 6.53 66.24 -20.20
N ALA D 153 6.11 65.19 -19.47
CA ALA D 153 6.32 65.10 -18.02
C ALA D 153 7.78 65.09 -17.64
N ALA D 154 8.60 64.56 -18.53
CA ALA D 154 10.04 64.47 -18.33
C ALA D 154 10.78 65.70 -18.91
N GLY D 155 10.01 66.63 -19.47
CA GLY D 155 10.60 67.83 -20.03
C GLY D 155 11.44 67.54 -21.26
N LEU D 156 11.17 66.43 -21.90
CA LEU D 156 11.88 66.08 -23.12
C LEU D 156 11.06 66.53 -24.32
N PRO D 157 11.67 67.35 -25.20
CA PRO D 157 11.03 67.85 -26.42
C PRO D 157 10.90 66.73 -27.42
N VAL D 158 9.88 66.78 -28.25
CA VAL D 158 9.70 65.77 -29.29
C VAL D 158 9.64 66.42 -30.65
N ARG D 159 10.56 66.02 -31.52
CA ARG D 159 10.51 66.38 -32.91
C ARG D 159 9.45 65.56 -33.63
N GLN D 160 8.54 66.26 -34.32
CA GLN D 160 7.56 65.62 -35.18
C GLN D 160 8.20 64.59 -36.08
N GLU D 161 9.37 64.90 -36.63
CA GLU D 161 10.03 63.96 -37.53
C GLU D 161 10.42 62.60 -36.86
N TRP D 162 10.30 62.55 -35.54
CA TRP D 162 10.47 61.28 -34.79
C TRP D 162 9.20 60.43 -34.77
N ILE D 163 8.09 60.98 -35.25
CA ILE D 163 6.80 60.30 -35.28
C ILE D 163 6.50 59.81 -36.71
N ALA D 164 5.98 58.59 -36.81
CA ALA D 164 5.54 58.07 -38.09
C ALA D 164 4.24 57.28 -37.90
N ALA D 165 3.37 57.39 -38.91
CA ALA D 165 2.07 56.72 -38.88
C ALA D 165 1.95 55.65 -39.96
N ASN D 172 2.85 47.72 -42.12
CA ASN D 172 3.98 47.35 -41.26
C ASN D 172 4.64 48.51 -40.55
N GLY D 173 4.68 49.65 -41.21
CA GLY D 173 5.51 50.77 -40.72
C GLY D 173 7.01 50.58 -40.88
N ARG D 174 7.43 49.66 -41.76
CA ARG D 174 8.85 49.62 -42.12
C ARG D 174 9.33 50.96 -42.74
N ASP D 175 8.58 51.42 -43.75
CA ASP D 175 8.86 52.69 -44.38
C ASP D 175 8.89 53.87 -43.38
N GLY D 176 7.94 53.93 -42.46
CA GLY D 176 7.89 54.97 -41.47
C GLY D 176 9.12 54.88 -40.57
N ALA D 177 9.48 53.65 -40.21
CA ALA D 177 10.66 53.44 -39.37
C ALA D 177 11.95 53.88 -40.07
N ILE D 178 12.12 53.39 -41.29
CA ILE D 178 13.20 53.80 -42.16
C ILE D 178 13.27 55.36 -42.26
N LYS D 179 12.12 56.01 -42.44
CA LYS D 179 12.11 57.44 -42.52
C LYS D 179 12.49 58.17 -41.22
N VAL D 180 11.87 57.84 -40.10
CA VAL D 180 12.32 58.45 -38.86
C VAL D 180 13.76 58.09 -38.44
N LEU D 181 14.21 56.90 -38.78
CA LEU D 181 15.57 56.50 -38.40
C LEU D 181 16.72 57.06 -39.30
N THR D 182 16.39 57.65 -40.45
CA THR D 182 17.41 58.27 -41.28
C THR D 182 17.36 59.81 -41.13
N GLY D 183 16.76 60.30 -40.04
CA GLY D 183 16.71 61.73 -39.76
C GLY D 183 18.03 62.32 -39.29
N ALA D 184 18.14 63.63 -39.31
CA ALA D 184 19.38 64.30 -38.85
C ALA D 184 19.73 64.07 -37.36
N ASP D 185 18.75 64.15 -36.46
CA ASP D 185 18.99 63.68 -35.05
C ASP D 185 18.13 62.45 -34.70
N ARG D 186 18.37 61.33 -35.36
CA ARG D 186 17.53 60.17 -35.19
C ARG D 186 17.44 59.67 -33.72
N PRO D 187 16.25 59.18 -33.34
CA PRO D 187 16.01 58.60 -32.03
C PRO D 187 16.94 57.41 -31.75
N THR D 188 17.16 57.16 -30.45
CA THR D 188 17.91 56.00 -29.99
C THR D 188 16.94 54.95 -29.47
N ALA D 189 15.67 55.34 -29.32
CA ALA D 189 14.59 54.46 -28.92
C ALA D 189 13.30 54.80 -29.69
N LEU D 190 12.44 53.79 -29.90
CA LEU D 190 11.12 53.95 -30.48
C LEU D 190 10.07 53.25 -29.64
N LEU D 191 8.88 53.81 -29.58
CA LEU D 191 7.72 53.06 -29.12
C LEU D 191 7.03 52.60 -30.40
N THR D 192 6.83 51.28 -30.51
CA THR D 192 6.02 50.76 -31.58
C THR D 192 4.64 50.36 -31.09
N SER D 193 3.61 50.66 -31.86
CA SER D 193 2.23 50.55 -31.37
C SER D 193 1.60 49.15 -31.52
N SER D 194 2.27 48.24 -32.19
CA SER D 194 1.90 46.80 -32.17
C SER D 194 3.01 45.85 -32.62
N HIS D 195 2.80 44.55 -32.40
CA HIS D 195 3.78 43.53 -32.80
C HIS D 195 4.09 43.60 -34.31
N ARG D 196 3.06 43.85 -35.11
CA ARG D 196 3.28 43.93 -36.52
C ARG D 196 4.13 45.15 -36.95
N ILE D 197 3.94 46.27 -36.26
CA ILE D 197 4.75 47.44 -36.50
C ILE D 197 6.15 47.19 -35.97
N THR D 198 6.24 46.49 -34.86
CA THR D 198 7.54 46.08 -34.35
C THR D 198 8.30 45.29 -35.36
N GLU D 199 7.64 44.34 -36.01
CA GLU D 199 8.28 43.63 -37.16
C GLU D 199 8.89 44.60 -38.23
N GLY D 200 8.14 45.59 -38.62
CA GLY D 200 8.59 46.51 -39.66
C GLY D 200 9.76 47.34 -39.20
N ALA D 201 9.71 47.78 -37.93
CA ALA D 201 10.84 48.52 -37.31
C ALA D 201 12.06 47.62 -37.25
N MET D 202 11.88 46.33 -36.89
CA MET D 202 13.03 45.44 -36.94
C MET D 202 13.56 45.32 -38.38
N GLN D 203 12.65 45.28 -39.36
CA GLN D 203 13.08 45.20 -40.75
C GLN D 203 13.84 46.48 -41.13
N ALA D 204 13.32 47.64 -40.74
CA ALA D 204 13.98 48.95 -41.01
C ALA D 204 15.39 48.97 -40.46
N LEU D 205 15.58 48.47 -39.23
CA LEU D 205 16.91 48.47 -38.65
C LEU D 205 17.90 47.83 -39.58
N ASN D 206 17.61 46.62 -40.02
CA ASN D 206 18.63 45.99 -40.82
C ASN D 206 18.65 46.33 -42.33
N VAL D 207 17.57 46.96 -42.80
CA VAL D 207 17.67 47.73 -44.02
C VAL D 207 18.72 48.82 -43.89
N LEU D 208 18.66 49.54 -42.77
CA LEU D 208 19.56 50.67 -42.50
C LEU D 208 20.94 50.30 -41.93
N GLY D 209 21.16 49.01 -41.70
CA GLY D 209 22.39 48.58 -41.10
C GLY D 209 22.51 48.99 -39.62
N LEU D 210 21.38 49.32 -38.96
CA LEU D 210 21.40 49.67 -37.55
C LEU D 210 21.20 48.46 -36.59
N ARG D 211 21.68 48.59 -35.35
CA ARG D 211 21.64 47.44 -34.45
C ARG D 211 20.59 47.63 -33.39
N TYR D 212 19.65 46.69 -33.37
CA TYR D 212 18.71 46.62 -32.31
C TYR D 212 19.51 46.51 -31.03
N GLY D 213 19.22 47.38 -30.08
CA GLY D 213 20.04 47.47 -28.88
C GLY D 213 20.87 48.73 -28.81
N PRO D 214 22.15 48.62 -29.15
CA PRO D 214 23.14 49.73 -29.07
C PRO D 214 22.74 50.96 -29.93
N ASP D 215 22.20 50.73 -31.13
CA ASP D 215 21.76 51.81 -31.98
C ASP D 215 20.31 52.32 -31.67
N VAL D 216 19.38 51.40 -31.47
CA VAL D 216 17.96 51.73 -31.28
C VAL D 216 17.30 50.70 -30.35
N GLU D 217 16.71 51.17 -29.27
CA GLU D 217 15.90 50.29 -28.42
C GLU D 217 14.45 50.42 -28.82
N ILE D 218 13.65 49.40 -28.47
CA ILE D 218 12.24 49.36 -28.84
C ILE D 218 11.35 48.87 -27.68
N VAL D 219 10.29 49.61 -27.37
CA VAL D 219 9.19 49.09 -26.53
C VAL D 219 7.97 48.94 -27.42
N SER D 220 7.27 47.86 -27.28
CA SER D 220 6.17 47.54 -28.19
C SER D 220 4.88 47.26 -27.40
N PHE D 221 3.71 47.40 -28.03
CA PHE D 221 2.47 46.71 -27.56
C PHE D 221 2.38 45.27 -28.09
N ASP D 222 1.66 44.42 -27.36
CA ASP D 222 1.49 43.01 -27.68
C ASP D 222 2.66 42.18 -27.23
N ASN D 223 2.36 41.16 -26.43
CA ASN D 223 3.38 40.35 -25.79
C ASN D 223 3.57 39.05 -26.61
N LEU D 224 4.55 39.03 -27.48
CA LEU D 224 4.85 37.86 -28.29
C LEU D 224 6.10 37.15 -27.79
N PRO D 225 6.09 35.81 -27.73
CA PRO D 225 7.26 35.09 -27.19
C PRO D 225 8.61 35.44 -27.80
N TRP D 226 8.63 35.77 -29.09
CA TRP D 226 9.88 36.03 -29.78
C TRP D 226 10.57 37.28 -29.27
N MET D 227 9.77 38.27 -28.87
CA MET D 227 10.32 39.49 -28.25
C MET D 227 11.22 39.19 -27.07
N ALA D 228 10.97 38.05 -26.43
CA ALA D 228 11.84 37.69 -25.31
C ALA D 228 13.17 37.02 -25.70
N PHE D 229 13.35 36.77 -27.01
CA PHE D 229 14.54 36.06 -27.47
C PHE D 229 15.62 37.01 -27.87
N LEU D 230 15.28 38.29 -27.96
CA LEU D 230 16.19 39.30 -28.47
C LEU D 230 17.12 39.72 -27.35
N ASP D 231 18.19 40.42 -27.71
CA ASP D 231 19.17 40.89 -26.73
C ASP D 231 19.41 42.35 -26.88
N PRO D 232 18.85 43.18 -25.98
CA PRO D 232 18.09 42.75 -24.84
C PRO D 232 16.65 42.38 -25.18
N PRO D 233 15.99 41.61 -24.30
CA PRO D 233 14.57 41.31 -24.49
C PRO D 233 13.75 42.55 -24.72
N LEU D 234 12.82 42.49 -25.66
CA LEU D 234 12.05 43.65 -26.03
C LEU D 234 10.91 43.87 -25.04
N PRO D 235 10.95 44.95 -24.26
CA PRO D 235 9.83 45.24 -23.31
C PRO D 235 8.48 45.58 -23.97
N VAL D 236 7.43 45.02 -23.42
CA VAL D 236 6.13 45.05 -24.09
C VAL D 236 4.99 45.39 -23.22
N VAL D 237 4.06 46.15 -23.74
CA VAL D 237 2.82 46.29 -23.05
C VAL D 237 1.86 45.21 -23.51
N GLU D 238 1.71 44.22 -22.63
CA GLU D 238 0.80 43.12 -22.84
C GLU D 238 -0.65 43.59 -22.73
N GLN D 239 -1.45 43.18 -23.74
CA GLN D 239 -2.88 43.45 -23.77
C GLN D 239 -3.64 42.25 -23.26
N PRO D 240 -4.73 42.45 -22.52
CA PRO D 240 -5.55 41.31 -22.03
C PRO D 240 -6.52 40.83 -23.15
N THR D 241 -5.94 40.30 -24.21
CA THR D 241 -6.70 39.91 -25.41
C THR D 241 -7.85 38.97 -25.14
N ARG D 242 -7.56 37.86 -24.46
CA ARG D 242 -8.63 36.95 -24.18
C ARG D 242 -9.81 37.56 -23.40
N ARG D 243 -9.49 38.40 -22.40
CA ARG D 243 -10.47 39.00 -21.53
C ARG D 243 -11.25 40.10 -22.32
N ILE D 244 -10.57 40.76 -23.26
CA ILE D 244 -11.27 41.63 -24.18
C ILE D 244 -12.42 40.87 -24.88
N GLY D 245 -12.14 39.68 -25.40
CA GLY D 245 -13.15 38.88 -26.08
C GLY D 245 -14.27 38.39 -25.15
N GLN D 246 -13.88 37.92 -23.97
CA GLN D 246 -14.77 37.38 -22.97
C GLN D 246 -15.75 38.42 -22.44
N GLU D 247 -15.22 39.60 -22.10
CA GLU D 247 -16.07 40.72 -21.63
C GLU D 247 -16.94 41.27 -22.75
N ALA D 248 -16.42 41.31 -23.97
CA ALA D 248 -17.27 41.88 -25.03
C ALA D 248 -18.48 40.94 -25.23
N MET D 249 -18.22 39.63 -25.23
CA MET D 249 -19.27 38.65 -25.17
C MET D 249 -20.17 38.72 -23.93
N ARG D 250 -19.63 38.97 -22.73
CA ARG D 250 -20.45 39.16 -21.55
C ARG D 250 -21.32 40.39 -21.70
N MET D 251 -20.74 41.51 -22.12
CA MET D 251 -21.56 42.69 -22.34
C MET D 251 -22.64 42.44 -23.40
N LEU D 252 -22.32 41.70 -24.48
CA LEU D 252 -23.27 41.46 -25.56
C LEU D 252 -24.45 40.63 -25.10
N ILE D 253 -24.17 39.67 -24.22
CA ILE D 253 -25.16 38.76 -23.73
C ILE D 253 -26.14 39.47 -22.77
N HIS D 254 -25.59 40.30 -21.89
CA HIS D 254 -26.45 41.23 -21.10
C HIS D 254 -27.33 42.14 -21.94
N MET D 255 -26.83 42.64 -23.08
CA MET D 255 -27.67 43.47 -23.95
C MET D 255 -28.76 42.65 -24.67
N ILE D 256 -28.47 41.38 -24.98
CA ILE D 256 -29.40 40.54 -25.73
C ILE D 256 -30.54 40.00 -24.82
N GLU D 257 -30.16 39.59 -23.61
CA GLU D 257 -31.11 38.95 -22.72
C GLU D 257 -31.78 40.02 -21.82
N GLY D 258 -31.39 41.28 -21.99
CA GLY D 258 -31.97 42.41 -21.22
C GLY D 258 -31.62 42.40 -19.75
N THR D 259 -30.39 42.01 -19.43
CA THR D 259 -29.96 42.00 -18.05
C THR D 259 -28.91 43.06 -17.78
N GLY D 260 -28.63 43.91 -18.77
CA GLY D 260 -27.59 44.91 -18.63
C GLY D 260 -27.43 45.82 -19.80
N ASN D 261 -26.57 46.82 -19.66
CA ASN D 261 -26.48 47.86 -20.67
C ASN D 261 -25.13 47.86 -21.46
N ALA D 262 -25.11 48.49 -22.63
CA ALA D 262 -23.87 48.82 -23.31
C ALA D 262 -23.07 49.84 -22.52
N THR D 263 -21.76 49.64 -22.43
CA THR D 263 -20.89 50.64 -21.85
C THR D 263 -19.49 50.60 -22.46
N GLU D 264 -18.64 51.57 -22.17
CA GLU D 264 -17.25 51.54 -22.56
C GLU D 264 -16.48 50.99 -21.36
N MET D 265 -15.69 49.93 -21.61
CA MET D 265 -14.89 49.29 -20.63
C MET D 265 -13.44 49.43 -21.09
N ARG D 266 -12.59 49.84 -20.17
CA ARG D 266 -11.18 49.99 -20.41
C ARG D 266 -10.43 48.95 -19.63
N LEU D 267 -9.75 48.06 -20.32
CA LEU D 267 -9.11 46.97 -19.59
C LEU D 267 -7.62 47.21 -19.28
N GLN D 268 -7.21 46.73 -18.11
CA GLN D 268 -5.84 46.80 -17.64
C GLN D 268 -4.82 46.11 -18.54
N THR D 269 -3.78 46.84 -18.89
CA THR D 269 -2.63 46.31 -19.58
C THR D 269 -1.52 46.19 -18.53
N ARG D 270 -0.53 45.39 -18.83
CA ARG D 270 0.56 45.25 -17.95
C ARG D 270 1.88 45.32 -18.71
N PHE D 271 2.80 46.06 -18.13
CA PHE D 271 4.12 46.23 -18.65
C PHE D 271 5.04 45.04 -18.28
N VAL D 272 5.72 44.50 -19.30
CA VAL D 272 6.53 43.31 -19.12
C VAL D 272 7.93 43.65 -19.61
N THR D 273 8.88 43.60 -18.70
CA THR D 273 10.28 43.90 -19.04
C THR D 273 11.09 42.63 -19.27
N HIS D 274 10.59 41.48 -18.80
CA HIS D 274 11.31 40.19 -18.99
C HIS D 274 12.60 39.97 -18.17
N ARG E 7 14.72 -25.31 12.15
CA ARG E 7 15.88 -24.58 11.51
C ARG E 7 16.51 -23.60 12.49
N SER E 8 15.78 -23.23 13.53
CA SER E 8 16.44 -22.40 14.52
C SER E 8 17.04 -23.26 15.62
N ASN E 9 16.51 -24.49 15.76
CA ASN E 9 16.97 -25.39 16.86
C ASN E 9 16.74 -24.87 18.25
N VAL E 10 15.63 -24.17 18.42
CA VAL E 10 15.20 -23.75 19.72
C VAL E 10 13.75 -24.16 19.82
N VAL E 11 13.39 -24.70 20.98
CA VAL E 11 12.01 -25.09 21.19
C VAL E 11 11.55 -24.30 22.44
N GLY E 12 10.26 -24.06 22.56
CA GLY E 12 9.74 -23.36 23.69
C GLY E 12 9.22 -24.38 24.62
N LEU E 13 9.52 -24.26 25.90
CA LEU E 13 8.80 -25.11 26.87
C LEU E 13 8.04 -24.22 27.81
N ILE E 14 6.73 -24.39 27.86
CA ILE E 14 5.87 -23.59 28.70
C ILE E 14 5.09 -24.50 29.68
N VAL E 15 5.30 -24.24 30.98
CA VAL E 15 4.90 -25.11 31.98
C VAL E 15 3.95 -24.37 32.92
N SER E 16 2.85 -25.00 33.29
CA SER E 16 1.91 -24.38 34.22
C SER E 16 2.46 -24.15 35.64
N ASP E 17 3.49 -24.87 36.07
CA ASP E 17 4.01 -24.73 37.46
C ASP E 17 5.34 -25.46 37.67
N ILE E 18 6.44 -24.81 37.35
CA ILE E 18 7.80 -25.42 37.43
C ILE E 18 8.17 -25.81 38.88
N GLU E 19 7.52 -25.17 39.86
CA GLU E 19 7.89 -25.39 41.27
C GLU E 19 7.28 -26.68 41.82
N ASN E 20 6.35 -27.28 41.06
CA ASN E 20 5.75 -28.55 41.30
C ASN E 20 6.66 -29.56 40.63
N VAL E 21 7.06 -30.58 41.41
CA VAL E 21 8.11 -31.50 41.03
C VAL E 21 7.70 -32.40 39.82
N PHE E 22 6.42 -32.46 39.55
CA PHE E 22 5.94 -33.24 38.44
C PHE E 22 6.42 -32.58 37.16
N PHE E 23 6.20 -31.26 37.04
CA PHE E 23 6.61 -30.51 35.86
C PHE E 23 8.13 -30.37 35.74
N ALA E 24 8.84 -30.22 36.85
CA ALA E 24 10.28 -30.18 36.84
C ALA E 24 10.88 -31.46 36.26
N GLU E 25 10.33 -32.61 36.68
CA GLU E 25 10.78 -33.90 36.09
C GLU E 25 10.42 -34.01 34.62
N VAL E 26 9.27 -33.48 34.23
CA VAL E 26 8.86 -33.46 32.80
C VAL E 26 9.76 -32.59 31.98
N ALA E 27 10.22 -31.50 32.56
CA ALA E 27 11.15 -30.53 31.97
C ALA E 27 12.51 -31.15 31.81
N SER E 28 12.87 -31.98 32.76
CA SER E 28 14.18 -32.65 32.72
C SER E 28 14.23 -33.67 31.56
N GLY E 29 13.14 -34.36 31.33
CA GLY E 29 13.08 -35.28 30.18
C GLY E 29 13.15 -34.50 28.89
N VAL E 30 12.38 -33.41 28.81
CA VAL E 30 12.38 -32.56 27.60
C VAL E 30 13.75 -31.97 27.35
N GLU E 31 14.38 -31.42 28.37
CA GLU E 31 15.72 -30.86 28.18
C GLU E 31 16.78 -31.90 27.82
N SER E 32 16.61 -33.09 28.37
CA SER E 32 17.55 -34.16 28.12
C SER E 32 17.48 -34.60 26.65
N GLU E 33 16.28 -34.76 26.12
CA GLU E 33 16.10 -35.12 24.71
C GLU E 33 16.54 -33.97 23.78
N ALA E 34 16.05 -32.76 24.05
CA ALA E 34 16.43 -31.62 23.18
C ALA E 34 17.97 -31.47 23.01
N ARG E 35 18.66 -31.60 24.13
CA ARG E 35 20.10 -31.52 24.17
C ARG E 35 20.82 -32.60 23.38
N HIS E 36 20.37 -33.86 23.50
CA HIS E 36 20.96 -34.99 22.75
C HIS E 36 20.78 -34.80 21.23
N LYS E 37 19.75 -34.04 20.81
CA LYS E 37 19.45 -33.80 19.39
C LYS E 37 19.93 -32.39 18.97
N GLY E 38 20.70 -31.73 19.82
CA GLY E 38 21.11 -30.37 19.49
C GLY E 38 20.02 -29.26 19.46
N TYR E 39 18.92 -29.39 20.19
CA TYR E 39 18.05 -28.25 20.33
C TYR E 39 18.21 -27.57 21.65
N SER E 40 18.02 -26.25 21.64
CA SER E 40 17.98 -25.50 22.90
C SER E 40 16.57 -25.34 23.42
N VAL E 41 16.44 -25.00 24.69
CA VAL E 41 15.14 -24.93 25.33
C VAL E 41 14.89 -23.62 26.07
N LEU E 42 13.88 -22.88 25.61
CA LEU E 42 13.48 -21.61 26.19
C LEU E 42 12.39 -21.90 27.19
N LEU E 43 12.49 -21.35 28.40
CA LEU E 43 11.61 -21.80 29.48
C LEU E 43 10.70 -20.69 29.94
N ALA E 44 9.42 -20.98 30.13
CA ALA E 44 8.51 -20.03 30.69
C ALA E 44 7.68 -20.77 31.73
N ASN E 45 7.32 -20.09 32.81
CA ASN E 45 6.50 -20.63 33.88
C ASN E 45 5.28 -19.78 33.97
N THR E 46 4.08 -20.36 33.96
CA THR E 46 2.88 -19.56 33.95
C THR E 46 2.16 -19.52 35.31
N ALA E 47 2.62 -20.32 36.26
CA ALA E 47 1.95 -20.38 37.57
C ALA E 47 0.44 -20.53 37.40
N GLU E 48 0.02 -21.33 36.44
CA GLU E 48 -1.40 -21.66 36.22
C GLU E 48 -2.29 -20.47 35.75
N ASP E 49 -1.62 -19.42 35.26
CA ASP E 49 -2.29 -18.25 34.72
C ASP E 49 -2.39 -18.40 33.21
N ILE E 50 -3.61 -18.60 32.71
CA ILE E 50 -3.85 -18.63 31.26
C ILE E 50 -3.51 -17.32 30.52
N VAL E 51 -3.49 -16.17 31.23
CA VAL E 51 -3.02 -14.92 30.58
C VAL E 51 -1.51 -14.92 30.36
N ARG E 52 -0.77 -15.42 31.34
CA ARG E 52 0.66 -15.54 31.16
C ARG E 52 0.99 -16.64 30.12
N GLU E 53 0.14 -17.63 29.98
CA GLU E 53 0.43 -18.72 29.04
C GLU E 53 0.35 -18.18 27.63
N ARG E 54 -0.76 -17.52 27.35
CA ARG E 54 -0.95 -16.81 26.09
C ARG E 54 0.17 -15.79 25.81
N GLU E 55 0.61 -15.04 26.82
CA GLU E 55 1.78 -14.15 26.55
C GLU E 55 3.00 -14.92 26.12
N ALA E 56 3.29 -16.00 26.85
CA ALA E 56 4.52 -16.76 26.61
C ALA E 56 4.50 -17.38 25.19
N VAL E 57 3.39 -17.99 24.85
CA VAL E 57 3.20 -18.49 23.49
C VAL E 57 3.54 -17.45 22.44
N GLY E 58 2.97 -16.24 22.57
CA GLY E 58 3.25 -15.15 21.58
C GLY E 58 4.69 -14.70 21.62
N GLN E 59 5.28 -14.60 22.80
CA GLN E 59 6.68 -14.31 22.96
C GLN E 59 7.52 -15.33 22.21
N PHE E 60 7.32 -16.61 22.53
CA PHE E 60 8.14 -17.67 22.00
C PHE E 60 7.93 -17.79 20.47
N PHE E 61 6.70 -17.68 20.00
CA PHE E 61 6.44 -17.59 18.56
C PHE E 61 7.21 -16.44 17.83
N GLU E 62 7.16 -15.20 18.38
CA GLU E 62 7.87 -14.10 17.71
C GLU E 62 9.39 -14.31 17.72
N ARG E 63 9.86 -15.09 18.68
CA ARG E 63 11.27 -15.44 18.74
C ARG E 63 11.56 -16.60 17.77
N ARG E 64 10.50 -17.09 17.13
CA ARG E 64 10.62 -18.15 16.17
C ARG E 64 11.31 -19.41 16.66
N VAL E 65 10.83 -19.89 17.81
CA VAL E 65 11.13 -21.23 18.21
C VAL E 65 10.59 -22.14 17.14
N ASP E 66 11.21 -23.30 16.96
CA ASP E 66 10.70 -24.28 15.97
C ASP E 66 9.39 -24.95 16.36
N GLY E 67 9.07 -24.92 17.64
CA GLY E 67 7.87 -25.61 18.13
C GLY E 67 7.73 -25.41 19.62
N LEU E 68 6.57 -25.74 20.18
CA LEU E 68 6.31 -25.59 21.62
C LEU E 68 5.93 -26.93 22.26
N ILE E 69 6.51 -27.21 23.43
CA ILE E 69 5.93 -28.16 24.37
C ILE E 69 5.15 -27.38 25.46
N LEU E 70 3.86 -27.68 25.55
CA LEU E 70 3.00 -26.92 26.42
C LEU E 70 2.37 -27.83 27.48
N ALA E 71 2.50 -27.44 28.75
CA ALA E 71 1.77 -28.08 29.85
C ALA E 71 0.75 -27.02 30.17
N PRO E 72 -0.49 -27.19 29.67
CA PRO E 72 -1.56 -26.15 29.67
C PRO E 72 -2.17 -25.82 31.00
N SER E 73 -2.27 -24.54 31.27
CA SER E 73 -2.97 -23.99 32.39
C SER E 73 -4.45 -24.27 32.17
N GLU E 74 -5.25 -24.09 33.19
CA GLU E 74 -6.67 -24.30 33.02
C GLU E 74 -7.26 -23.04 32.40
N GLY E 75 -8.07 -23.23 31.36
CA GLY E 75 -8.73 -22.14 30.66
C GLY E 75 -8.90 -22.48 29.15
N GLU E 76 -9.32 -21.51 28.35
CA GLU E 76 -9.61 -21.75 26.94
C GLU E 76 -8.35 -21.74 26.09
N HIS E 77 -8.22 -22.70 25.16
CA HIS E 77 -7.02 -22.73 24.34
C HIS E 77 -7.24 -22.53 22.85
N ASP E 78 -8.40 -21.99 22.48
CA ASP E 78 -8.74 -21.76 21.08
C ASP E 78 -7.88 -20.69 20.44
N TYR E 79 -7.35 -19.78 21.24
CA TYR E 79 -6.44 -18.78 20.74
C TYR E 79 -5.27 -19.40 20.04
N LEU E 80 -4.95 -20.64 20.43
CA LEU E 80 -3.82 -21.30 19.81
C LEU E 80 -4.16 -21.58 18.38
N ARG E 81 -5.40 -21.95 18.14
CA ARG E 81 -5.79 -22.32 16.82
C ARG E 81 -6.03 -21.11 15.92
N THR E 82 -6.27 -19.93 16.50
CA THR E 82 -6.54 -18.77 15.68
C THR E 82 -5.42 -17.74 15.63
N GLU E 83 -4.46 -17.81 16.52
CA GLU E 83 -3.36 -16.89 16.50
C GLU E 83 -2.06 -17.50 16.02
N LEU E 84 -2.09 -18.77 15.63
CA LEU E 84 -0.85 -19.40 15.22
C LEU E 84 -1.02 -20.03 13.85
N PRO E 85 0.07 -20.07 13.08
CA PRO E 85 0.04 -20.82 11.83
C PRO E 85 -0.27 -22.27 12.12
N LYS E 86 -1.01 -22.86 11.19
CA LYS E 86 -1.35 -24.28 11.26
C LYS E 86 -0.14 -25.18 11.13
N THR E 87 0.99 -24.60 10.73
CA THR E 87 2.19 -25.38 10.52
C THR E 87 3.08 -25.31 11.75
N PHE E 88 2.71 -24.47 12.71
CA PHE E 88 3.48 -24.35 13.96
C PHE E 88 3.16 -25.58 14.91
N PRO E 89 4.16 -26.44 15.11
CA PRO E 89 4.01 -27.67 15.89
C PRO E 89 3.94 -27.46 17.40
N ILE E 90 2.90 -28.00 17.99
CA ILE E 90 2.68 -27.94 19.43
C ILE E 90 2.39 -29.32 19.96
N VAL E 91 3.14 -29.76 20.99
CA VAL E 91 2.67 -30.94 21.71
C VAL E 91 2.40 -30.62 23.19
N ALA E 92 1.24 -31.05 23.67
CA ALA E 92 0.85 -30.80 25.05
C ALA E 92 1.35 -31.99 25.90
N VAL E 93 1.68 -31.69 27.15
CA VAL E 93 1.87 -32.77 28.11
C VAL E 93 0.78 -32.68 29.16
N ASN E 94 0.56 -33.79 29.83
CA ASN E 94 -0.22 -33.83 31.08
C ASN E 94 -1.69 -33.64 30.87
N ARG E 95 -2.05 -32.57 30.17
CA ARG E 95 -3.45 -32.28 29.85
C ARG E 95 -3.50 -32.07 28.34
N GLU E 96 -4.48 -32.64 27.66
CA GLU E 96 -4.60 -32.55 26.20
C GLU E 96 -5.19 -31.16 25.80
N LEU E 97 -4.99 -30.74 24.57
CA LEU E 97 -5.43 -29.46 24.06
C LEU E 97 -6.76 -29.59 23.33
N ARG E 98 -6.91 -30.64 22.50
CA ARG E 98 -8.14 -30.83 21.76
C ARG E 98 -8.19 -29.88 20.57
N ILE E 99 -7.04 -29.69 19.95
CA ILE E 99 -6.93 -28.77 18.84
C ILE E 99 -6.35 -29.61 17.75
N PRO E 100 -7.01 -29.65 16.60
CA PRO E 100 -6.49 -30.44 15.51
C PRO E 100 -5.02 -30.13 15.26
N GLY E 101 -4.23 -31.16 14.95
CA GLY E 101 -2.83 -30.98 14.67
C GLY E 101 -1.93 -30.93 15.91
N CYS E 102 -2.49 -30.73 17.11
CA CYS E 102 -1.64 -30.71 18.31
C CYS E 102 -1.38 -32.10 18.89
N GLY E 103 -0.13 -32.45 19.07
CA GLY E 103 0.20 -33.70 19.78
C GLY E 103 -0.09 -33.66 21.30
N ALA E 104 -0.09 -34.81 21.94
CA ALA E 104 -0.31 -34.85 23.34
C ALA E 104 0.43 -36.07 23.84
N VAL E 105 1.17 -35.87 24.95
CA VAL E 105 1.72 -37.02 25.73
C VAL E 105 1.11 -37.06 27.11
N LEU E 106 0.26 -38.05 27.38
CA LEU E 106 -0.57 -38.11 28.59
C LEU E 106 -0.38 -39.42 29.28
N SER E 107 -0.68 -39.48 30.58
CA SER E 107 -0.58 -40.71 31.39
C SER E 107 -1.86 -41.50 31.28
N GLU E 108 -1.83 -42.79 31.63
CA GLU E 108 -3.06 -43.57 31.70
C GLU E 108 -3.81 -43.36 33.01
N ASN E 109 -4.61 -42.32 33.10
CA ASN E 109 -5.10 -41.87 34.41
C ASN E 109 -6.27 -42.71 34.89
N VAL E 110 -7.19 -42.98 33.97
CA VAL E 110 -8.30 -43.86 34.30
C VAL E 110 -7.72 -45.12 34.94
N ARG E 111 -6.96 -45.91 34.15
CA ARG E 111 -6.39 -47.18 34.58
C ARG E 111 -5.64 -47.13 35.89
N GLY E 112 -4.84 -46.11 36.15
CA GLY E 112 -4.07 -46.01 37.39
C GLY E 112 -4.99 -45.78 38.57
N ALA E 113 -5.93 -44.86 38.43
CA ALA E 113 -6.87 -44.60 39.50
C ALA E 113 -7.77 -45.76 39.87
N ARG E 114 -8.12 -46.58 38.90
CA ARG E 114 -8.97 -47.76 39.18
C ARG E 114 -8.06 -48.81 39.91
N THR E 115 -6.79 -48.86 39.54
CA THR E 115 -5.91 -49.81 40.24
C THR E 115 -5.74 -49.40 41.69
N ALA E 116 -5.52 -48.09 41.92
CA ALA E 116 -5.30 -47.66 43.32
C ALA E 116 -6.50 -47.86 44.16
N VAL E 117 -7.66 -47.59 43.61
CA VAL E 117 -8.94 -47.79 44.37
C VAL E 117 -9.31 -49.24 44.58
N GLU E 118 -9.04 -50.10 43.60
CA GLU E 118 -9.24 -51.54 43.82
C GLU E 118 -8.38 -52.06 44.96
N TYR E 119 -7.16 -51.55 45.06
CA TYR E 119 -6.29 -51.88 46.17
C TYR E 119 -6.93 -51.54 47.49
N LEU E 120 -7.55 -50.36 47.59
CA LEU E 120 -8.19 -49.97 48.86
C LEU E 120 -9.45 -50.83 49.12
N ILE E 121 -10.10 -51.27 48.04
CA ILE E 121 -11.29 -52.09 48.16
C ILE E 121 -10.85 -53.47 48.66
N ALA E 122 -9.79 -54.03 48.04
CA ALA E 122 -9.25 -55.31 48.48
C ALA E 122 -8.85 -55.28 49.94
N ARG E 123 -8.53 -54.09 50.46
CA ARG E 123 -8.16 -53.98 51.87
C ARG E 123 -9.37 -53.87 52.78
N GLY E 124 -10.57 -53.86 52.19
CA GLY E 124 -11.77 -53.87 53.01
C GLY E 124 -12.44 -52.52 53.22
N HIS E 125 -12.03 -51.50 52.48
CA HIS E 125 -12.74 -50.21 52.55
C HIS E 125 -13.99 -50.21 51.65
N THR E 126 -15.08 -49.69 52.18
CA THR E 126 -16.30 -49.56 51.40
C THR E 126 -16.74 -48.09 51.33
N ARG E 127 -16.52 -47.35 52.41
CA ARG E 127 -16.71 -45.91 52.36
C ARG E 127 -15.43 -45.27 51.84
N ILE E 128 -15.37 -45.08 50.53
CA ILE E 128 -14.16 -44.59 49.87
C ILE E 128 -14.48 -43.33 49.08
N GLY E 129 -13.65 -42.31 49.26
CA GLY E 129 -13.87 -41.02 48.65
C GLY E 129 -12.74 -40.56 47.75
N ALA E 130 -12.96 -39.46 47.04
CA ALA E 130 -11.92 -38.94 46.17
C ALA E 130 -11.78 -37.45 46.36
N ILE E 131 -10.52 -36.98 46.43
CA ILE E 131 -10.26 -35.55 46.43
C ILE E 131 -9.42 -35.25 45.24
N VAL E 132 -9.95 -34.47 44.30
CA VAL E 132 -9.21 -34.17 43.06
C VAL E 132 -9.02 -32.69 42.90
N GLY E 133 -8.28 -32.33 41.87
CA GLY E 133 -7.94 -30.94 41.65
C GLY E 133 -9.12 -30.27 41.01
N SER E 134 -8.94 -29.04 40.58
CA SER E 134 -9.94 -28.36 39.72
C SER E 134 -10.78 -29.31 38.84
N ALA E 135 -12.05 -29.32 39.10
CA ALA E 135 -12.97 -30.23 38.46
C ALA E 135 -12.91 -30.22 36.94
N GLY E 136 -12.58 -29.09 36.33
CA GLY E 136 -12.64 -29.03 34.86
C GLY E 136 -11.58 -29.86 34.13
N LEU E 137 -10.40 -29.99 34.76
CA LEU E 137 -9.24 -30.62 34.14
C LEU E 137 -9.41 -32.03 33.60
N MET E 138 -8.65 -32.35 32.57
CA MET E 138 -8.65 -33.67 32.01
C MET E 138 -8.17 -34.67 33.09
N THR E 139 -7.11 -34.33 33.81
CA THR E 139 -6.58 -35.20 34.80
C THR E 139 -7.57 -35.48 35.92
N SER E 140 -8.14 -34.42 36.50
CA SER E 140 -9.17 -34.61 37.52
C SER E 140 -10.29 -35.50 36.99
N ARG E 141 -10.72 -35.25 35.76
CA ARG E 141 -11.91 -35.89 35.22
C ARG E 141 -11.61 -37.41 35.09
N GLU E 142 -10.51 -37.76 34.41
CA GLU E 142 -10.11 -39.16 34.22
C GLU E 142 -9.75 -39.87 35.52
N ARG E 143 -9.14 -39.17 36.48
CA ARG E 143 -8.80 -39.87 37.71
C ARG E 143 -10.06 -40.21 38.48
N LEU E 144 -11.03 -39.28 38.39
CA LEU E 144 -12.31 -39.48 39.08
C LEU E 144 -13.04 -40.67 38.39
N LYS E 145 -13.01 -40.71 37.07
CA LYS E 145 -13.63 -41.82 36.28
C LYS E 145 -13.12 -43.23 36.63
N GLY E 146 -11.83 -43.35 36.86
CA GLY E 146 -11.21 -44.61 37.27
C GLY E 146 -11.75 -44.97 38.65
N PHE E 147 -11.88 -43.97 39.52
CA PHE E 147 -12.43 -44.17 40.84
C PHE E 147 -13.83 -44.82 40.73
N ARG E 148 -14.70 -44.22 39.92
CA ARG E 148 -16.10 -44.70 39.77
C ARG E 148 -16.15 -46.07 39.13
N ALA E 149 -15.36 -46.29 38.08
CA ALA E 149 -15.32 -47.64 37.52
C ALA E 149 -14.94 -48.71 38.54
N ALA E 150 -13.98 -48.42 39.43
CA ALA E 150 -13.57 -49.40 40.42
C ALA E 150 -14.76 -49.68 41.34
N MET E 151 -15.28 -48.63 41.94
CA MET E 151 -16.37 -48.75 42.86
C MET E 151 -17.52 -49.52 42.24
N SER E 152 -17.88 -49.11 41.04
CA SER E 152 -18.99 -49.68 40.31
C SER E 152 -18.79 -51.20 40.17
N ALA E 153 -17.56 -51.62 39.87
CA ALA E 153 -17.30 -53.03 39.47
C ALA E 153 -17.33 -53.92 40.70
N ALA E 154 -17.07 -53.28 41.84
CA ALA E 154 -17.13 -53.94 43.13
C ALA E 154 -18.54 -53.81 43.75
N GLY E 155 -19.42 -53.06 43.09
CA GLY E 155 -20.82 -52.94 43.53
C GLY E 155 -20.94 -52.05 44.76
N LEU E 156 -19.98 -51.16 44.90
CA LEU E 156 -19.94 -50.27 46.03
C LEU E 156 -20.50 -48.91 45.59
N PRO E 157 -21.55 -48.45 46.27
CA PRO E 157 -22.20 -47.19 45.98
C PRO E 157 -21.28 -46.05 46.36
N VAL E 158 -21.31 -44.98 45.58
CA VAL E 158 -20.58 -43.80 45.96
C VAL E 158 -21.45 -42.59 46.21
N ARG E 159 -21.44 -42.06 47.43
CA ARG E 159 -22.09 -40.78 47.70
C ARG E 159 -21.27 -39.64 47.11
N GLN E 160 -21.93 -38.74 46.40
CA GLN E 160 -21.34 -37.48 45.91
C GLN E 160 -20.63 -36.66 47.01
N GLU E 161 -21.22 -36.63 48.19
CA GLU E 161 -20.56 -35.94 49.31
C GLU E 161 -19.18 -36.49 49.68
N TRP E 162 -18.78 -37.60 49.05
CA TRP E 162 -17.45 -38.21 49.24
C TRP E 162 -16.42 -37.71 48.19
N ILE E 163 -16.90 -37.09 47.12
CA ILE E 163 -16.09 -36.43 46.10
C ILE E 163 -15.88 -34.93 46.38
N ALA E 164 -14.63 -34.44 46.22
CA ALA E 164 -14.33 -33.03 46.33
C ALA E 164 -13.34 -32.64 45.25
N ALA E 165 -13.54 -31.45 44.67
CA ALA E 165 -12.71 -31.02 43.53
C ALA E 165 -11.87 -29.83 43.88
N ASN E 172 -4.84 -27.05 46.82
CA ASN E 172 -4.36 -28.12 47.76
C ASN E 172 -5.43 -29.17 47.95
N GLY E 173 -6.67 -28.71 48.10
CA GLY E 173 -7.77 -29.53 48.45
C GLY E 173 -7.87 -29.87 49.92
N ARG E 174 -7.21 -29.12 50.78
CA ARG E 174 -7.41 -29.35 52.19
C ARG E 174 -8.87 -29.09 52.55
N ASP E 175 -9.44 -27.97 52.05
CA ASP E 175 -10.82 -27.60 52.37
C ASP E 175 -11.76 -28.67 51.84
N GLY E 176 -11.48 -29.15 50.65
CA GLY E 176 -12.27 -30.26 50.10
C GLY E 176 -12.17 -31.45 51.04
N ALA E 177 -10.97 -31.75 51.51
CA ALA E 177 -10.77 -32.97 52.31
C ALA E 177 -11.48 -32.81 53.66
N ILE E 178 -11.31 -31.64 54.26
CA ILE E 178 -11.99 -31.29 55.49
C ILE E 178 -13.52 -31.43 55.31
N LYS E 179 -14.02 -31.08 54.15
CA LYS E 179 -15.46 -31.19 53.93
C LYS E 179 -15.95 -32.62 53.76
N VAL E 180 -15.36 -33.38 52.85
CA VAL E 180 -15.80 -34.76 52.80
C VAL E 180 -15.48 -35.57 54.09
N LEU E 181 -14.45 -35.20 54.85
CA LEU E 181 -14.16 -35.98 56.06
C LEU E 181 -14.99 -35.57 57.29
N THR E 182 -15.75 -34.49 57.17
CA THR E 182 -16.64 -34.19 58.27
C THR E 182 -18.08 -34.51 57.92
N GLY E 183 -18.29 -35.42 56.96
CA GLY E 183 -19.63 -35.84 56.54
C GLY E 183 -20.27 -36.79 57.55
N ASP E 185 -21.55 -40.14 57.07
CA ASP E 185 -20.86 -41.39 56.85
C ASP E 185 -19.49 -41.18 56.19
N ARG E 186 -18.58 -40.50 56.89
CA ARG E 186 -17.33 -40.14 56.25
C ARG E 186 -16.62 -41.40 55.77
N PRO E 187 -15.83 -41.27 54.67
CA PRO E 187 -15.10 -42.38 54.10
C PRO E 187 -14.00 -42.83 55.03
N THR E 188 -13.51 -44.06 54.85
CA THR E 188 -12.34 -44.51 55.62
C THR E 188 -11.13 -44.49 54.73
N ALA E 189 -11.31 -44.16 53.46
CA ALA E 189 -10.20 -44.14 52.51
C ALA E 189 -10.42 -43.04 51.49
N LEU E 190 -9.34 -42.49 50.91
CA LEU E 190 -9.47 -41.45 49.89
C LEU E 190 -8.53 -41.80 48.77
N LEU E 191 -8.92 -41.55 47.53
CA LEU E 191 -7.97 -41.45 46.45
C LEU E 191 -7.68 -39.92 46.35
N THR E 192 -6.41 -39.54 46.26
CA THR E 192 -6.07 -38.15 46.04
C THR E 192 -5.43 -38.09 44.71
N SER E 193 -5.70 -37.04 43.96
CA SER E 193 -5.34 -37.03 42.52
C SER E 193 -3.94 -36.50 42.23
N SER E 194 -3.25 -35.98 43.24
CA SER E 194 -1.79 -35.67 43.08
C SER E 194 -1.09 -35.50 44.45
N HIS E 195 0.23 -35.39 44.45
CA HIS E 195 1.02 -35.24 45.72
C HIS E 195 0.70 -33.96 46.49
N ARG E 196 0.31 -32.93 45.75
CA ARG E 196 -0.03 -31.65 46.35
C ARG E 196 -1.36 -31.72 47.06
N ILE E 197 -2.30 -32.47 46.50
CA ILE E 197 -3.61 -32.66 47.09
C ILE E 197 -3.46 -33.67 48.22
N THR E 198 -2.42 -34.51 48.13
CA THR E 198 -2.13 -35.44 49.20
C THR E 198 -1.62 -34.66 50.39
N GLU E 199 -0.86 -33.60 50.15
CA GLU E 199 -0.48 -32.67 51.25
C GLU E 199 -1.64 -31.98 51.88
N GLY E 200 -2.65 -31.57 51.11
CA GLY E 200 -3.85 -30.92 51.65
C GLY E 200 -4.62 -31.93 52.45
N ALA E 201 -4.67 -33.19 51.99
CA ALA E 201 -5.49 -34.22 52.68
C ALA E 201 -4.85 -34.60 54.00
N MET E 202 -3.52 -34.59 54.05
CA MET E 202 -2.85 -34.86 55.32
C MET E 202 -3.05 -33.65 56.23
N GLN E 203 -3.16 -32.45 55.67
CA GLN E 203 -3.33 -31.24 56.49
C GLN E 203 -4.75 -31.33 57.08
N ALA E 204 -5.70 -31.81 56.27
CA ALA E 204 -7.06 -31.92 56.77
C ALA E 204 -7.13 -32.85 57.97
N LEU E 205 -6.51 -34.03 57.85
CA LEU E 205 -6.65 -35.05 58.88
C LEU E 205 -6.33 -34.47 60.22
N ASN E 206 -5.23 -33.72 60.31
CA ASN E 206 -4.87 -33.21 61.63
C ASN E 206 -5.42 -31.82 61.97
N VAL E 207 -6.07 -31.19 60.99
CA VAL E 207 -7.00 -30.12 61.33
C VAL E 207 -8.24 -30.73 62.04
N LEU E 208 -8.65 -31.94 61.62
CA LEU E 208 -9.86 -32.59 62.13
C LEU E 208 -9.58 -33.54 63.27
N GLY E 209 -8.30 -33.76 63.54
CA GLY E 209 -7.91 -34.61 64.66
C GLY E 209 -7.95 -36.07 64.26
N LEU E 210 -7.89 -36.32 62.95
CA LEU E 210 -8.01 -37.71 62.46
C LEU E 210 -6.66 -38.38 62.20
N ARG E 211 -6.61 -39.69 62.27
CA ARG E 211 -5.29 -40.35 62.14
C ARG E 211 -5.03 -41.01 60.79
N TYR E 212 -4.01 -40.54 60.11
CA TYR E 212 -3.69 -41.17 58.86
C TYR E 212 -3.47 -42.61 59.25
N GLY E 213 -4.10 -43.54 58.54
CA GLY E 213 -3.94 -44.93 58.89
C GLY E 213 -5.24 -45.45 59.44
N PRO E 214 -5.33 -45.54 60.75
CA PRO E 214 -6.53 -46.11 61.39
C PRO E 214 -7.84 -45.37 61.10
N ASP E 215 -7.79 -44.05 60.96
CA ASP E 215 -9.05 -43.32 60.68
C ASP E 215 -9.25 -43.09 59.21
N VAL E 216 -8.14 -42.84 58.48
CA VAL E 216 -8.25 -42.64 57.02
C VAL E 216 -7.05 -43.21 56.28
N GLU E 217 -7.27 -44.03 55.25
CA GLU E 217 -6.14 -44.44 54.36
C GLU E 217 -6.15 -43.65 53.04
N ILE E 218 -4.98 -43.48 52.44
CA ILE E 218 -4.86 -42.67 51.24
C ILE E 218 -4.03 -43.35 50.13
N VAL E 219 -4.54 -43.31 48.90
CA VAL E 219 -3.75 -43.70 47.74
C VAL E 219 -3.60 -42.47 46.92
N SER E 220 -2.42 -42.22 46.39
CA SER E 220 -2.19 -40.94 45.75
C SER E 220 -1.55 -41.17 44.37
N PHE E 221 -1.66 -40.18 43.49
CA PHE E 221 -0.84 -40.12 42.30
C PHE E 221 0.52 -39.49 42.65
N ASP E 222 1.55 -39.82 41.90
CA ASP E 222 2.86 -39.21 42.04
C ASP E 222 3.62 -39.93 43.11
N ASN E 223 4.79 -40.40 42.74
CA ASN E 223 5.65 -41.15 43.65
C ASN E 223 6.73 -40.28 44.31
N LEU E 224 6.43 -39.72 45.48
CA LEU E 224 7.43 -38.99 46.28
C LEU E 224 7.97 -39.81 47.45
N PRO E 225 9.28 -39.74 47.69
CA PRO E 225 9.95 -40.43 48.77
C PRO E 225 9.31 -40.27 50.13
N TRP E 226 8.72 -39.14 50.43
CA TRP E 226 8.25 -39.00 51.80
C TRP E 226 7.02 -39.84 52.02
N MET E 227 6.28 -40.11 50.95
CA MET E 227 5.12 -41.04 51.09
C MET E 227 5.49 -42.40 51.65
N ALA E 228 6.72 -42.83 51.45
CA ALA E 228 7.19 -44.12 52.02
C ALA E 228 7.64 -44.01 53.48
N PHE E 229 7.57 -42.83 54.09
CA PHE E 229 8.04 -42.69 55.48
C PHE E 229 6.86 -42.87 56.41
N LEU E 230 5.65 -42.82 55.84
CA LEU E 230 4.42 -42.92 56.64
C LEU E 230 4.13 -44.35 57.09
N ASP E 231 3.25 -44.44 58.08
CA ASP E 231 2.91 -45.73 58.63
C ASP E 231 1.42 -45.92 58.68
N PRO E 232 0.89 -46.74 57.78
CA PRO E 232 1.65 -47.44 56.74
C PRO E 232 2.15 -46.50 55.62
N PRO E 233 3.05 -47.00 54.74
CA PRO E 233 3.46 -46.27 53.56
C PRO E 233 2.30 -45.94 52.64
N LEU E 234 2.30 -44.75 52.07
CA LEU E 234 1.22 -44.33 51.22
C LEU E 234 1.37 -44.92 49.85
N PRO E 235 0.44 -45.80 49.43
CA PRO E 235 0.56 -46.38 48.08
C PRO E 235 0.25 -45.33 46.93
N VAL E 236 1.10 -45.31 45.91
CA VAL E 236 1.11 -44.29 44.93
C VAL E 236 1.05 -44.80 43.52
N VAL E 237 0.54 -43.97 42.64
CA VAL E 237 0.57 -44.32 41.25
C VAL E 237 1.60 -43.40 40.68
N GLU E 238 2.69 -44.01 40.28
CA GLU E 238 3.81 -43.34 39.77
C GLU E 238 3.52 -43.08 38.30
N GLN E 239 3.76 -41.83 37.91
CA GLN E 239 3.71 -41.40 36.55
C GLN E 239 5.09 -41.38 36.00
N PRO E 240 5.22 -41.63 34.67
CA PRO E 240 6.53 -41.64 34.00
C PRO E 240 6.90 -40.27 33.55
N THR E 241 7.25 -39.42 34.50
CA THR E 241 7.34 -37.99 34.19
C THR E 241 8.45 -37.72 33.23
N ARG E 242 9.62 -38.33 33.44
CA ARG E 242 10.72 -38.01 32.54
C ARG E 242 10.42 -38.47 31.11
N ARG E 243 9.75 -39.62 31.01
CA ARG E 243 9.42 -40.19 29.72
C ARG E 243 8.32 -39.36 29.06
N ILE E 244 7.39 -38.83 29.83
CA ILE E 244 6.45 -37.86 29.28
C ILE E 244 7.24 -36.73 28.59
N GLY E 245 8.27 -36.22 29.29
CA GLY E 245 9.10 -35.08 28.79
C GLY E 245 9.83 -35.45 27.52
N GLN E 246 10.47 -36.62 27.56
CA GLN E 246 11.32 -37.16 26.49
C GLN E 246 10.53 -37.44 25.22
N GLU E 247 9.41 -38.16 25.34
CA GLU E 247 8.54 -38.43 24.23
C GLU E 247 7.81 -37.20 23.65
N ALA E 248 7.51 -36.17 24.47
CA ALA E 248 6.85 -34.96 23.91
C ALA E 248 7.89 -34.35 22.99
N MET E 249 9.11 -34.22 23.48
CA MET E 249 10.22 -33.68 22.73
C MET E 249 10.52 -34.49 21.50
N ARG E 250 10.43 -35.83 21.58
CA ARG E 250 10.63 -36.67 20.39
C ARG E 250 9.47 -36.48 19.44
N MET E 251 8.27 -36.40 19.94
CA MET E 251 7.16 -36.10 18.98
C MET E 251 7.25 -34.68 18.37
N LEU E 252 7.63 -33.69 19.16
CA LEU E 252 7.84 -32.35 18.61
C LEU E 252 8.95 -32.33 17.59
N ILE E 253 10.03 -33.07 17.83
CA ILE E 253 11.15 -33.04 16.89
C ILE E 253 10.78 -33.62 15.50
N HIS E 254 10.06 -34.75 15.50
CA HIS E 254 9.50 -35.35 14.29
C HIS E 254 8.67 -34.36 13.53
N MET E 255 7.86 -33.59 14.27
CA MET E 255 6.95 -32.64 13.65
C MET E 255 7.70 -31.49 12.98
N ILE E 256 8.80 -31.05 13.58
CA ILE E 256 9.54 -29.93 13.07
C ILE E 256 10.42 -30.34 11.85
N GLU E 257 11.08 -31.51 11.94
CA GLU E 257 11.91 -32.01 10.87
C GLU E 257 11.09 -32.78 9.84
N GLY E 258 9.78 -32.89 10.04
CA GLY E 258 8.91 -33.55 9.05
C GLY E 258 9.17 -35.03 8.86
N THR E 259 9.47 -35.72 9.96
CA THR E 259 9.74 -37.14 9.91
C THR E 259 8.70 -37.97 10.65
N GLY E 260 7.64 -37.32 11.12
CA GLY E 260 6.60 -37.95 11.89
C GLY E 260 5.42 -37.01 12.10
N ASN E 261 4.33 -37.53 12.65
CA ASN E 261 3.11 -36.77 12.89
C ASN E 261 2.79 -36.55 14.37
N ALA E 262 1.91 -35.56 14.63
CA ALA E 262 1.30 -35.40 15.93
C ALA E 262 0.36 -36.53 16.25
N THR E 263 0.43 -37.04 17.48
CA THR E 263 -0.57 -37.98 17.94
C THR E 263 -0.88 -37.80 19.43
N GLU E 264 -1.89 -38.54 19.92
CA GLU E 264 -2.08 -38.71 21.35
C GLU E 264 -1.39 -40.00 21.83
N MET E 265 -0.46 -39.85 22.79
CA MET E 265 0.31 -40.92 23.32
C MET E 265 -0.12 -41.09 24.78
N ARG E 266 -0.56 -42.29 25.16
CA ARG E 266 -0.80 -42.62 26.57
C ARG E 266 0.35 -43.44 27.15
N LEU E 267 0.90 -43.00 28.26
CA LEU E 267 2.04 -43.67 28.84
C LEU E 267 1.66 -44.39 30.13
N GLN E 268 2.23 -45.57 30.30
CA GLN E 268 1.92 -46.44 31.41
C GLN E 268 2.33 -45.85 32.74
N THR E 269 1.41 -45.88 33.71
CA THR E 269 1.74 -45.62 35.07
C THR E 269 2.00 -46.93 35.79
N ARG E 270 2.57 -46.87 36.97
CA ARG E 270 2.72 -48.09 37.73
C ARG E 270 2.33 -47.88 39.18
N PHE E 271 1.74 -48.91 39.75
CA PHE E 271 1.21 -48.85 41.10
C PHE E 271 2.27 -49.29 42.06
N VAL E 272 2.55 -48.46 43.09
CA VAL E 272 3.65 -48.78 44.02
C VAL E 272 3.10 -48.86 45.43
N THR E 273 3.20 -50.05 46.03
CA THR E 273 2.66 -50.25 47.38
C THR E 273 3.72 -50.12 48.47
N HIS E 274 4.98 -50.36 48.13
CA HIS E 274 6.10 -50.17 49.08
C HIS E 274 6.33 -51.28 50.05
N ARG F 7 21.74 -7.09 24.68
CA ARG F 7 21.25 -6.75 23.35
C ARG F 7 20.51 -7.88 22.63
N SER F 8 20.73 -9.13 23.04
CA SER F 8 19.88 -10.23 22.51
C SER F 8 18.70 -10.53 23.44
N ASN F 9 18.81 -10.12 24.71
CA ASN F 9 17.70 -10.30 25.66
C ASN F 9 17.42 -11.78 25.98
N VAL F 10 18.46 -12.56 25.89
CA VAL F 10 18.42 -13.96 26.24
C VAL F 10 19.47 -14.14 27.31
N VAL F 11 19.08 -14.88 28.34
CA VAL F 11 20.03 -15.26 29.36
C VAL F 11 20.13 -16.78 29.42
N GLY F 12 21.27 -17.32 29.83
CA GLY F 12 21.35 -18.73 29.99
C GLY F 12 21.27 -19.16 31.46
N LEU F 13 20.40 -20.11 31.77
CA LEU F 13 20.26 -20.58 33.16
C LEU F 13 20.71 -21.97 33.13
N ILE F 14 21.79 -22.21 33.86
CA ILE F 14 22.40 -23.55 33.97
C ILE F 14 22.32 -24.08 35.41
N VAL F 15 21.59 -25.16 35.57
CA VAL F 15 21.25 -25.61 36.87
C VAL F 15 21.83 -26.99 37.10
N SER F 16 22.31 -27.27 38.30
CA SER F 16 22.94 -28.53 38.57
C SER F 16 21.96 -29.68 38.66
N ASP F 17 20.70 -29.39 38.98
CA ASP F 17 19.71 -30.40 39.12
C ASP F 17 18.29 -29.84 39.17
N ILE F 18 17.64 -29.71 38.00
CA ILE F 18 16.29 -29.11 37.90
C ILE F 18 15.18 -29.96 38.64
N GLU F 19 15.49 -31.26 38.82
CA GLU F 19 14.56 -32.22 39.42
C GLU F 19 14.49 -32.03 40.92
N ASN F 20 15.45 -31.34 41.45
CA ASN F 20 15.47 -31.05 42.88
C ASN F 20 14.60 -29.77 42.96
N VAL F 21 13.60 -29.85 43.76
CA VAL F 21 12.74 -28.73 44.05
C VAL F 21 13.43 -27.42 44.56
N PHE F 22 14.65 -27.49 45.07
CA PHE F 22 15.34 -26.24 45.40
C PHE F 22 15.65 -25.44 44.16
N PHE F 23 16.22 -26.10 43.13
CA PHE F 23 16.61 -25.49 41.87
C PHE F 23 15.41 -25.14 40.98
N ALA F 24 14.35 -25.93 41.06
CA ALA F 24 13.14 -25.63 40.32
C ALA F 24 12.54 -24.27 40.81
N GLU F 25 12.65 -24.02 42.13
CA GLU F 25 12.11 -22.78 42.72
C GLU F 25 13.02 -21.61 42.41
N VAL F 26 14.33 -21.84 42.34
CA VAL F 26 15.28 -20.78 41.98
C VAL F 26 15.04 -20.33 40.54
N ALA F 27 14.92 -21.29 39.62
CA ALA F 27 14.53 -21.03 38.22
C ALA F 27 13.23 -20.24 38.16
N SER F 28 12.25 -20.59 39.01
CA SER F 28 10.94 -19.84 38.98
C SER F 28 11.18 -18.35 39.23
N GLY F 29 12.10 -18.02 40.13
CA GLY F 29 12.39 -16.65 40.41
C GLY F 29 13.18 -16.02 39.31
N VAL F 30 14.12 -16.76 38.76
CA VAL F 30 14.86 -16.26 37.62
C VAL F 30 13.91 -15.97 36.48
N GLU F 31 13.09 -16.94 36.10
CA GLU F 31 12.18 -16.75 34.96
C GLU F 31 11.20 -15.59 35.20
N SER F 32 10.79 -15.45 36.45
CA SER F 32 9.75 -14.47 36.72
C SER F 32 10.37 -13.10 36.58
N GLU F 33 11.57 -12.91 37.10
CA GLU F 33 12.25 -11.64 36.97
C GLU F 33 12.65 -11.29 35.52
N ALA F 34 13.18 -12.25 34.75
CA ALA F 34 13.54 -12.02 33.36
C ALA F 34 12.33 -11.57 32.54
N ARG F 35 11.27 -12.34 32.63
CA ARG F 35 10.02 -12.06 31.95
C ARG F 35 9.53 -10.61 32.26
N HIS F 36 9.59 -10.19 33.54
CA HIS F 36 9.18 -8.83 34.01
C HIS F 36 10.05 -7.75 33.35
N LYS F 37 11.26 -8.13 32.94
CA LYS F 37 12.18 -7.19 32.28
C LYS F 37 12.31 -7.49 30.79
N GLY F 38 11.46 -8.35 30.29
CA GLY F 38 11.54 -8.65 28.83
C GLY F 38 12.73 -9.51 28.42
N TYR F 39 13.24 -10.38 29.30
CA TYR F 39 14.33 -11.27 28.86
C TYR F 39 13.79 -12.66 28.73
N SER F 40 14.40 -13.42 27.80
CA SER F 40 14.08 -14.84 27.63
C SER F 40 15.13 -15.69 28.30
N VAL F 41 14.77 -16.92 28.66
CA VAL F 41 15.64 -17.78 29.48
C VAL F 41 15.80 -19.14 28.85
N LEU F 42 17.01 -19.41 28.40
CA LEU F 42 17.42 -20.70 27.87
C LEU F 42 17.80 -21.64 29.02
N LEU F 43 17.39 -22.92 28.96
CA LEU F 43 17.55 -23.75 30.16
C LEU F 43 18.48 -24.91 29.90
N ALA F 44 19.36 -25.19 30.85
CA ALA F 44 20.23 -26.33 30.73
C ALA F 44 20.32 -27.07 32.06
N ASN F 45 20.18 -28.40 32.00
CA ASN F 45 20.24 -29.18 33.28
C ASN F 45 21.46 -30.09 33.23
N THR F 46 22.37 -30.00 34.19
CA THR F 46 23.61 -30.74 34.15
C THR F 46 23.59 -32.05 34.95
N ALA F 47 22.63 -32.21 35.84
CA ALA F 47 22.58 -33.42 36.69
C ALA F 47 23.88 -33.59 37.47
N GLU F 48 24.48 -32.48 37.89
CA GLU F 48 25.71 -32.49 38.70
C GLU F 48 26.94 -33.03 37.96
N ASP F 49 26.87 -33.00 36.63
CA ASP F 49 28.04 -33.32 35.79
C ASP F 49 28.77 -32.02 35.37
N ILE F 50 29.98 -31.83 35.89
CA ILE F 50 30.82 -30.72 35.42
C ILE F 50 31.16 -30.72 33.90
N VAL F 51 31.23 -31.88 33.27
CA VAL F 51 31.52 -31.89 31.81
C VAL F 51 30.33 -31.35 31.07
N ARG F 52 29.15 -31.81 31.44
CA ARG F 52 27.93 -31.21 30.90
C ARG F 52 27.82 -29.69 31.17
N GLU F 53 28.15 -29.25 32.37
CA GLU F 53 28.10 -27.80 32.67
C GLU F 53 28.97 -26.98 31.70
N ARG F 54 30.19 -27.47 31.48
CA ARG F 54 31.10 -26.87 30.51
C ARG F 54 30.56 -26.85 29.10
N GLU F 55 29.94 -27.96 28.64
CA GLU F 55 29.25 -27.93 27.33
C GLU F 55 28.13 -26.91 27.31
N ALA F 56 27.29 -26.88 28.34
CA ALA F 56 26.22 -25.87 28.32
C ALA F 56 26.75 -24.46 28.23
N VAL F 57 27.76 -24.17 29.02
CA VAL F 57 28.36 -22.82 29.01
C VAL F 57 28.77 -22.45 27.59
N GLY F 58 29.52 -23.34 26.93
CA GLY F 58 30.03 -23.14 25.54
C GLY F 58 28.89 -22.97 24.55
N GLN F 59 27.87 -23.83 24.67
CA GLN F 59 26.68 -23.79 23.86
C GLN F 59 25.89 -22.49 24.00
N PHE F 60 25.71 -22.05 25.26
CA PHE F 60 24.99 -20.78 25.52
C PHE F 60 25.84 -19.56 25.06
N PHE F 61 27.13 -19.68 25.23
CA PHE F 61 28.00 -18.60 24.80
C PHE F 61 28.02 -18.42 23.27
N GLU F 62 28.15 -19.50 22.53
CA GLU F 62 28.06 -19.39 21.07
C GLU F 62 26.71 -18.94 20.60
N ARG F 63 25.69 -19.16 21.41
CA ARG F 63 24.35 -18.66 21.04
C ARG F 63 24.23 -17.23 21.44
N ARG F 64 25.35 -16.66 21.88
CA ARG F 64 25.37 -15.32 22.42
C ARG F 64 24.14 -14.95 23.25
N VAL F 65 23.96 -15.64 24.37
CA VAL F 65 23.13 -15.14 25.47
C VAL F 65 23.81 -13.91 26.07
N ASP F 66 23.02 -13.04 26.64
CA ASP F 66 23.62 -11.77 27.18
C ASP F 66 24.41 -12.01 28.46
N GLY F 67 24.07 -13.08 29.20
CA GLY F 67 24.83 -13.48 30.38
C GLY F 67 24.37 -14.84 30.83
N LEU F 68 24.90 -15.30 31.99
CA LEU F 68 24.62 -16.62 32.57
C LEU F 68 24.29 -16.57 34.03
N ILE F 69 23.23 -17.31 34.40
CA ILE F 69 22.98 -17.64 35.79
C ILE F 69 23.40 -19.07 36.02
N LEU F 70 24.40 -19.25 36.86
CA LEU F 70 24.96 -20.62 37.00
C LEU F 70 24.78 -21.21 38.41
N ALA F 71 24.16 -22.41 38.50
CA ALA F 71 24.13 -23.21 39.71
C ALA F 71 25.22 -24.26 39.58
N PRO F 72 26.39 -24.00 40.14
CA PRO F 72 27.56 -24.77 39.76
C PRO F 72 27.53 -26.20 40.27
N SER F 73 28.00 -27.09 39.39
CA SER F 73 28.15 -28.48 39.72
C SER F 73 29.46 -28.53 40.47
N GLU F 74 29.67 -29.58 41.24
CA GLU F 74 30.95 -29.77 41.92
C GLU F 74 32.06 -30.09 40.93
N GLY F 75 33.10 -29.27 40.93
CA GLY F 75 34.27 -29.49 40.09
C GLY F 75 35.07 -28.19 39.90
N GLU F 76 36.02 -28.17 38.98
CA GLU F 76 36.86 -26.95 38.78
C GLU F 76 36.21 -25.91 37.87
N HIS F 77 36.34 -24.63 38.17
CA HIS F 77 35.60 -23.67 37.42
C HIS F 77 36.49 -22.64 36.79
N ASP F 78 37.77 -22.96 36.74
CA ASP F 78 38.76 -22.10 36.14
C ASP F 78 38.53 -21.88 34.65
N TYR F 79 37.89 -22.84 33.99
CA TYR F 79 37.68 -22.73 32.53
C TYR F 79 36.80 -21.54 32.25
N LEU F 80 36.02 -21.15 33.24
CA LEU F 80 35.12 -20.01 33.01
C LEU F 80 35.96 -18.77 32.87
N ARG F 81 37.08 -18.76 33.57
CA ARG F 81 37.86 -17.57 33.57
C ARG F 81 38.76 -17.52 32.37
N THR F 82 39.11 -18.66 31.77
CA THR F 82 40.02 -18.63 30.63
C THR F 82 39.33 -18.83 29.29
N GLU F 83 38.10 -19.36 29.28
CA GLU F 83 37.38 -19.66 28.03
C GLU F 83 36.28 -18.66 27.75
N LEU F 84 36.26 -17.57 28.49
CA LEU F 84 35.23 -16.62 28.22
C LEU F 84 35.82 -15.24 28.33
N PRO F 85 35.23 -14.30 27.59
CA PRO F 85 35.60 -12.93 27.66
C PRO F 85 35.30 -12.46 29.07
N LYS F 86 36.14 -11.55 29.56
CA LYS F 86 36.01 -10.99 30.88
C LYS F 86 34.79 -10.11 31.00
N THR F 87 34.23 -9.75 29.83
CA THR F 87 33.03 -8.92 29.79
C THR F 87 31.75 -9.77 29.82
N PHE F 88 31.90 -11.08 29.82
CA PHE F 88 30.72 -11.92 29.88
C PHE F 88 30.26 -12.08 31.30
N PRO F 89 29.09 -11.52 31.61
CA PRO F 89 28.56 -11.52 32.98
C PRO F 89 28.04 -12.87 33.41
N ILE F 90 28.53 -13.31 34.56
CA ILE F 90 28.03 -14.53 35.13
C ILE F 90 27.64 -14.29 36.57
N VAL F 91 26.49 -14.81 36.97
CA VAL F 91 26.22 -14.87 38.42
C VAL F 91 25.85 -16.26 38.93
N ALA F 92 26.52 -16.70 40.01
CA ALA F 92 26.37 -18.04 40.56
C ALA F 92 25.29 -17.97 41.56
N VAL F 93 24.50 -19.06 41.68
CA VAL F 93 23.58 -19.18 42.78
C VAL F 93 23.96 -20.42 43.62
N ASN F 94 23.66 -20.35 44.91
CA ASN F 94 23.69 -21.50 45.78
C ASN F 94 25.13 -21.72 46.22
N ARG F 95 26.03 -21.87 45.26
CA ARG F 95 27.46 -22.08 45.55
C ARG F 95 28.26 -21.04 44.75
N GLU F 96 29.22 -20.37 45.38
CA GLU F 96 29.97 -19.30 44.78
C GLU F 96 31.00 -19.87 43.79
N LEU F 97 31.50 -19.02 42.88
CA LEU F 97 32.49 -19.45 41.89
C LEU F 97 33.92 -19.15 42.32
N ARG F 98 34.14 -17.98 42.92
CA ARG F 98 35.47 -17.57 43.31
C ARG F 98 36.29 -17.20 42.08
N ILE F 99 35.64 -16.49 41.17
CA ILE F 99 36.25 -16.02 39.98
C ILE F 99 36.01 -14.54 39.96
N PRO F 100 37.08 -13.77 39.79
CA PRO F 100 36.95 -12.34 39.75
C PRO F 100 35.89 -11.94 38.77
N GLY F 101 35.03 -10.99 39.13
CA GLY F 101 34.01 -10.52 38.19
C GLY F 101 32.69 -11.28 38.23
N CYS F 102 32.70 -12.50 38.74
CA CYS F 102 31.44 -13.25 38.87
C CYS F 102 30.65 -12.98 40.15
N GLY F 103 29.36 -12.70 39.99
CA GLY F 103 28.48 -12.43 41.12
C GLY F 103 28.07 -13.76 41.78
N ALA F 104 27.53 -13.67 42.99
CA ALA F 104 26.96 -14.81 43.67
C ALA F 104 25.79 -14.29 44.50
N VAL F 105 24.71 -15.08 44.46
CA VAL F 105 23.58 -14.93 45.38
C VAL F 105 23.42 -16.21 46.22
N LEU F 106 23.76 -16.13 47.52
CA LEU F 106 23.89 -17.33 48.36
C LEU F 106 22.95 -17.21 49.54
N SER F 107 22.76 -18.28 50.31
CA SER F 107 21.96 -18.21 51.57
C SER F 107 22.89 -18.01 52.77
N GLU F 108 22.32 -17.60 53.92
CA GLU F 108 23.16 -17.43 55.10
C GLU F 108 23.30 -18.79 55.79
N ASN F 109 24.14 -19.65 55.25
CA ASN F 109 24.14 -21.05 55.69
C ASN F 109 24.70 -21.21 57.12
N VAL F 110 25.76 -20.44 57.44
CA VAL F 110 26.38 -20.54 58.77
C VAL F 110 25.31 -20.25 59.78
N ARG F 111 24.71 -19.09 59.67
CA ARG F 111 23.75 -18.62 60.67
C ARG F 111 22.58 -19.56 60.82
N GLY F 112 22.03 -20.04 59.71
CA GLY F 112 20.83 -20.85 59.81
C GLY F 112 21.15 -22.21 60.46
N ALA F 113 22.33 -22.75 60.17
CA ALA F 113 22.70 -24.04 60.74
C ALA F 113 22.96 -23.94 62.27
N ARG F 114 23.75 -22.96 62.67
CA ARG F 114 23.89 -22.63 64.08
C ARG F 114 22.54 -22.44 64.83
N THR F 115 21.55 -21.83 64.15
CA THR F 115 20.25 -21.57 64.78
C THR F 115 19.49 -22.87 64.94
N ALA F 116 19.49 -23.68 63.90
CA ALA F 116 18.84 -24.99 64.01
C ALA F 116 19.53 -25.87 65.07
N VAL F 117 20.85 -25.86 65.14
CA VAL F 117 21.54 -26.68 66.10
C VAL F 117 21.38 -26.17 67.53
N GLU F 118 21.26 -24.85 67.72
CA GLU F 118 20.94 -24.34 69.07
C GLU F 118 19.54 -24.72 69.52
N TYR F 119 18.68 -24.92 68.55
CA TYR F 119 17.33 -25.39 68.88
C TYR F 119 17.35 -26.82 69.41
N LEU F 120 18.20 -27.66 68.82
CA LEU F 120 18.35 -29.04 69.33
C LEU F 120 18.98 -29.07 70.73
N ILE F 121 19.93 -28.18 70.93
CA ILE F 121 20.61 -28.05 72.20
C ILE F 121 19.67 -27.60 73.28
N ALA F 122 18.86 -26.57 72.97
CA ALA F 122 17.88 -26.07 73.93
C ALA F 122 16.86 -27.15 74.27
N ARG F 123 16.68 -28.13 73.38
CA ARG F 123 15.74 -29.23 73.67
C ARG F 123 16.36 -30.28 74.59
N GLY F 124 17.68 -30.27 74.74
CA GLY F 124 18.34 -31.15 75.66
C GLY F 124 19.31 -32.13 75.00
N HIS F 125 19.52 -31.97 73.68
CA HIS F 125 20.44 -32.90 73.02
C HIS F 125 21.90 -32.52 73.30
N THR F 126 22.77 -33.51 73.56
CA THR F 126 24.20 -33.26 73.76
C THR F 126 25.04 -34.07 72.76
N ARG F 127 24.62 -35.29 72.46
CA ARG F 127 25.18 -36.07 71.34
C ARG F 127 24.49 -35.63 70.07
N ILE F 128 25.09 -34.71 69.32
CA ILE F 128 24.42 -34.19 68.13
C ILE F 128 25.33 -34.38 66.93
N GLY F 129 24.77 -34.84 65.82
CA GLY F 129 25.59 -35.12 64.63
C GLY F 129 25.15 -34.33 63.41
N ALA F 130 25.90 -34.45 62.34
CA ALA F 130 25.62 -33.70 61.15
C ALA F 130 25.85 -34.55 59.92
N ILE F 131 24.85 -34.64 59.07
CA ILE F 131 25.03 -35.31 57.78
C ILE F 131 24.91 -34.24 56.73
N VAL F 132 25.98 -34.05 55.98
CA VAL F 132 25.96 -33.09 54.93
C VAL F 132 26.26 -33.78 53.60
N GLY F 133 26.06 -33.03 52.52
CA GLY F 133 26.31 -33.56 51.18
C GLY F 133 27.80 -33.51 50.90
N SER F 134 28.18 -33.73 49.64
CA SER F 134 29.58 -33.76 49.27
C SER F 134 30.45 -32.77 50.07
N ALA F 135 31.45 -33.31 50.77
CA ALA F 135 32.30 -32.56 51.69
C ALA F 135 32.93 -31.28 51.16
N GLY F 136 33.19 -31.22 49.87
CA GLY F 136 33.97 -30.13 49.34
C GLY F 136 33.18 -28.87 49.03
N LEU F 137 31.85 -29.04 48.87
CA LEU F 137 30.94 -27.93 48.56
C LEU F 137 30.95 -26.78 49.55
N MET F 138 30.73 -25.55 49.09
CA MET F 138 30.58 -24.37 49.95
C MET F 138 29.42 -24.55 50.90
N THR F 139 28.32 -25.14 50.43
CA THR F 139 27.11 -25.28 51.24
C THR F 139 27.30 -26.30 52.38
N SER F 140 27.87 -27.46 52.06
CA SER F 140 28.28 -28.42 53.10
C SER F 140 29.24 -27.80 54.11
N ARG F 141 30.25 -27.12 53.58
CA ARG F 141 31.31 -26.54 54.38
C ARG F 141 30.74 -25.52 55.38
N GLU F 142 29.87 -24.62 54.91
CA GLU F 142 29.32 -23.58 55.76
C GLU F 142 28.26 -24.10 56.76
N ARG F 143 27.52 -25.14 56.38
CA ARG F 143 26.47 -25.64 57.24
C ARG F 143 27.12 -26.41 58.36
N LEU F 144 28.23 -27.07 58.04
CA LEU F 144 28.97 -27.82 59.01
C LEU F 144 29.62 -26.81 59.99
N LYS F 145 30.15 -25.71 59.44
CA LYS F 145 30.73 -24.64 60.29
C LYS F 145 29.76 -24.05 61.33
N GLY F 146 28.54 -23.77 60.87
CA GLY F 146 27.44 -23.34 61.77
C GLY F 146 27.17 -24.35 62.89
N PHE F 147 27.16 -25.63 62.55
CA PHE F 147 26.99 -26.72 63.55
C PHE F 147 28.12 -26.63 64.61
N ARG F 148 29.36 -26.62 64.15
CA ARG F 148 30.46 -26.54 65.07
C ARG F 148 30.32 -25.33 65.99
N ALA F 149 30.04 -24.16 65.44
CA ALA F 149 29.97 -22.94 66.24
C ALA F 149 28.93 -23.07 67.32
N ALA F 150 27.82 -23.73 67.00
CA ALA F 150 26.72 -23.81 67.92
C ALA F 150 27.11 -24.73 69.08
N MET F 151 27.79 -25.83 68.77
CA MET F 151 28.25 -26.84 69.75
C MET F 151 29.33 -26.26 70.63
N SER F 152 30.30 -25.59 70.00
CA SER F 152 31.37 -24.87 70.71
C SER F 152 30.80 -23.89 71.76
N ALA F 153 29.88 -23.06 71.32
CA ALA F 153 29.36 -21.99 72.19
C ALA F 153 28.60 -22.56 73.39
N ALA F 154 28.08 -23.77 73.21
CA ALA F 154 27.41 -24.46 74.29
C ALA F 154 28.37 -25.33 75.10
N GLY F 155 29.65 -25.33 74.73
CA GLY F 155 30.66 -26.18 75.38
C GLY F 155 30.38 -27.66 75.21
N LEU F 156 29.74 -28.02 74.09
CA LEU F 156 29.50 -29.43 73.83
C LEU F 156 30.53 -29.92 72.86
N PRO F 157 31.27 -30.96 73.25
CA PRO F 157 32.31 -31.58 72.41
C PRO F 157 31.64 -32.30 71.25
N VAL F 158 32.32 -32.39 70.11
CA VAL F 158 31.76 -33.09 68.93
C VAL F 158 32.74 -34.14 68.43
N ARG F 159 32.31 -35.40 68.47
CA ARG F 159 33.11 -36.46 67.93
C ARG F 159 32.96 -36.41 66.40
N GLN F 160 34.10 -36.39 65.70
CA GLN F 160 34.16 -36.53 64.24
C GLN F 160 33.33 -37.68 63.68
N GLU F 161 33.22 -38.75 64.44
CA GLU F 161 32.46 -39.91 63.97
C GLU F 161 30.95 -39.58 63.92
N TRP F 162 30.61 -38.39 64.39
CA TRP F 162 29.23 -37.89 64.36
C TRP F 162 28.93 -37.08 63.08
N ILE F 163 29.97 -36.83 62.30
CA ILE F 163 29.87 -36.11 61.03
C ILE F 163 29.98 -37.03 59.78
N ALA F 164 29.07 -36.90 58.82
CA ALA F 164 29.23 -37.62 57.59
C ALA F 164 29.02 -36.69 56.42
N ALA F 165 29.77 -36.91 55.35
CA ALA F 165 29.71 -36.07 54.18
C ALA F 165 29.25 -36.84 52.97
N ASN F 172 22.52 -39.02 48.72
CA ASN F 172 21.46 -39.06 49.72
C ASN F 172 22.04 -38.91 51.13
N GLY F 173 23.15 -39.56 51.33
CA GLY F 173 23.71 -39.72 52.68
C GLY F 173 22.91 -40.68 53.57
N ARG F 174 22.21 -41.63 52.97
CA ARG F 174 21.67 -42.69 53.79
C ARG F 174 22.86 -43.49 54.38
N ASP F 175 23.83 -43.82 53.52
CA ASP F 175 25.03 -44.51 54.00
C ASP F 175 25.73 -43.75 55.13
N GLY F 176 25.90 -42.46 54.93
CA GLY F 176 26.46 -41.58 55.93
C GLY F 176 25.66 -41.63 57.19
N ALA F 177 24.35 -41.48 57.08
CA ALA F 177 23.51 -41.55 58.28
C ALA F 177 23.58 -42.89 59.00
N ILE F 178 23.37 -43.96 58.24
CA ILE F 178 23.62 -45.32 58.72
C ILE F 178 24.95 -45.46 59.50
N LYS F 179 26.03 -44.94 58.95
CA LYS F 179 27.34 -45.03 59.63
C LYS F 179 27.43 -44.20 60.90
N VAL F 180 26.99 -42.94 60.88
CA VAL F 180 27.03 -42.22 62.15
C VAL F 180 26.05 -42.72 63.20
N LEU F 181 24.91 -43.29 62.78
CA LEU F 181 23.93 -43.80 63.73
C LEU F 181 24.22 -45.24 64.31
N THR F 182 25.17 -45.96 63.72
CA THR F 182 25.61 -47.23 64.32
C THR F 182 26.93 -47.12 65.10
N GLY F 183 27.34 -45.89 65.42
CA GLY F 183 28.50 -45.64 66.29
C GLY F 183 28.32 -46.03 67.74
N ALA F 184 29.42 -45.99 68.49
CA ALA F 184 29.45 -46.46 69.90
C ALA F 184 28.77 -45.55 70.94
N ASP F 185 28.73 -44.24 70.70
CA ASP F 185 27.86 -43.29 71.42
C ASP F 185 27.12 -42.47 70.37
N ARG F 186 26.17 -43.08 69.69
CA ARG F 186 25.44 -42.40 68.61
C ARG F 186 24.67 -41.16 69.06
N PRO F 187 24.49 -40.22 68.14
CA PRO F 187 23.79 -39.00 68.41
C PRO F 187 22.31 -39.24 68.62
N THR F 188 21.66 -38.30 69.28
CA THR F 188 20.22 -38.39 69.54
C THR F 188 19.58 -37.42 68.58
N ALA F 189 20.42 -36.62 67.93
CA ALA F 189 19.97 -35.62 66.99
C ALA F 189 20.96 -35.44 65.84
N LEU F 190 20.40 -35.03 64.69
CA LEU F 190 21.18 -34.80 63.50
C LEU F 190 20.77 -33.45 62.88
N LEU F 191 21.75 -32.67 62.45
CA LEU F 191 21.49 -31.65 61.48
C LEU F 191 21.66 -32.37 60.12
N THR F 192 20.64 -32.30 59.26
CA THR F 192 20.83 -32.64 57.84
C THR F 192 20.87 -31.42 56.94
N SER F 193 21.79 -31.41 55.95
CA SER F 193 22.10 -30.24 55.22
C SER F 193 21.20 -29.98 54.02
N SER F 194 20.22 -30.84 53.76
CA SER F 194 19.17 -30.52 52.74
C SER F 194 17.99 -31.51 52.72
N HIS F 195 16.94 -31.19 51.97
CA HIS F 195 15.72 -32.08 52.01
C HIS F 195 16.06 -33.49 51.50
N ARG F 196 16.95 -33.53 50.52
CA ARG F 196 17.35 -34.80 49.92
C ARG F 196 18.15 -35.72 50.89
N ILE F 197 19.08 -35.16 51.61
CA ILE F 197 19.80 -35.87 52.69
C ILE F 197 18.88 -36.18 53.86
N THR F 198 17.83 -35.41 54.05
CA THR F 198 16.88 -35.69 55.16
C THR F 198 16.02 -36.88 54.78
N GLU F 199 15.75 -37.05 53.49
CA GLU F 199 15.21 -38.36 53.00
C GLU F 199 16.16 -39.54 53.34
N GLY F 200 17.43 -39.45 52.97
CA GLY F 200 18.40 -40.52 53.28
C GLY F 200 18.46 -40.83 54.79
N ALA F 201 18.44 -39.79 55.64
CA ALA F 201 18.52 -39.96 57.09
C ALA F 201 17.24 -40.59 57.65
N MET F 202 16.10 -40.28 57.03
CA MET F 202 14.88 -41.03 57.34
C MET F 202 14.95 -42.48 56.87
N GLN F 203 15.59 -42.72 55.72
CA GLN F 203 15.75 -44.11 55.23
C GLN F 203 16.67 -44.83 56.19
N ALA F 204 17.75 -44.17 56.60
CA ALA F 204 18.69 -44.79 57.51
C ALA F 204 18.00 -45.30 58.75
N LEU F 205 17.11 -44.45 59.30
CA LEU F 205 16.52 -44.71 60.59
C LEU F 205 15.82 -46.06 60.55
N ASN F 206 14.95 -46.27 59.56
CA ASN F 206 14.23 -47.54 59.55
C ASN F 206 14.94 -48.72 58.88
N VAL F 207 16.10 -48.47 58.28
CA VAL F 207 17.06 -49.52 57.99
C VAL F 207 17.59 -50.03 59.32
N LEU F 208 17.94 -49.09 60.19
CA LEU F 208 18.52 -49.43 61.49
C LEU F 208 17.48 -49.80 62.57
N GLY F 209 16.21 -49.67 62.25
CA GLY F 209 15.16 -49.96 63.21
C GLY F 209 15.02 -48.86 64.24
N LEU F 210 15.52 -47.67 63.95
CA LEU F 210 15.42 -46.58 64.91
C LEU F 210 14.11 -45.72 64.73
N ARG F 211 13.73 -44.96 65.75
CA ARG F 211 12.53 -44.19 65.60
C ARG F 211 12.77 -42.69 65.50
N TYR F 212 12.29 -42.10 64.43
CA TYR F 212 12.35 -40.66 64.26
C TYR F 212 11.57 -40.12 65.44
N GLY F 213 12.12 -39.14 66.16
CA GLY F 213 11.54 -38.70 67.39
C GLY F 213 12.30 -39.18 68.62
N PRO F 214 11.76 -40.21 69.31
CA PRO F 214 12.34 -40.74 70.56
C PRO F 214 13.81 -41.19 70.45
N ASP F 215 14.18 -41.86 69.36
CA ASP F 215 15.57 -42.29 69.15
C ASP F 215 16.42 -41.19 68.50
N VAL F 216 15.91 -40.56 67.44
CA VAL F 216 16.71 -39.47 66.77
C VAL F 216 15.83 -38.32 66.38
N GLU F 217 16.20 -37.10 66.77
CA GLU F 217 15.51 -35.91 66.17
C GLU F 217 16.33 -35.38 65.01
N ILE F 218 15.63 -34.74 64.06
CA ILE F 218 16.28 -34.09 62.92
C ILE F 218 15.91 -32.60 62.67
N VAL F 219 16.89 -31.76 62.35
CA VAL F 219 16.61 -30.41 61.85
C VAL F 219 17.23 -30.38 60.48
N SER F 220 16.51 -29.87 59.49
CA SER F 220 16.93 -29.95 58.11
C SER F 220 16.93 -28.56 57.46
N PHE F 221 17.71 -28.39 56.39
CA PHE F 221 17.51 -27.24 55.50
C PHE F 221 16.38 -27.56 54.51
N ASP F 222 15.71 -26.51 53.99
CA ASP F 222 14.69 -26.64 52.97
C ASP F 222 13.36 -26.94 53.55
N ASN F 223 12.43 -26.02 53.36
CA ASN F 223 11.13 -26.15 53.95
C ASN F 223 10.16 -26.88 53.04
N LEU F 224 9.99 -28.20 53.20
CA LEU F 224 9.08 -29.05 52.37
C LEU F 224 7.87 -29.39 53.22
N PRO F 225 6.67 -29.37 52.63
CA PRO F 225 5.48 -29.58 53.40
C PRO F 225 5.45 -30.88 54.17
N TRP F 226 6.01 -31.95 53.63
CA TRP F 226 5.88 -33.24 54.24
C TRP F 226 6.52 -33.26 55.61
N MET F 227 7.55 -32.42 55.80
CA MET F 227 8.29 -32.38 57.02
C MET F 227 7.35 -32.02 58.13
N ALA F 228 6.29 -31.27 57.84
CA ALA F 228 5.35 -30.90 58.92
C ALA F 228 4.31 -32.01 59.18
N PHE F 229 4.40 -33.12 58.45
CA PHE F 229 3.42 -34.19 58.72
C PHE F 229 3.96 -35.15 59.72
N LEU F 230 5.24 -35.02 60.09
CA LEU F 230 5.92 -35.96 60.99
C LEU F 230 5.63 -35.63 62.44
N ASP F 231 5.77 -36.61 63.32
CA ASP F 231 5.58 -36.40 64.74
C ASP F 231 6.85 -36.71 65.48
N PRO F 232 7.47 -35.67 66.05
CA PRO F 232 7.05 -34.28 65.90
C PRO F 232 7.40 -33.73 64.53
N PRO F 233 6.84 -32.55 64.17
CA PRO F 233 7.19 -31.88 62.93
C PRO F 233 8.67 -31.60 62.85
N LEU F 234 9.27 -31.77 61.67
CA LEU F 234 10.70 -31.64 61.53
C LEU F 234 11.01 -30.18 61.32
N PRO F 235 11.72 -29.57 62.29
CA PRO F 235 12.08 -28.12 62.13
C PRO F 235 13.06 -27.91 60.97
N VAL F 236 12.88 -26.83 60.21
CA VAL F 236 13.66 -26.65 58.99
C VAL F 236 14.18 -25.23 58.84
N VAL F 237 15.33 -25.09 58.20
CA VAL F 237 15.76 -23.80 57.86
C VAL F 237 15.33 -23.55 56.42
N GLU F 238 14.29 -22.73 56.30
CA GLU F 238 13.78 -22.31 55.00
C GLU F 238 14.78 -21.38 54.31
N GLN F 239 15.03 -21.68 53.04
CA GLN F 239 15.82 -20.85 52.17
C GLN F 239 14.91 -19.98 51.26
N PRO F 240 15.34 -18.73 50.99
CA PRO F 240 14.51 -17.85 50.11
C PRO F 240 14.71 -18.19 48.62
N THR F 241 14.32 -19.38 48.24
CA THR F 241 14.70 -19.90 46.92
C THR F 241 14.29 -19.06 45.75
N ARG F 242 13.07 -18.52 45.81
CA ARG F 242 12.59 -17.69 44.72
C ARG F 242 13.36 -16.41 44.65
N ARG F 243 13.58 -15.80 45.82
CA ARG F 243 14.33 -14.57 45.93
C ARG F 243 15.76 -14.73 45.48
N ILE F 244 16.37 -15.90 45.78
CA ILE F 244 17.70 -16.20 45.22
C ILE F 244 17.68 -16.12 43.66
N GLY F 245 16.70 -16.77 43.03
CA GLY F 245 16.55 -16.66 41.57
C GLY F 245 16.36 -15.19 41.09
N GLN F 246 15.38 -14.50 41.67
CA GLN F 246 15.05 -13.11 41.38
C GLN F 246 16.24 -12.18 41.46
N GLU F 247 16.95 -12.26 42.56
CA GLU F 247 18.08 -11.40 42.79
C GLU F 247 19.18 -11.66 41.81
N ALA F 248 19.40 -12.95 41.50
CA ALA F 248 20.51 -13.30 40.60
C ALA F 248 20.21 -12.71 39.22
N MET F 249 18.99 -12.90 38.75
CA MET F 249 18.60 -12.31 37.48
C MET F 249 18.61 -10.77 37.60
N ARG F 250 18.34 -10.18 38.75
CA ARG F 250 18.44 -8.73 38.96
C ARG F 250 19.91 -8.24 38.95
N MET F 251 20.78 -8.90 39.68
CA MET F 251 22.22 -8.61 39.52
C MET F 251 22.73 -8.89 38.11
N LEU F 252 22.20 -9.90 37.42
CA LEU F 252 22.72 -10.20 36.06
C LEU F 252 22.34 -9.08 35.12
N ILE F 253 21.12 -8.57 35.25
CA ILE F 253 20.59 -7.58 34.35
C ILE F 253 21.32 -6.28 34.47
N HIS F 254 21.68 -5.93 35.70
CA HIS F 254 22.50 -4.72 35.91
C HIS F 254 23.83 -4.92 35.20
N MET F 255 24.46 -6.08 35.40
CA MET F 255 25.77 -6.32 34.75
C MET F 255 25.67 -6.26 33.22
N ILE F 256 24.53 -6.71 32.66
CA ILE F 256 24.38 -6.66 31.18
C ILE F 256 24.11 -5.24 30.63
N GLU F 257 23.24 -4.50 31.34
CA GLU F 257 22.81 -3.21 30.90
C GLU F 257 23.74 -2.14 31.51
N GLY F 258 24.78 -2.57 32.21
CA GLY F 258 25.78 -1.59 32.68
C GLY F 258 25.23 -0.60 33.72
N THR F 259 24.30 -1.05 34.54
CA THR F 259 23.75 -0.16 35.56
C THR F 259 24.10 -0.63 36.98
N GLY F 260 25.05 -1.55 37.09
CA GLY F 260 25.39 -2.09 38.40
C GLY F 260 26.58 -3.03 38.27
N ASN F 261 27.04 -3.57 39.38
CA ASN F 261 28.21 -4.41 39.41
C ASN F 261 27.89 -5.82 39.97
N ALA F 262 28.84 -6.75 39.81
CA ALA F 262 28.74 -8.08 40.41
C ALA F 262 29.15 -8.00 41.84
N THR F 263 28.44 -8.73 42.70
CA THR F 263 28.80 -8.82 44.08
C THR F 263 28.37 -10.15 44.70
N GLU F 264 28.80 -10.38 45.94
CA GLU F 264 28.26 -11.47 46.73
C GLU F 264 27.11 -10.97 47.60
N MET F 265 25.91 -11.55 47.42
CA MET F 265 24.74 -11.23 48.22
C MET F 265 24.42 -12.45 49.05
N ARG F 266 24.25 -12.26 50.38
CA ARG F 266 23.83 -13.32 51.26
C ARG F 266 22.43 -13.10 51.66
N LEU F 267 21.57 -14.05 51.33
CA LEU F 267 20.15 -13.89 51.62
C LEU F 267 19.70 -14.52 52.91
N GLN F 268 18.79 -13.85 53.62
CA GLN F 268 18.25 -14.33 54.89
C GLN F 268 17.47 -15.62 54.76
N THR F 269 17.74 -16.55 55.67
CA THR F 269 16.94 -17.75 55.81
C THR F 269 16.08 -17.55 57.02
N ARG F 270 15.15 -18.46 57.23
CA ARG F 270 14.34 -18.36 58.39
C ARG F 270 14.11 -19.74 58.98
N PHE F 271 14.14 -19.81 60.30
CA PHE F 271 13.93 -21.06 61.05
C PHE F 271 12.41 -21.25 61.30
N VAL F 272 11.92 -22.42 60.94
CA VAL F 272 10.54 -22.75 61.06
C VAL F 272 10.43 -24.03 61.94
N THR F 273 9.79 -23.90 63.11
CA THR F 273 9.59 -25.01 64.01
C THR F 273 8.22 -25.64 63.83
N HIS F 274 7.28 -24.91 63.22
CA HIS F 274 5.94 -25.47 62.94
C HIS F 274 4.94 -25.53 64.10
#